data_9FGH
#
_entry.id   9FGH
#
_cell.length_a   1.00
_cell.length_b   1.00
_cell.length_c   1.00
_cell.angle_alpha   90.00
_cell.angle_beta   90.00
_cell.angle_gamma   90.00
#
_symmetry.space_group_name_H-M   'P 1'
#
loop_
_entity.id
_entity.type
_entity.pdbx_description
1 polymer 'Gamma-aminobutyric acid receptor subunit alpha-1'
2 polymer 'Gamma-aminobutyric acid receptor subunit beta-3'
3 polymer 'Gamma-aminobutyric acid receptor subunit gamma-2'
4 polymer Megabody-38
5 branched alpha-D-mannopyranose-(1-2)-alpha-D-mannopyranose-(1-2)-alpha-D-mannopyranose-(1-3)-[alpha-D-mannopyranose-(1-3)-[alpha-D-mannopyranose-(1-6)]alpha-D-mannopyranose-(1-6)]beta-D-mannopyranose-(1-4)-2-acetamido-2-deoxy-beta-D-glucopyranose-(1-4)-2-acetamido-2-deoxy-beta-D-glucopyranose
6 branched 2-acetamido-2-deoxy-beta-D-glucopyranose-(1-4)-2-acetamido-2-deoxy-beta-D-glucopyranose
7 branched alpha-D-mannopyranose-(1-3)-alpha-D-mannopyranose-(1-6)-[alpha-D-mannopyranose-(1-3)]beta-D-mannopyranose-(1-4)-2-acetamido-2-deoxy-beta-D-glucopyranose-(1-4)-2-acetamido-2-deoxy-beta-D-glucopyranose
8 branched alpha-D-mannopyranose-(1-3)-[alpha-D-mannopyranose-(1-6)]beta-D-mannopyranose-(1-4)-2-acetamido-2-deoxy-beta-D-glucopyranose-(1-4)-2-acetamido-2-deoxy-beta-D-glucopyranose
9 non-polymer '[(2R)-2-octanoyloxy-3-[oxidanyl-[(1R,2R,3S,4R,5R,6S)-2,3,6-tris(oxidanyl)-4,5-diphosphonooxy-cyclohexyl]oxy-phosphoryl]oxy-propyl] octanoate'
10 non-polymer 'CHLORIDE ION'
11 non-polymer 'GAMMA-AMINO-BUTANOIC ACID'
12 non-polymer 2-acetamido-2-deoxy-beta-D-glucopyranose
#
loop_
_entity_poly.entity_id
_entity_poly.type
_entity_poly.pdbx_seq_one_letter_code
_entity_poly.pdbx_strand_id
1 'polypeptide(L)'
;MKKSPGLSDYLWAWTLFLSTLTGRSYGDYKDDDDKQPSLQDELKDNTTVFTRILDRLLDGYDNRLRPGLGERVTEVKTDI
FVTSFGPVSDHDMEYTIDVFFRQSWKDERLKFKGPMTVLRLNNLMASKIWTPDTFFHNGKKSVAHNMTMPNKLLRITEDG
TLLYTMRLTVRAECPMHLEDFPMDAHACPLKFGSYAYTRAEVVYEWTREPARSVVVAEDGSRLNQYDLLGQTVDSGIVQS
STGEYVVMTTHFHLKRKIGYFVIQTYLPCIMTVILSQVSFWLNRESVPARTVFGVTTVLTMTTLSISARNSLPKVAYATA
MDWFIAVCYAFVFSALIEFATVNYFTKRGYAWDGKSVVPEKPKKVKDPLIKKNNTYAPTATSYTPNLARGDPGLATIAKS
ATIEPKEVKPETKPPEPKKTFNSVSKIDRLSRIAFPLLFGIFNLVYWATYLNREPQLKAPTPHQ
;
A,D
2 'polypeptide(L)'
;MCSGLLELLLPIWLSWTLGTRGSEPRSVNDPGNMSFVKETVDKLLKGYDIRLRPDFGGPPVCVGMNIDIASIDMVSEVNM
DYTLTMYFQQYWRDKRLAYSGIPLNLTLDNRVADQLWVPDTYFLNDKKSFVHGVTVKNRMIRLHPDGTVLYGLRITTTAA
CMMDLRRYPLDEQNCTLEIESYGYTTDDIEFYWRGGDKAVTGVERIELPQFSIVEHRLVSRNVVFATGAYPRLSLSFRLK
RNIGYFILQTYMPSILITILSWVSFWINYDASAARVALGITTVLTMTTINTHLRETLPKIPYVKAIDMYLMGCFVFVFLA
LLEYAFVNYIFFGRGPQRQKKLAEKTAKAKNDRSKSESNRVDAHGNILLTSLEVHNEMNEVSGGIGDTRNSAISFDNSGI
QYRKQSMPREGHGRFLGDRSLPHKKTHLRRRSSQLKIKIPDLTDVNAIDRWSRIVFPFTFSLFNLVYWLYYVN
;
B,E
3 'polypeptide(L)'
;MSSPNIWSTGSSVYSTPVFSQKMTVWILLLLSLYPGFTSQKSDDDYEDYASNKTWVLTPKVPEGDVTVILNNLLEGYDNK
LRPDIGVKPTLIHTDMYVNSIGPVNAINMEYTIDIFFAQTWYDRRLKFNSTIKVLRLNSNMVGKIWIPDTFFRNSKKADA
HWITTPNRMLRIWNDGRVLYTLRLTIDAECQLQLHNFPMDEHSCPLEFSSYGYPREEIVYQWKRSSVEVGDTRSWRLYQF
SFVGLRNTTEVVKTTSGDYVVMSVYFDLSRRMGYFTIQTYIPCTLIVVLSWVSFWINKDAVPARTSLGITTVLTMTTLST
IARKSLPKVSYVTAMDLFVSVCFIFVFSALVEYGTLHYFVSNRKPSKDKDKKKKNPLLRMFSFKAPTIDIRPRSATIQMN
NATHLQERDEEYGYECLDGKDCASFFCCFEDCRTGAWRHGRIHIRIAKMDSYARIFFPTAFCLFNLVYWVSYLYLGGSGG
SGGSGKTETSQVAPA
;
C
4 'polypeptide(L)'
;QVQLQESGGGLVQKYGSLRVSCAASGRTFTTYIMAWFRQAPGKEREFLAAMDQGRIQYYGDSVRGRFTISRDYAKNSVDL
QLDGLRPEDTAVYYCAAGAGFWGLRTASSYHYWGQGTQVTVSSHHHHHHEPEA
;
G
#
loop_
_chem_comp.id
_chem_comp.type
_chem_comp.name
_chem_comp.formula
ABU non-polymer 'GAMMA-AMINO-BUTANOIC ACID' 'C4 H9 N O2'
BMA D-saccharide, beta linking beta-D-mannopyranose 'C6 H12 O6'
CL non-polymer 'CHLORIDE ION' 'Cl -1'
MAN D-saccharide, alpha linking alpha-D-mannopyranose 'C6 H12 O6'
NAG D-saccharide, beta linking 2-acetamido-2-deoxy-beta-D-glucopyranose 'C8 H15 N O6'
PIO non-polymer '[(2R)-2-octanoyloxy-3-[oxidanyl-[(1R,2R,3S,4R,5R,6S)-2,3,6-tris(oxidanyl)-4,5-diphosphonooxy-cyclohexyl]oxy-phosphoryl]oxy-propyl] octanoate' 'C25 H49 O19 P3'
#
# COMPACT_ATOMS: atom_id res chain seq x y z
N THR A 47 3.31 21.40 47.19
CA THR A 47 2.26 20.42 46.96
C THR A 47 2.69 19.03 47.41
N THR A 48 3.54 18.98 48.44
CA THR A 48 3.98 17.71 48.99
C THR A 48 2.84 16.92 49.60
N VAL A 49 1.71 17.57 49.89
CA VAL A 49 0.56 16.85 50.43
C VAL A 49 0.07 15.80 49.44
N PHE A 50 -0.05 16.18 48.17
CA PHE A 50 -0.48 15.23 47.16
C PHE A 50 0.63 14.27 46.76
N THR A 51 1.89 14.68 46.92
CA THR A 51 2.99 13.76 46.69
C THR A 51 2.99 12.62 47.69
N ARG A 52 2.70 12.93 48.95
CA ARG A 52 2.64 11.88 49.97
C ARG A 52 1.54 10.87 49.67
N ILE A 53 0.43 11.33 49.12
CA ILE A 53 -0.67 10.42 48.80
C ILE A 53 -0.24 9.44 47.73
N LEU A 54 0.40 9.93 46.67
CA LEU A 54 0.83 9.05 45.59
C LEU A 54 1.91 8.08 46.05
N ASP A 55 2.83 8.54 46.89
CA ASP A 55 3.80 7.62 47.47
C ASP A 55 3.10 6.58 48.34
N ARG A 56 2.11 7.00 49.12
CA ARG A 56 1.41 6.08 50.00
C ARG A 56 0.63 5.03 49.21
N LEU A 57 0.01 5.44 48.10
CA LEU A 57 -0.78 4.50 47.31
C LEU A 57 0.10 3.43 46.67
N LEU A 58 1.19 3.83 46.02
CA LEU A 58 2.04 2.90 45.31
C LEU A 58 2.97 2.12 46.23
N ASP A 59 3.02 2.45 47.51
CA ASP A 59 3.87 1.72 48.44
C ASP A 59 3.24 0.38 48.76
N GLY A 60 3.98 -0.71 48.51
CA GLY A 60 3.43 -2.04 48.65
C GLY A 60 2.35 -2.36 47.64
N TYR A 61 2.48 -1.85 46.42
CA TYR A 61 1.49 -2.05 45.37
C TYR A 61 2.08 -2.94 44.29
N ASP A 62 1.38 -4.03 43.98
CA ASP A 62 1.84 -5.01 42.99
C ASP A 62 0.90 -4.92 41.79
N ASN A 63 1.36 -4.26 40.73
CA ASN A 63 0.57 -4.11 39.51
C ASN A 63 0.53 -5.36 38.66
N ARG A 64 1.03 -6.49 39.18
CA ARG A 64 0.94 -7.76 38.48
C ARG A 64 -0.28 -8.57 38.90
N LEU A 65 -1.07 -8.08 39.84
CA LEU A 65 -2.23 -8.80 40.35
C LEU A 65 -3.46 -7.94 40.18
N ARG A 66 -4.52 -8.53 39.63
CA ARG A 66 -5.78 -7.83 39.46
C ARG A 66 -6.41 -7.55 40.81
N PRO A 67 -7.26 -6.53 40.91
CA PRO A 67 -7.95 -6.28 42.18
C PRO A 67 -8.83 -7.46 42.57
N GLY A 68 -8.80 -7.81 43.84
CA GLY A 68 -9.57 -8.95 44.31
C GLY A 68 -9.11 -10.26 43.70
N LEU A 69 -7.80 -10.47 43.59
CA LEU A 69 -7.27 -11.72 43.07
C LEU A 69 -7.51 -12.83 44.08
N GLY A 70 -8.20 -13.88 43.65
CA GLY A 70 -8.52 -14.97 44.55
C GLY A 70 -9.57 -14.66 45.58
N GLU A 71 -10.27 -13.53 45.44
CA GLU A 71 -11.29 -13.13 46.40
C GLU A 71 -12.63 -12.87 45.74
N ARG A 72 -12.65 -12.29 44.54
CA ARG A 72 -13.89 -11.98 43.85
C ARG A 72 -13.57 -11.79 42.37
N VAL A 73 -14.61 -11.52 41.59
CA VAL A 73 -14.46 -11.27 40.17
C VAL A 73 -14.30 -9.77 39.95
N THR A 74 -13.22 -9.40 39.26
CA THR A 74 -12.98 -8.00 38.95
C THR A 74 -13.95 -7.55 37.87
N GLU A 75 -14.79 -6.57 38.18
CA GLU A 75 -15.80 -6.06 37.26
C GLU A 75 -15.31 -4.76 36.64
N VAL A 76 -15.25 -4.73 35.32
CA VAL A 76 -14.77 -3.58 34.57
C VAL A 76 -15.92 -3.03 33.75
N LYS A 77 -16.26 -1.78 33.97
CA LYS A 77 -17.34 -1.12 33.23
C LYS A 77 -16.73 -0.27 32.12
N THR A 78 -17.19 -0.49 30.90
CA THR A 78 -16.59 0.12 29.73
C THR A 78 -17.57 1.07 29.05
N ASP A 79 -17.01 1.95 28.24
CA ASP A 79 -17.76 2.97 27.54
C ASP A 79 -16.92 3.40 26.34
N ILE A 80 -17.58 3.63 25.21
CA ILE A 80 -16.91 3.98 23.97
C ILE A 80 -17.51 5.24 23.41
N PHE A 81 -16.66 6.20 23.07
CA PHE A 81 -17.07 7.41 22.36
C PHE A 81 -16.34 7.42 21.03
N VAL A 82 -17.08 7.25 19.94
CA VAL A 82 -16.51 7.18 18.60
C VAL A 82 -16.26 8.62 18.13
N THR A 83 -15.01 9.06 18.18
CA THR A 83 -14.70 10.40 17.70
C THR A 83 -14.85 10.50 16.19
N SER A 84 -14.54 9.43 15.46
CA SER A 84 -14.69 9.42 14.01
C SER A 84 -14.73 7.98 13.54
N PHE A 85 -15.76 7.63 12.80
CA PHE A 85 -15.87 6.30 12.19
C PHE A 85 -15.18 6.36 10.84
N GLY A 86 -13.97 5.80 10.76
CA GLY A 86 -13.13 5.99 9.62
C GLY A 86 -13.64 5.26 8.41
N PRO A 87 -12.88 5.33 7.31
CA PRO A 87 -13.33 4.74 6.05
C PRO A 87 -13.35 3.23 6.12
N VAL A 88 -14.12 2.64 5.21
CA VAL A 88 -14.28 1.20 5.08
C VAL A 88 -13.54 0.75 3.84
N SER A 89 -12.67 -0.24 3.99
CA SER A 89 -11.89 -0.78 2.89
C SER A 89 -12.49 -2.11 2.45
N ASP A 90 -12.94 -2.18 1.20
CA ASP A 90 -13.54 -3.41 0.70
C ASP A 90 -12.49 -4.45 0.37
N HIS A 91 -11.34 -4.03 -0.17
CA HIS A 91 -10.30 -4.98 -0.55
C HIS A 91 -9.77 -5.73 0.66
N ASP A 92 -9.51 -5.03 1.75
CA ASP A 92 -9.02 -5.68 2.96
C ASP A 92 -10.15 -6.14 3.88
N MET A 93 -11.40 -5.83 3.54
CA MET A 93 -12.55 -6.17 4.38
C MET A 93 -12.36 -5.66 5.80
N GLU A 94 -11.92 -4.41 5.91
CA GLU A 94 -11.67 -3.82 7.22
C GLU A 94 -12.17 -2.39 7.24
N TYR A 95 -12.49 -1.91 8.44
CA TYR A 95 -12.88 -0.53 8.66
C TYR A 95 -12.02 0.05 9.77
N THR A 96 -11.89 1.37 9.76
CA THR A 96 -11.13 2.09 10.77
C THR A 96 -12.09 2.83 11.69
N ILE A 97 -11.77 2.84 12.98
CA ILE A 97 -12.56 3.56 13.97
C ILE A 97 -11.60 4.26 14.92
N ASP A 98 -11.98 5.47 15.35
CA ASP A 98 -11.17 6.29 16.25
C ASP A 98 -12.03 6.60 17.45
N VAL A 99 -11.66 6.07 18.62
CA VAL A 99 -12.55 6.05 19.78
C VAL A 99 -11.83 6.56 21.02
N PHE A 100 -12.62 6.96 22.00
CA PHE A 100 -12.16 7.16 23.38
C PHE A 100 -12.61 5.93 24.16
N PHE A 101 -11.69 5.00 24.39
CA PHE A 101 -12.01 3.75 25.05
C PHE A 101 -11.93 3.95 26.56
N ARG A 102 -13.08 4.13 27.21
CA ARG A 102 -13.15 4.41 28.63
C ARG A 102 -13.38 3.13 29.41
N GLN A 103 -12.58 2.90 30.44
CA GLN A 103 -12.71 1.76 31.31
C GLN A 103 -12.82 2.24 32.75
N SER A 104 -13.73 1.65 33.51
CA SER A 104 -13.93 2.00 34.90
C SER A 104 -13.98 0.75 35.75
N TRP A 105 -13.25 0.76 36.86
CA TRP A 105 -13.25 -0.36 37.79
C TRP A 105 -12.79 0.14 39.14
N LYS A 106 -13.05 -0.65 40.18
CA LYS A 106 -12.72 -0.28 41.54
C LYS A 106 -11.53 -1.09 42.03
N ASP A 107 -10.50 -0.39 42.50
CA ASP A 107 -9.33 -1.01 43.11
C ASP A 107 -9.22 -0.46 44.53
N GLU A 108 -9.54 -1.29 45.52
CA GLU A 108 -9.54 -0.85 46.90
C GLU A 108 -8.15 -0.52 47.41
N ARG A 109 -7.10 -1.01 46.75
CA ARG A 109 -5.74 -0.63 47.12
C ARG A 109 -5.45 0.83 46.87
N LEU A 110 -6.33 1.53 46.16
CA LEU A 110 -6.14 2.92 45.76
C LEU A 110 -7.16 3.82 46.43
N LYS A 111 -7.41 3.61 47.72
CA LYS A 111 -8.24 4.49 48.51
C LYS A 111 -7.39 5.54 49.19
N PHE A 112 -7.88 6.76 49.23
CA PHE A 112 -7.13 7.85 49.84
C PHE A 112 -8.08 8.86 50.45
N LYS A 113 -7.56 9.62 51.41
CA LYS A 113 -8.26 10.75 52.01
C LYS A 113 -7.41 11.98 51.82
N GLY A 114 -7.96 13.00 51.16
CA GLY A 114 -7.22 14.20 50.88
C GLY A 114 -8.10 15.38 50.58
N PRO A 115 -7.48 16.54 50.32
CA PRO A 115 -8.26 17.74 49.99
C PRO A 115 -9.15 17.58 48.77
N MET A 116 -8.69 16.83 47.76
CA MET A 116 -9.45 16.63 46.54
C MET A 116 -10.05 15.23 46.53
N THR A 117 -11.30 15.14 46.09
CA THR A 117 -11.96 13.84 45.99
C THR A 117 -11.49 13.05 44.78
N VAL A 118 -11.13 13.72 43.69
CA VAL A 118 -10.71 13.07 42.45
C VAL A 118 -9.31 13.54 42.10
N LEU A 119 -8.41 12.58 41.84
CA LEU A 119 -7.04 12.86 41.45
C LEU A 119 -6.95 12.74 39.92
N ARG A 120 -6.99 13.88 39.24
CA ARG A 120 -6.80 13.90 37.79
C ARG A 120 -5.30 13.84 37.53
N LEU A 121 -4.77 12.62 37.50
CA LEU A 121 -3.34 12.40 37.43
C LEU A 121 -2.86 12.32 35.99
N ASN A 122 -1.57 12.04 35.83
CA ASN A 122 -0.91 11.96 34.55
C ASN A 122 -0.94 10.52 34.03
N ASN A 123 -0.89 10.37 32.70
CA ASN A 123 -0.90 9.05 32.12
C ASN A 123 0.35 8.24 32.46
N LEU A 124 1.41 8.89 32.95
CA LEU A 124 2.56 8.15 33.46
C LEU A 124 2.16 7.26 34.62
N MET A 125 1.24 7.73 35.46
CA MET A 125 0.78 6.95 36.60
C MET A 125 0.11 5.65 36.19
N ALA A 126 -0.41 5.57 34.96
CA ALA A 126 -1.14 4.40 34.53
C ALA A 126 -0.26 3.15 34.56
N SER A 127 0.99 3.27 34.10
CA SER A 127 1.86 2.11 34.03
C SER A 127 2.24 1.58 35.39
N LYS A 128 2.03 2.34 36.46
CA LYS A 128 2.34 1.90 37.81
C LYS A 128 1.15 1.29 38.53
N ILE A 129 0.03 1.14 37.83
CA ILE A 129 -1.22 0.65 38.41
C ILE A 129 -1.73 -0.47 37.53
N TRP A 130 -2.30 -1.51 38.14
CA TRP A 130 -2.90 -2.57 37.36
C TRP A 130 -4.02 -2.00 36.50
N THR A 131 -3.94 -2.27 35.19
CA THR A 131 -4.97 -1.88 34.25
C THR A 131 -5.38 -3.09 33.43
N PRO A 132 -6.66 -3.17 33.05
CA PRO A 132 -7.12 -4.34 32.30
C PRO A 132 -6.42 -4.47 30.96
N ASP A 133 -6.15 -5.70 30.55
CA ASP A 133 -5.47 -5.97 29.30
C ASP A 133 -6.44 -6.15 28.15
N THR A 134 -7.30 -5.15 27.95
CA THR A 134 -8.30 -5.24 26.90
C THR A 134 -7.62 -5.29 25.53
N PHE A 135 -8.08 -6.20 24.68
CA PHE A 135 -7.66 -6.26 23.30
C PHE A 135 -8.90 -6.45 22.45
N PHE A 136 -8.77 -6.18 21.16
CA PHE A 136 -9.88 -6.32 20.23
C PHE A 136 -9.71 -7.61 19.45
N HIS A 137 -10.74 -8.47 19.49
CA HIS A 137 -10.64 -9.79 18.89
C HIS A 137 -10.46 -9.71 17.38
N ASN A 138 -11.21 -8.83 16.73
CA ASN A 138 -11.13 -8.67 15.29
C ASN A 138 -10.23 -7.53 14.87
N GLY A 139 -9.54 -6.90 15.82
CA GLY A 139 -8.62 -5.83 15.47
C GLY A 139 -7.47 -6.35 14.64
N LYS A 140 -7.16 -5.66 13.54
CA LYS A 140 -6.07 -6.05 12.67
C LYS A 140 -4.76 -5.40 13.10
N LYS A 141 -4.71 -4.07 13.10
CA LYS A 141 -3.49 -3.34 13.43
C LYS A 141 -3.93 -2.00 14.02
N SER A 142 -3.90 -1.90 15.34
CA SER A 142 -4.42 -0.73 16.03
C SER A 142 -3.28 0.18 16.47
N VAL A 143 -3.62 1.44 16.69
CA VAL A 143 -2.68 2.47 17.10
C VAL A 143 -3.18 3.11 18.38
N ALA A 144 -2.34 3.13 19.41
CA ALA A 144 -2.59 3.90 20.63
C ALA A 144 -1.76 5.17 20.52
N HIS A 145 -2.42 6.28 20.20
CA HIS A 145 -1.71 7.51 19.87
C HIS A 145 -1.00 8.07 21.10
N ASN A 146 0.22 8.57 20.87
CA ASN A 146 0.98 9.20 21.95
C ASN A 146 1.66 10.46 21.45
N MET A 147 0.96 11.24 20.63
CA MET A 147 1.43 12.55 20.18
C MET A 147 0.51 13.60 20.79
N THR A 148 1.07 14.57 21.49
CA THR A 148 2.49 14.72 21.76
C THR A 148 2.90 13.96 23.01
N MET A 149 1.91 13.46 23.73
CA MET A 149 2.07 12.60 24.89
C MET A 149 1.09 11.46 24.77
N PRO A 150 1.29 10.36 25.50
CA PRO A 150 0.31 9.28 25.49
C PRO A 150 -1.10 9.77 25.76
N ASN A 151 -1.99 9.58 24.79
CA ASN A 151 -3.36 10.08 24.91
C ASN A 151 -4.14 9.21 25.89
N LYS A 152 -3.86 9.35 27.18
CA LYS A 152 -4.50 8.59 28.23
C LYS A 152 -4.80 9.50 29.41
N LEU A 153 -5.85 9.18 30.14
CA LEU A 153 -6.16 9.87 31.38
C LEU A 153 -6.42 8.84 32.47
N LEU A 154 -6.14 9.23 33.70
CA LEU A 154 -6.31 8.35 34.85
C LEU A 154 -6.82 9.20 36.00
N ARG A 155 -8.03 8.93 36.46
CA ARG A 155 -8.66 9.69 37.53
C ARG A 155 -9.05 8.72 38.64
N ILE A 156 -8.52 8.95 39.84
CA ILE A 156 -8.77 8.09 40.98
C ILE A 156 -9.64 8.86 41.96
N THR A 157 -10.92 8.51 42.03
CA THR A 157 -11.76 9.05 43.08
C THR A 157 -11.38 8.41 44.42
N GLU A 158 -11.71 9.11 45.50
CA GLU A 158 -11.23 8.70 46.81
C GLU A 158 -11.79 7.36 47.26
N ASP A 159 -12.83 6.85 46.60
CA ASP A 159 -13.36 5.54 46.93
C ASP A 159 -12.54 4.41 46.34
N GLY A 160 -11.57 4.71 45.48
CA GLY A 160 -10.81 3.70 44.79
C GLY A 160 -11.24 3.44 43.36
N THR A 161 -12.27 4.10 42.87
CA THR A 161 -12.68 3.94 41.49
C THR A 161 -11.66 4.56 40.57
N LEU A 162 -11.40 3.90 39.44
CA LEU A 162 -10.49 4.41 38.44
C LEU A 162 -11.24 4.60 37.13
N LEU A 163 -11.04 5.76 36.51
CA LEU A 163 -11.44 6.00 35.13
C LEU A 163 -10.17 5.99 34.30
N TYR A 164 -10.14 5.16 33.26
CA TYR A 164 -8.94 4.97 32.45
C TYR A 164 -9.34 4.98 30.99
N THR A 165 -9.32 6.15 30.37
CA THR A 165 -9.70 6.29 28.97
C THR A 165 -8.47 6.52 28.13
N MET A 166 -8.50 6.01 26.90
CA MET A 166 -7.40 6.15 25.96
C MET A 166 -7.97 6.51 24.61
N ARG A 167 -7.14 7.11 23.77
CA ARG A 167 -7.50 7.42 22.40
C ARG A 167 -6.85 6.36 21.51
N LEU A 168 -7.67 5.58 20.82
CA LEU A 168 -7.22 4.47 20.02
C LEU A 168 -7.73 4.62 18.60
N THR A 169 -6.93 4.18 17.64
CA THR A 169 -7.39 3.96 16.28
C THR A 169 -7.34 2.47 16.03
N VAL A 170 -8.48 1.87 15.68
CA VAL A 170 -8.62 0.43 15.55
C VAL A 170 -9.01 0.10 14.12
N ARG A 171 -8.25 -0.79 13.51
CA ARG A 171 -8.64 -1.41 12.24
C ARG A 171 -9.19 -2.79 12.56
N ALA A 172 -10.44 -3.03 12.19
CA ALA A 172 -11.13 -4.24 12.57
C ALA A 172 -11.55 -5.01 11.33
N GLU A 173 -11.59 -6.33 11.45
CA GLU A 173 -12.05 -7.18 10.36
C GLU A 173 -13.57 -7.14 10.28
N CYS A 174 -14.08 -6.84 9.10
CA CYS A 174 -15.52 -6.84 8.84
C CYS A 174 -15.82 -7.83 7.73
N PRO A 175 -16.22 -9.06 8.05
CA PRO A 175 -16.58 -10.03 7.00
C PRO A 175 -17.76 -9.52 6.19
N MET A 176 -17.53 -9.33 4.90
CA MET A 176 -18.53 -8.75 4.01
C MET A 176 -19.03 -9.80 3.03
N HIS A 177 -20.35 -9.94 2.95
CA HIS A 177 -20.97 -10.79 1.95
C HIS A 177 -21.30 -9.92 0.74
N LEU A 178 -20.36 -9.85 -0.19
CA LEU A 178 -20.49 -9.00 -1.38
C LEU A 178 -21.26 -9.72 -2.48
N GLU A 179 -22.46 -10.16 -2.13
CA GLU A 179 -23.33 -10.87 -3.06
C GLU A 179 -24.39 -9.99 -3.69
N ASP A 180 -24.84 -8.94 -2.98
CA ASP A 180 -25.73 -7.95 -3.55
C ASP A 180 -25.00 -6.65 -3.88
N PHE A 181 -23.67 -6.72 -4.00
CA PHE A 181 -22.88 -5.54 -4.30
C PHE A 181 -23.34 -4.92 -5.61
N PRO A 182 -23.45 -3.59 -5.68
CA PRO A 182 -23.14 -2.59 -4.66
C PRO A 182 -24.32 -2.27 -3.73
N MET A 183 -25.48 -2.89 -3.91
CA MET A 183 -26.63 -2.63 -3.05
C MET A 183 -26.64 -3.58 -1.86
N ASP A 184 -25.61 -3.46 -1.03
CA ASP A 184 -25.42 -4.38 0.09
C ASP A 184 -25.15 -3.59 1.36
N ALA A 185 -25.47 -4.21 2.48
CA ALA A 185 -25.28 -3.62 3.80
C ALA A 185 -24.55 -4.62 4.69
N HIS A 186 -23.72 -4.10 5.58
CA HIS A 186 -22.91 -4.94 6.45
C HIS A 186 -23.07 -4.52 7.89
N ALA A 187 -22.90 -5.48 8.79
CA ALA A 187 -22.90 -5.22 10.23
C ALA A 187 -21.46 -5.45 10.70
N CYS A 188 -20.64 -4.42 10.59
CA CYS A 188 -19.25 -4.53 10.96
C CYS A 188 -19.10 -4.61 12.47
N PRO A 189 -18.54 -5.68 13.02
CA PRO A 189 -18.46 -5.83 14.46
C PRO A 189 -17.23 -5.13 15.04
N LEU A 190 -17.25 -5.03 16.37
CA LEU A 190 -16.11 -4.50 17.12
C LEU A 190 -16.14 -5.19 18.48
N LYS A 191 -15.33 -6.22 18.63
CA LYS A 191 -15.38 -7.10 19.80
C LYS A 191 -14.11 -6.92 20.61
N PHE A 192 -14.26 -6.83 21.93
CA PHE A 192 -13.10 -6.68 22.79
C PHE A 192 -13.34 -7.39 24.11
N GLY A 193 -12.24 -7.74 24.76
CA GLY A 193 -12.31 -8.42 26.04
C GLY A 193 -10.92 -8.62 26.59
N SER A 194 -10.88 -9.19 27.78
CA SER A 194 -9.60 -9.43 28.44
C SER A 194 -8.82 -10.50 27.68
N TYR A 195 -7.54 -10.24 27.45
CA TYR A 195 -6.71 -11.21 26.74
C TYR A 195 -6.35 -12.39 27.62
N ALA A 196 -5.98 -12.13 28.87
CA ALA A 196 -5.43 -13.15 29.75
C ALA A 196 -6.41 -13.65 30.81
N TYR A 197 -7.27 -12.79 31.34
CA TYR A 197 -8.13 -13.14 32.46
C TYR A 197 -9.43 -13.74 31.96
N THR A 198 -9.80 -14.88 32.52
CA THR A 198 -10.99 -15.59 32.08
C THR A 198 -12.25 -14.91 32.61
N ARG A 199 -13.40 -15.51 32.31
CA ARG A 199 -14.68 -14.99 32.78
C ARG A 199 -14.75 -15.02 34.30
N ALA A 200 -14.10 -16.01 34.92
CA ALA A 200 -14.12 -16.13 36.37
C ALA A 200 -13.25 -15.09 37.07
N GLU A 201 -12.40 -14.37 36.34
CA GLU A 201 -11.49 -13.42 36.93
C GLU A 201 -11.81 -11.97 36.58
N VAL A 202 -12.13 -11.70 35.31
CA VAL A 202 -12.45 -10.35 34.86
C VAL A 202 -13.71 -10.44 34.00
N VAL A 203 -14.75 -9.70 34.40
CA VAL A 203 -15.96 -9.57 33.61
C VAL A 203 -16.08 -8.13 33.15
N TYR A 204 -16.47 -7.95 31.91
CA TYR A 204 -16.70 -6.61 31.36
C TYR A 204 -18.19 -6.30 31.40
N GLU A 205 -18.49 -5.01 31.48
CA GLU A 205 -19.87 -4.57 31.56
C GLU A 205 -19.96 -3.18 30.95
N TRP A 206 -21.17 -2.80 30.54
CA TRP A 206 -21.40 -1.48 29.99
C TRP A 206 -21.78 -0.53 31.12
N THR A 207 -21.18 0.68 31.10
CA THR A 207 -21.39 1.63 32.18
C THR A 207 -22.86 2.04 32.27
N ARG A 208 -23.37 2.68 31.23
CA ARG A 208 -24.77 3.07 31.16
C ARG A 208 -25.57 1.92 30.58
N GLU A 209 -26.79 2.19 30.15
CA GLU A 209 -27.53 1.21 29.39
C GLU A 209 -26.74 0.84 28.13
N PRO A 210 -26.78 -0.41 27.69
CA PRO A 210 -25.93 -0.82 26.56
C PRO A 210 -26.12 0.03 25.32
N ALA A 211 -27.36 0.43 25.02
CA ALA A 211 -27.58 1.29 23.86
C ALA A 211 -27.00 2.68 24.06
N ARG A 212 -26.78 3.10 25.30
CA ARG A 212 -26.27 4.43 25.59
C ARG A 212 -24.80 4.44 25.99
N SER A 213 -24.16 3.28 26.07
CA SER A 213 -22.75 3.20 26.45
C SER A 213 -21.81 3.20 25.25
N VAL A 214 -22.33 3.34 24.03
CA VAL A 214 -21.52 3.57 22.85
C VAL A 214 -22.12 4.77 22.12
N VAL A 215 -21.33 5.84 22.02
CA VAL A 215 -21.81 7.11 21.48
C VAL A 215 -20.96 7.49 20.28
N VAL A 216 -21.61 7.90 19.20
CA VAL A 216 -20.94 8.32 17.97
C VAL A 216 -21.06 9.83 17.88
N ALA A 217 -19.93 10.51 17.70
CA ALA A 217 -19.93 11.95 17.53
C ALA A 217 -20.54 12.33 16.18
N GLU A 218 -21.38 13.37 16.19
CA GLU A 218 -22.10 13.74 14.98
C GLU A 218 -21.15 14.26 13.90
N ASP A 219 -20.16 15.07 14.29
CA ASP A 219 -19.27 15.64 13.30
C ASP A 219 -18.28 14.61 12.75
N GLY A 220 -17.89 13.63 13.56
CA GLY A 220 -16.88 12.68 13.15
C GLY A 220 -17.44 11.48 12.41
N SER A 221 -17.36 11.53 11.08
CA SER A 221 -17.78 10.41 10.25
C SER A 221 -16.95 10.45 8.97
N ARG A 222 -15.88 9.67 8.94
CA ARG A 222 -15.01 9.62 7.76
C ARG A 222 -15.45 8.53 6.79
N LEU A 223 -16.73 8.52 6.46
CA LEU A 223 -17.31 7.55 5.53
C LEU A 223 -17.52 8.22 4.19
N ASN A 224 -16.98 7.62 3.13
CA ASN A 224 -17.14 8.15 1.78
C ASN A 224 -18.33 7.52 1.06
N GLN A 225 -18.33 6.19 0.93
CA GLN A 225 -19.34 5.48 0.15
C GLN A 225 -20.25 4.62 1.02
N TYR A 226 -20.38 4.95 2.30
CA TYR A 226 -21.24 4.21 3.21
C TYR A 226 -22.08 5.19 4.02
N ASP A 227 -23.15 4.65 4.61
CA ASP A 227 -24.00 5.40 5.52
C ASP A 227 -24.12 4.62 6.81
N LEU A 228 -23.78 5.25 7.93
CA LEU A 228 -23.88 4.59 9.23
C LEU A 228 -25.33 4.68 9.71
N LEU A 229 -26.06 3.58 9.57
CA LEU A 229 -27.46 3.57 9.99
C LEU A 229 -27.57 3.60 11.50
N GLY A 230 -26.73 2.85 12.20
CA GLY A 230 -26.79 2.79 13.64
C GLY A 230 -25.84 1.74 14.16
N GLN A 231 -25.98 1.44 15.44
CA GLN A 231 -25.18 0.40 16.07
C GLN A 231 -26.00 -0.33 17.11
N THR A 232 -25.79 -1.63 17.21
CA THR A 232 -26.38 -2.45 18.26
C THR A 232 -25.28 -2.94 19.18
N VAL A 233 -25.49 -2.78 20.48
CA VAL A 233 -24.51 -3.09 21.50
C VAL A 233 -24.93 -4.38 22.18
N ASP A 234 -23.99 -5.32 22.31
CA ASP A 234 -24.32 -6.64 22.80
C ASP A 234 -23.16 -7.18 23.62
N SER A 235 -23.41 -8.25 24.34
CA SER A 235 -22.40 -8.95 25.13
C SER A 235 -22.51 -10.44 24.86
N GLY A 236 -21.37 -11.12 24.90
CA GLY A 236 -21.35 -12.53 24.59
C GLY A 236 -20.37 -13.34 25.41
N ILE A 237 -19.95 -14.47 24.86
CA ILE A 237 -19.04 -15.39 25.52
C ILE A 237 -18.25 -16.11 24.44
N VAL A 238 -16.95 -16.27 24.63
CA VAL A 238 -16.12 -17.06 23.74
C VAL A 238 -15.43 -18.14 24.55
N GLN A 239 -15.29 -19.31 23.96
CA GLN A 239 -14.63 -20.45 24.58
C GLN A 239 -13.39 -20.78 23.75
N SER A 240 -12.23 -20.44 24.27
CA SER A 240 -10.98 -20.77 23.60
C SER A 240 -10.34 -21.97 24.28
N SER A 241 -9.11 -22.29 23.87
CA SER A 241 -8.39 -23.38 24.52
C SER A 241 -7.94 -23.03 25.93
N THR A 242 -8.06 -21.77 26.34
CA THR A 242 -7.62 -21.33 27.64
C THR A 242 -8.76 -21.02 28.61
N GLY A 243 -10.01 -21.08 28.17
CA GLY A 243 -11.14 -20.92 29.06
C GLY A 243 -12.18 -20.00 28.46
N GLU A 244 -13.19 -19.70 29.26
CA GLU A 244 -14.23 -18.77 28.86
C GLU A 244 -13.76 -17.34 29.00
N TYR A 245 -14.28 -16.46 28.15
CA TYR A 245 -13.92 -15.05 28.18
C TYR A 245 -15.14 -14.22 27.82
N VAL A 246 -15.49 -13.27 28.68
CA VAL A 246 -16.56 -12.33 28.36
C VAL A 246 -16.11 -11.44 27.22
N VAL A 247 -16.98 -11.27 26.22
CA VAL A 247 -16.67 -10.49 25.04
C VAL A 247 -17.72 -9.40 24.90
N MET A 248 -17.29 -8.14 24.92
CA MET A 248 -18.16 -7.02 24.61
C MET A 248 -18.11 -6.76 23.11
N THR A 249 -19.26 -6.68 22.48
CA THR A 249 -19.34 -6.48 21.04
C THR A 249 -20.18 -5.25 20.74
N THR A 250 -19.86 -4.62 19.60
CA THR A 250 -20.66 -3.53 19.06
C THR A 250 -20.73 -3.74 17.55
N HIS A 251 -21.94 -3.82 17.02
CA HIS A 251 -22.14 -4.00 15.59
C HIS A 251 -22.59 -2.69 14.97
N PHE A 252 -21.81 -2.17 14.05
CA PHE A 252 -22.15 -0.97 13.32
C PHE A 252 -22.80 -1.36 12.00
N HIS A 253 -23.95 -0.79 11.71
CA HIS A 253 -24.78 -1.20 10.59
C HIS A 253 -24.59 -0.21 9.45
N LEU A 254 -23.67 -0.54 8.55
CA LEU A 254 -23.36 0.32 7.41
C LEU A 254 -24.19 -0.09 6.21
N LYS A 255 -24.47 0.88 5.35
CA LYS A 255 -25.18 0.66 4.10
C LYS A 255 -24.44 1.37 3.00
N ARG A 256 -24.02 0.63 1.99
CA ARG A 256 -23.25 1.22 0.90
C ARG A 256 -24.12 2.17 0.08
N LYS A 257 -23.55 3.31 -0.27
CA LYS A 257 -24.23 4.28 -1.13
C LYS A 257 -23.93 3.94 -2.59
N ILE A 258 -24.99 3.81 -3.38
CA ILE A 258 -24.88 3.33 -4.77
C ILE A 258 -24.58 4.46 -5.75
N GLY A 259 -24.48 5.70 -5.29
CA GLY A 259 -24.33 6.81 -6.20
C GLY A 259 -23.07 6.74 -7.05
N TYR A 260 -21.96 6.29 -6.45
CA TYR A 260 -20.71 6.23 -7.19
C TYR A 260 -20.75 5.21 -8.32
N PHE A 261 -21.31 4.04 -8.05
CA PHE A 261 -21.31 2.98 -9.05
C PHE A 261 -22.30 3.23 -10.17
N VAL A 262 -23.38 3.97 -9.89
CA VAL A 262 -24.30 4.36 -10.94
C VAL A 262 -23.60 5.28 -11.94
N ILE A 263 -22.82 6.24 -11.43
CA ILE A 263 -22.15 7.20 -12.29
C ILE A 263 -21.08 6.51 -13.13
N GLN A 264 -20.28 5.64 -12.52
CA GLN A 264 -19.07 5.15 -13.16
C GLN A 264 -19.21 3.77 -13.79
N THR A 265 -20.15 2.95 -13.36
CA THR A 265 -20.30 1.61 -13.92
C THR A 265 -21.64 1.39 -14.59
N TYR A 266 -22.75 1.74 -13.92
CA TYR A 266 -24.06 1.41 -14.47
C TYR A 266 -24.38 2.29 -15.67
N LEU A 267 -24.09 3.59 -15.60
CA LEU A 267 -24.37 4.47 -16.74
C LEU A 267 -23.55 4.11 -17.97
N PRO A 268 -22.23 3.89 -17.89
CA PRO A 268 -21.51 3.46 -19.10
C PRO A 268 -22.03 2.15 -19.66
N CYS A 269 -22.43 1.19 -18.81
CA CYS A 269 -23.01 -0.04 -19.31
C CYS A 269 -24.35 0.21 -19.97
N ILE A 270 -25.17 1.09 -19.40
CA ILE A 270 -26.47 1.39 -19.98
C ILE A 270 -26.32 2.14 -21.28
N MET A 271 -25.42 3.13 -21.33
CA MET A 271 -25.22 3.87 -22.57
C MET A 271 -24.60 3.01 -23.65
N THR A 272 -23.73 2.06 -23.28
CA THR A 272 -23.16 1.17 -24.27
C THR A 272 -24.23 0.31 -24.94
N VAL A 273 -25.19 -0.18 -24.14
CA VAL A 273 -26.29 -0.96 -24.71
C VAL A 273 -27.11 -0.08 -25.65
N ILE A 274 -27.39 1.15 -25.23
CA ILE A 274 -28.14 2.07 -26.10
C ILE A 274 -27.31 2.41 -27.34
N LEU A 275 -26.00 2.62 -27.16
CA LEU A 275 -25.16 2.96 -28.28
C LEU A 275 -25.12 1.84 -29.31
N SER A 276 -25.02 0.59 -28.84
CA SER A 276 -24.99 -0.54 -29.77
C SER A 276 -26.28 -0.64 -30.55
N GLN A 277 -27.40 -0.24 -29.95
CA GLN A 277 -28.69 -0.30 -30.64
C GLN A 277 -28.93 0.88 -31.57
N VAL A 278 -28.00 1.84 -31.60
CA VAL A 278 -28.11 2.91 -32.60
C VAL A 278 -27.92 2.33 -34.00
N SER A 279 -27.08 1.32 -34.15
CA SER A 279 -26.86 0.70 -35.45
C SER A 279 -28.10 0.06 -36.01
N PHE A 280 -29.12 -0.19 -35.18
CA PHE A 280 -30.38 -0.74 -35.67
C PHE A 280 -31.12 0.24 -36.56
N TRP A 281 -30.74 1.52 -36.54
CA TRP A 281 -31.38 2.54 -37.36
C TRP A 281 -30.57 2.89 -38.60
N LEU A 282 -29.50 2.16 -38.86
CA LEU A 282 -28.65 2.41 -40.03
C LEU A 282 -29.00 1.44 -41.15
N ASN A 283 -28.87 1.91 -42.38
CA ASN A 283 -29.20 1.09 -43.54
C ASN A 283 -28.26 -0.09 -43.63
N ARG A 284 -28.81 -1.23 -44.06
CA ARG A 284 -28.06 -2.48 -44.09
C ARG A 284 -26.89 -2.45 -45.05
N GLU A 285 -26.92 -1.56 -46.04
CA GLU A 285 -25.84 -1.47 -47.02
C GLU A 285 -24.64 -0.70 -46.49
N SER A 286 -24.54 -0.54 -45.18
CA SER A 286 -23.47 0.21 -44.54
C SER A 286 -22.68 -0.74 -43.65
N VAL A 287 -22.29 -1.89 -44.21
CA VAL A 287 -21.61 -2.92 -43.43
C VAL A 287 -20.42 -2.37 -42.64
N PRO A 288 -19.50 -1.58 -43.22
CA PRO A 288 -18.40 -1.06 -42.39
C PRO A 288 -18.87 -0.23 -41.21
N ALA A 289 -19.90 0.60 -41.40
CA ALA A 289 -20.35 1.47 -40.31
C ALA A 289 -20.98 0.68 -39.18
N ARG A 290 -21.91 -0.22 -39.51
CA ARG A 290 -22.54 -1.01 -38.46
C ARG A 290 -21.58 -2.02 -37.85
N THR A 291 -20.60 -2.49 -38.63
CA THR A 291 -19.59 -3.36 -38.07
C THR A 291 -18.77 -2.64 -37.00
N VAL A 292 -18.39 -1.39 -37.27
CA VAL A 292 -17.66 -0.61 -36.27
C VAL A 292 -18.55 -0.36 -35.05
N PHE A 293 -19.84 -0.13 -35.29
CA PHE A 293 -20.77 0.08 -34.18
C PHE A 293 -20.77 -1.12 -33.23
N GLY A 294 -21.00 -2.31 -33.77
CA GLY A 294 -21.02 -3.49 -32.92
C GLY A 294 -19.68 -3.82 -32.30
N VAL A 295 -18.62 -3.73 -33.10
CA VAL A 295 -17.30 -4.15 -32.64
C VAL A 295 -16.81 -3.24 -31.51
N THR A 296 -16.95 -1.93 -31.67
CA THR A 296 -16.47 -1.00 -30.64
C THR A 296 -17.23 -1.17 -29.34
N THR A 297 -18.55 -1.35 -29.42
CA THR A 297 -19.34 -1.51 -28.20
C THR A 297 -18.97 -2.80 -27.46
N VAL A 298 -18.77 -3.90 -28.19
CA VAL A 298 -18.32 -5.13 -27.55
C VAL A 298 -16.95 -4.93 -26.93
N LEU A 299 -16.04 -4.24 -27.64
CA LEU A 299 -14.76 -3.90 -27.06
C LEU A 299 -14.92 -3.02 -25.83
N THR A 300 -15.85 -2.07 -25.89
CA THR A 300 -16.11 -1.23 -24.73
C THR A 300 -16.64 -2.05 -23.55
N MET A 301 -17.57 -2.96 -23.81
CA MET A 301 -18.14 -3.76 -22.73
C MET A 301 -17.10 -4.64 -22.07
N THR A 302 -16.19 -5.20 -22.87
CA THR A 302 -15.11 -6.00 -22.29
C THR A 302 -14.25 -5.18 -21.36
N THR A 303 -13.95 -3.94 -21.75
CA THR A 303 -13.15 -3.06 -20.88
C THR A 303 -13.89 -2.76 -19.58
N LEU A 304 -15.19 -2.47 -19.66
CA LEU A 304 -15.96 -2.21 -18.45
C LEU A 304 -16.08 -3.46 -17.59
N SER A 305 -16.27 -4.61 -18.22
CA SER A 305 -16.41 -5.86 -17.48
C SER A 305 -15.15 -6.22 -16.70
N ILE A 306 -14.01 -5.68 -17.09
CA ILE A 306 -12.75 -5.99 -16.40
C ILE A 306 -12.47 -4.99 -15.29
N SER A 307 -12.59 -3.69 -15.58
CA SER A 307 -12.27 -2.68 -14.59
C SER A 307 -13.31 -2.59 -13.47
N ALA A 308 -14.48 -3.19 -13.65
CA ALA A 308 -15.52 -3.11 -12.64
C ALA A 308 -15.20 -3.93 -11.40
N ARG A 309 -14.23 -4.85 -11.49
CA ARG A 309 -13.86 -5.69 -10.36
C ARG A 309 -12.74 -5.08 -9.52
N ASN A 310 -12.17 -3.95 -9.95
CA ASN A 310 -11.02 -3.37 -9.27
C ASN A 310 -11.36 -2.83 -7.89
N SER A 311 -12.63 -2.71 -7.55
CA SER A 311 -13.05 -2.19 -6.26
C SER A 311 -13.30 -3.27 -5.22
N LEU A 312 -13.09 -4.54 -5.58
CA LEU A 312 -13.52 -5.65 -4.75
C LEU A 312 -12.40 -6.68 -4.59
N PRO A 313 -12.41 -7.43 -3.50
CA PRO A 313 -11.54 -8.61 -3.41
C PRO A 313 -12.01 -9.68 -4.37
N LYS A 314 -11.08 -10.57 -4.73
CA LYS A 314 -11.38 -11.58 -5.74
C LYS A 314 -12.27 -12.67 -5.15
N VAL A 315 -13.54 -12.34 -4.93
CA VAL A 315 -14.50 -13.31 -4.40
C VAL A 315 -14.86 -14.30 -5.50
N ALA A 316 -15.24 -15.50 -5.09
CA ALA A 316 -15.50 -16.59 -6.02
C ALA A 316 -16.92 -16.60 -6.58
N TYR A 317 -17.83 -15.80 -6.02
CA TYR A 317 -19.18 -15.74 -6.51
C TYR A 317 -19.36 -14.53 -7.42
N ALA A 318 -20.60 -14.30 -7.84
CA ALA A 318 -20.94 -13.19 -8.73
C ALA A 318 -21.73 -12.15 -7.96
N THR A 319 -21.26 -10.91 -8.01
CA THR A 319 -21.96 -9.82 -7.36
C THR A 319 -23.20 -9.43 -8.16
N ALA A 320 -24.04 -8.60 -7.55
CA ALA A 320 -25.22 -8.12 -8.26
C ALA A 320 -24.84 -7.24 -9.45
N MET A 321 -23.65 -6.65 -9.42
CA MET A 321 -23.19 -5.84 -10.54
C MET A 321 -22.70 -6.72 -11.69
N ASP A 322 -22.16 -7.89 -11.37
CA ASP A 322 -21.69 -8.80 -12.40
C ASP A 322 -22.84 -9.27 -13.29
N TRP A 323 -24.01 -9.51 -12.70
CA TRP A 323 -25.16 -9.92 -13.49
C TRP A 323 -25.60 -8.83 -14.45
N PHE A 324 -25.56 -7.58 -14.00
CA PHE A 324 -25.91 -6.47 -14.89
C PHE A 324 -24.94 -6.35 -16.04
N ILE A 325 -23.64 -6.53 -15.77
CA ILE A 325 -22.65 -6.49 -16.84
C ILE A 325 -22.83 -7.68 -17.77
N ALA A 326 -23.12 -8.85 -17.22
CA ALA A 326 -23.33 -10.03 -18.06
C ALA A 326 -24.52 -9.84 -18.98
N VAL A 327 -25.63 -9.30 -18.47
CA VAL A 327 -26.80 -9.07 -19.31
C VAL A 327 -26.52 -7.98 -20.33
N CYS A 328 -25.81 -6.92 -19.93
CA CYS A 328 -25.41 -5.91 -20.89
C CYS A 328 -24.49 -6.49 -21.94
N TYR A 329 -23.60 -7.40 -21.53
CA TYR A 329 -22.75 -8.10 -22.50
C TYR A 329 -23.59 -8.94 -23.45
N ALA A 330 -24.64 -9.58 -22.94
CA ALA A 330 -25.51 -10.37 -23.79
C ALA A 330 -26.24 -9.50 -24.82
N PHE A 331 -26.69 -8.31 -24.40
CA PHE A 331 -27.37 -7.43 -25.34
C PHE A 331 -26.42 -6.92 -26.41
N VAL A 332 -25.23 -6.48 -26.01
CA VAL A 332 -24.28 -5.92 -26.98
C VAL A 332 -23.76 -7.01 -27.90
N PHE A 333 -23.49 -8.19 -27.37
CA PHE A 333 -23.08 -9.31 -28.21
C PHE A 333 -24.18 -9.69 -29.20
N SER A 334 -25.43 -9.72 -28.74
CA SER A 334 -26.52 -10.07 -29.62
C SER A 334 -26.86 -8.97 -30.62
N ALA A 335 -26.53 -7.72 -30.31
CA ALA A 335 -26.75 -6.65 -31.27
C ALA A 335 -25.80 -6.75 -32.47
N LEU A 336 -24.71 -7.50 -32.34
CA LEU A 336 -23.83 -7.75 -33.47
C LEU A 336 -24.21 -9.03 -34.20
N ILE A 337 -24.70 -10.04 -33.48
CA ILE A 337 -25.22 -11.23 -34.14
C ILE A 337 -26.44 -10.87 -34.98
N GLU A 338 -27.23 -9.90 -34.51
CA GLU A 338 -28.37 -9.43 -35.30
C GLU A 338 -27.92 -8.81 -36.61
N PHE A 339 -26.86 -8.01 -36.57
CA PHE A 339 -26.32 -7.46 -37.81
C PHE A 339 -25.62 -8.53 -38.64
N ALA A 340 -24.99 -9.50 -37.99
CA ALA A 340 -24.38 -10.61 -38.74
C ALA A 340 -25.43 -11.43 -39.48
N THR A 341 -26.70 -11.32 -39.08
CA THR A 341 -27.78 -12.00 -39.78
C THR A 341 -28.37 -11.14 -40.89
N VAL A 342 -28.49 -9.83 -40.66
CA VAL A 342 -28.97 -8.94 -41.71
C VAL A 342 -27.99 -8.91 -42.88
N ASN A 343 -26.70 -8.82 -42.57
CA ASN A 343 -25.69 -8.84 -43.62
C ASN A 343 -25.71 -10.15 -44.39
N TYR A 344 -26.07 -11.25 -43.73
CA TYR A 344 -26.17 -12.52 -44.43
C TYR A 344 -27.28 -12.49 -45.48
N PHE A 345 -28.33 -11.71 -45.26
CA PHE A 345 -29.43 -11.61 -46.20
C PHE A 345 -29.39 -10.32 -47.03
N THR A 346 -28.26 -9.61 -47.01
CA THR A 346 -28.11 -8.41 -47.83
C THR A 346 -27.60 -8.85 -49.19
N LYS A 347 -28.54 -9.10 -50.11
CA LYS A 347 -28.17 -9.59 -51.44
C LYS A 347 -27.36 -8.57 -52.22
N ARG A 348 -27.74 -7.30 -52.13
CA ARG A 348 -27.09 -6.24 -52.89
C ARG A 348 -26.02 -5.56 -52.04
N GLY A 349 -25.18 -4.77 -52.71
CA GLY A 349 -24.13 -4.04 -52.02
C GLY A 349 -24.31 -2.54 -52.11
N TYR A 350 -24.90 -2.09 -53.20
CA TYR A 350 -25.18 -0.67 -53.37
C TYR A 350 -26.43 -0.28 -52.59
N ALA A 351 -26.43 0.96 -52.08
CA ALA A 351 -27.50 1.46 -51.26
C ALA A 351 -28.48 2.30 -52.07
N TRP A 352 -29.55 2.72 -51.41
CA TRP A 352 -30.59 3.51 -52.05
C TRP A 352 -30.07 4.91 -52.37
N ASP A 353 -30.71 5.54 -53.35
CA ASP A 353 -30.36 6.91 -53.71
C ASP A 353 -31.60 7.72 -54.09
N LYS A 419 -33.01 0.21 -61.56
CA LYS A 419 -32.37 -0.80 -60.72
C LYS A 419 -33.34 -1.31 -59.66
N THR A 420 -32.84 -2.18 -58.79
CA THR A 420 -33.58 -2.66 -57.64
C THR A 420 -32.71 -2.48 -56.39
N PHE A 421 -33.33 -2.02 -55.31
CA PHE A 421 -32.64 -1.71 -54.08
C PHE A 421 -33.08 -2.66 -52.97
N ASN A 422 -32.20 -2.84 -51.98
CA ASN A 422 -32.53 -3.70 -50.85
C ASN A 422 -33.71 -3.13 -50.07
N SER A 423 -34.53 -4.02 -49.53
CA SER A 423 -35.59 -3.63 -48.63
C SER A 423 -35.06 -3.53 -47.20
N VAL A 424 -35.78 -2.78 -46.37
CA VAL A 424 -35.40 -2.64 -44.97
C VAL A 424 -35.59 -3.99 -44.27
N SER A 425 -34.60 -4.39 -43.48
CA SER A 425 -34.64 -5.70 -42.84
C SER A 425 -35.81 -5.82 -41.88
N LYS A 426 -36.54 -6.94 -41.96
CA LYS A 426 -37.55 -7.24 -40.96
C LYS A 426 -36.93 -7.50 -39.60
N ILE A 427 -35.71 -8.04 -39.58
CA ILE A 427 -34.99 -8.19 -38.32
C ILE A 427 -34.65 -6.82 -37.74
N ASP A 428 -34.28 -5.86 -38.59
CA ASP A 428 -33.98 -4.52 -38.12
C ASP A 428 -35.20 -3.85 -37.50
N ARG A 429 -36.35 -3.96 -38.16
CA ARG A 429 -37.56 -3.32 -37.65
C ARG A 429 -37.94 -3.88 -36.28
N LEU A 430 -37.85 -5.20 -36.11
CA LEU A 430 -38.16 -5.80 -34.82
C LEU A 430 -37.09 -5.48 -33.79
N SER A 431 -35.82 -5.47 -34.20
CA SER A 431 -34.76 -5.18 -33.25
C SER A 431 -34.82 -3.74 -32.76
N ARG A 432 -35.39 -2.83 -33.55
CA ARG A 432 -35.58 -1.47 -33.08
C ARG A 432 -36.61 -1.38 -31.95
N ILE A 433 -37.38 -2.43 -31.71
CA ILE A 433 -38.38 -2.45 -30.65
C ILE A 433 -38.03 -3.49 -29.58
N ALA A 434 -37.78 -4.73 -29.98
CA ALA A 434 -37.57 -5.80 -29.02
C ALA A 434 -36.35 -5.54 -28.15
N PHE A 435 -35.23 -5.16 -28.77
CA PHE A 435 -34.02 -4.91 -28.00
C PHE A 435 -34.16 -3.76 -27.03
N PRO A 436 -34.68 -2.58 -27.42
CA PRO A 436 -34.93 -1.55 -26.40
C PRO A 436 -35.94 -1.97 -25.35
N LEU A 437 -36.95 -2.75 -25.74
CA LEU A 437 -38.00 -3.13 -24.79
C LEU A 437 -37.50 -4.12 -23.76
N LEU A 438 -36.78 -5.16 -24.21
CA LEU A 438 -36.30 -6.18 -23.28
C LEU A 438 -35.32 -5.60 -22.28
N PHE A 439 -34.43 -4.71 -22.73
CA PHE A 439 -33.50 -4.07 -21.81
C PHE A 439 -34.24 -3.25 -20.77
N GLY A 440 -35.28 -2.53 -21.18
CA GLY A 440 -36.09 -1.81 -20.21
C GLY A 440 -36.81 -2.72 -19.25
N ILE A 441 -37.31 -3.85 -19.75
CA ILE A 441 -37.95 -4.83 -18.88
C ILE A 441 -36.94 -5.42 -17.91
N PHE A 442 -35.73 -5.72 -18.39
CA PHE A 442 -34.70 -6.25 -17.51
C PHE A 442 -34.33 -5.24 -16.43
N ASN A 443 -34.27 -3.96 -16.78
CA ASN A 443 -33.92 -2.94 -15.80
C ASN A 443 -34.95 -2.87 -14.68
N LEU A 444 -36.24 -2.96 -15.02
CA LEU A 444 -37.27 -2.93 -13.98
C LEU A 444 -37.14 -4.15 -13.06
N VAL A 445 -36.92 -5.33 -13.63
CA VAL A 445 -36.77 -6.52 -12.80
C VAL A 445 -35.51 -6.44 -11.96
N TYR A 446 -34.40 -6.03 -12.56
CA TYR A 446 -33.14 -6.00 -11.83
C TYR A 446 -33.17 -5.01 -10.67
N TRP A 447 -33.69 -3.82 -10.92
CA TRP A 447 -33.64 -2.79 -9.88
C TRP A 447 -34.65 -3.06 -8.77
N ALA A 448 -35.86 -3.53 -9.14
CA ALA A 448 -36.84 -3.86 -8.12
C ALA A 448 -36.41 -5.04 -7.26
N THR A 449 -35.61 -5.95 -7.83
CA THR A 449 -35.13 -7.10 -7.06
C THR A 449 -34.21 -6.66 -5.93
N TYR A 450 -33.34 -5.69 -6.18
CA TYR A 450 -32.31 -5.31 -5.22
C TYR A 450 -32.66 -4.07 -4.40
N LEU A 451 -33.48 -3.18 -4.93
CA LEU A 451 -33.86 -1.99 -4.18
C LEU A 451 -35.09 -2.29 -3.31
N MET B 34 30.03 26.91 35.06
CA MET B 34 29.31 25.67 34.81
C MET B 34 29.06 24.93 36.12
N SER B 35 30.00 25.08 37.07
CA SER B 35 29.84 24.42 38.37
C SER B 35 28.61 24.95 39.09
N PHE B 36 28.36 26.25 39.02
CA PHE B 36 27.19 26.82 39.69
C PHE B 36 25.91 26.50 38.90
N VAL B 37 25.99 26.53 37.57
CA VAL B 37 24.83 26.19 36.75
C VAL B 37 24.46 24.72 36.95
N LYS B 38 25.46 23.86 37.16
CA LYS B 38 25.17 22.46 37.43
C LYS B 38 24.40 22.30 38.74
N GLU B 39 24.80 23.03 39.78
CA GLU B 39 24.11 22.94 41.06
C GLU B 39 22.66 23.41 40.94
N THR B 40 22.44 24.49 40.19
CA THR B 40 21.09 25.01 40.05
C THR B 40 20.15 24.02 39.37
N VAL B 41 20.62 23.38 38.30
CA VAL B 41 19.77 22.42 37.59
C VAL B 41 19.57 21.16 38.43
N ASP B 42 20.63 20.71 39.11
CA ASP B 42 20.51 19.50 39.94
C ASP B 42 19.49 19.69 41.06
N LYS B 43 19.49 20.86 41.70
CA LYS B 43 18.59 21.06 42.83
C LYS B 43 17.15 21.22 42.39
N LEU B 44 16.92 21.68 41.15
CA LEU B 44 15.54 21.83 40.68
C LEU B 44 14.86 20.48 40.52
N LEU B 45 15.54 19.53 39.89
CA LEU B 45 14.93 18.24 39.60
C LEU B 45 14.82 17.35 40.83
N LYS B 46 15.52 17.68 41.91
CA LYS B 46 15.44 16.89 43.14
C LYS B 46 14.14 17.23 43.86
N GLY B 47 13.30 16.22 44.04
CA GLY B 47 11.98 16.42 44.62
C GLY B 47 10.92 16.84 43.63
N TYR B 48 11.28 17.07 42.37
CA TYR B 48 10.30 17.42 41.36
C TYR B 48 9.37 16.24 41.10
N ASP B 49 8.08 16.53 41.03
CA ASP B 49 7.04 15.51 40.91
C ASP B 49 6.33 15.69 39.58
N ILE B 50 6.71 14.88 38.59
CA ILE B 50 6.11 14.99 37.27
C ILE B 50 4.67 14.52 37.25
N ARG B 51 4.25 13.72 38.23
CA ARG B 51 2.89 13.21 38.24
C ARG B 51 1.86 14.29 38.50
N LEU B 52 2.28 15.44 39.01
CA LEU B 52 1.38 16.53 39.35
C LEU B 52 1.70 17.74 38.49
N ARG B 53 0.67 18.32 37.88
CA ARG B 53 0.83 19.53 37.11
C ARG B 53 1.17 20.69 38.04
N PRO B 54 1.73 21.78 37.49
CA PRO B 54 1.97 22.97 38.32
C PRO B 54 0.68 23.48 38.92
N ASP B 55 0.76 23.87 40.20
CA ASP B 55 -0.41 24.29 40.97
C ASP B 55 -1.49 23.21 40.93
N PHE B 56 -1.14 22.03 41.46
CA PHE B 56 -2.02 20.88 41.32
C PHE B 56 -3.34 21.09 42.03
N GLY B 57 -3.33 21.66 43.23
CA GLY B 57 -4.55 21.90 43.95
C GLY B 57 -5.20 23.24 43.72
N GLY B 58 -4.67 24.06 42.82
CA GLY B 58 -5.12 25.42 42.68
C GLY B 58 -5.60 25.77 41.28
N PRO B 59 -5.32 26.99 40.86
CA PRO B 59 -5.85 27.51 39.60
C PRO B 59 -5.28 26.76 38.41
N PRO B 60 -5.97 26.76 37.28
CA PRO B 60 -5.42 26.11 36.08
C PRO B 60 -4.15 26.80 35.62
N VAL B 61 -3.24 26.00 35.06
CA VAL B 61 -2.00 26.50 34.51
C VAL B 61 -2.25 26.90 33.05
N CYS B 62 -1.98 28.17 32.74
CA CYS B 62 -2.21 28.68 31.39
C CYS B 62 -1.05 28.28 30.48
N VAL B 63 -1.39 27.68 29.34
CA VAL B 63 -0.39 27.20 28.39
C VAL B 63 -0.51 28.00 27.11
N GLY B 64 0.55 28.69 26.74
CA GLY B 64 0.58 29.49 25.52
C GLY B 64 1.22 28.73 24.38
N MET B 65 0.63 28.83 23.21
CA MET B 65 1.06 28.04 22.06
C MET B 65 1.22 28.93 20.84
N ASN B 66 2.38 28.84 20.20
CA ASN B 66 2.59 29.42 18.88
C ASN B 66 3.16 28.34 17.98
N ILE B 67 2.77 28.39 16.71
CA ILE B 67 3.17 27.38 15.73
C ILE B 67 3.92 28.07 14.61
N ASP B 68 5.09 27.55 14.26
CA ASP B 68 5.82 27.94 13.06
C ASP B 68 5.69 26.80 12.07
N ILE B 69 4.99 27.04 10.97
CA ILE B 69 4.69 25.98 10.01
C ILE B 69 5.85 25.85 9.03
N ALA B 70 6.52 24.70 9.06
CA ALA B 70 7.61 24.45 8.14
C ALA B 70 7.10 24.31 6.70
N SER B 71 6.25 23.33 6.47
CA SER B 71 5.65 23.15 5.15
C SER B 71 4.47 22.21 5.26
N ILE B 72 3.50 22.38 4.35
CA ILE B 72 2.41 21.44 4.16
C ILE B 72 2.77 20.58 2.96
N ASP B 73 2.92 19.27 3.20
CA ASP B 73 3.54 18.42 2.20
C ASP B 73 2.56 18.04 1.09
N MET B 74 1.51 17.31 1.44
CA MET B 74 0.59 16.79 0.44
C MET B 74 -0.84 16.88 0.96
N VAL B 75 -1.76 17.25 0.08
CA VAL B 75 -3.17 17.35 0.40
C VAL B 75 -3.88 16.31 -0.47
N SER B 76 -4.25 15.19 0.12
CA SER B 76 -4.77 14.05 -0.62
C SER B 76 -6.30 14.03 -0.55
N GLU B 77 -6.94 14.13 -1.72
CA GLU B 77 -8.38 13.93 -1.77
C GLU B 77 -8.74 12.47 -1.60
N VAL B 78 -7.86 11.56 -2.03
CA VAL B 78 -8.13 10.13 -1.92
C VAL B 78 -8.17 9.71 -0.45
N ASN B 79 -7.15 10.10 0.31
CA ASN B 79 -7.07 9.73 1.72
C ASN B 79 -7.76 10.71 2.64
N MET B 80 -8.24 11.84 2.11
CA MET B 80 -8.94 12.86 2.91
C MET B 80 -8.07 13.32 4.09
N ASP B 81 -6.82 13.66 3.79
CA ASP B 81 -5.91 14.14 4.82
C ASP B 81 -4.82 14.98 4.19
N TYR B 82 -4.11 15.72 5.04
CA TYR B 82 -2.96 16.51 4.62
C TYR B 82 -1.84 16.30 5.61
N THR B 83 -0.61 16.39 5.12
CA THR B 83 0.58 16.19 5.94
C THR B 83 1.23 17.54 6.22
N LEU B 84 1.52 17.81 7.48
CA LEU B 84 1.97 19.12 7.93
C LEU B 84 3.16 18.99 8.85
N THR B 85 4.19 19.81 8.60
CA THR B 85 5.39 19.86 9.44
C THR B 85 5.46 21.22 10.10
N MET B 86 5.74 21.25 11.40
CA MET B 86 5.69 22.50 12.13
C MET B 86 6.65 22.45 13.31
N TYR B 87 6.96 23.64 13.83
CA TYR B 87 7.73 23.79 15.06
C TYR B 87 6.74 24.15 16.16
N PHE B 88 6.21 23.13 16.81
CA PHE B 88 5.17 23.30 17.82
C PHE B 88 5.80 23.72 19.15
N GLN B 89 5.43 24.90 19.63
CA GLN B 89 6.00 25.45 20.85
C GLN B 89 4.92 25.71 21.89
N GLN B 90 5.22 25.33 23.14
CA GLN B 90 4.30 25.52 24.24
C GLN B 90 4.96 26.39 25.31
N TYR B 91 4.14 27.18 26.00
CA TYR B 91 4.62 28.11 27.00
CA TYR B 91 4.61 28.12 26.99
C TYR B 91 3.80 27.97 28.26
N TRP B 92 4.48 27.82 29.39
CA TRP B 92 3.78 27.79 30.68
C TRP B 92 4.78 28.10 31.77
N ARG B 93 4.27 28.59 32.88
CA ARG B 93 5.09 28.95 34.03
C ARG B 93 4.95 27.88 35.10
N ASP B 94 6.07 27.30 35.53
CA ASP B 94 6.10 26.31 36.59
C ASP B 94 7.01 26.83 37.68
N LYS B 95 6.42 27.31 38.78
CA LYS B 95 7.20 27.90 39.86
C LYS B 95 8.19 26.93 40.46
N ARG B 96 7.94 25.63 40.35
CA ARG B 96 8.91 24.65 40.84
C ARG B 96 10.23 24.76 40.10
N LEU B 97 10.17 25.08 38.81
CA LEU B 97 11.37 25.25 37.99
C LEU B 97 11.82 26.70 37.93
N ALA B 98 11.97 27.33 39.09
CA ALA B 98 12.37 28.73 39.17
C ALA B 98 13.75 28.82 39.80
N TYR B 99 14.62 29.60 39.18
CA TYR B 99 16.01 29.71 39.62
C TYR B 99 16.44 31.16 39.64
N SER B 100 17.40 31.47 40.51
CA SER B 100 17.93 32.81 40.66
C SER B 100 19.44 32.75 40.73
N GLY B 101 20.07 33.90 40.46
CA GLY B 101 21.51 33.99 40.43
C GLY B 101 22.14 33.72 39.08
N ILE B 102 21.35 33.28 38.10
CA ILE B 102 21.83 33.00 36.76
C ILE B 102 21.05 33.87 35.79
N PRO B 103 21.65 34.94 35.29
CA PRO B 103 20.98 35.84 34.33
C PRO B 103 20.93 35.27 32.92
N LEU B 104 20.54 34.00 32.80
CA LEU B 104 20.55 33.30 31.53
C LEU B 104 19.27 32.50 31.38
N ASN B 105 18.93 32.22 30.13
CA ASN B 105 17.83 31.32 29.79
C ASN B 105 18.44 29.97 29.46
N LEU B 106 18.37 29.04 30.41
CA LEU B 106 19.05 27.76 30.29
C LEU B 106 18.38 26.90 29.23
N THR B 107 19.06 26.69 28.12
CA THR B 107 18.61 25.73 27.11
C THR B 107 19.21 24.39 27.47
N LEU B 108 18.43 23.58 28.20
CA LEU B 108 18.89 22.28 28.62
C LEU B 108 18.82 21.28 27.46
N ASP B 109 19.57 20.19 27.60
CA ASP B 109 19.50 19.12 26.63
C ASP B 109 18.11 18.52 26.62
N ASN B 110 17.62 18.16 25.43
CA ASN B 110 16.24 17.75 25.29
C ASN B 110 15.91 16.46 26.02
N ARG B 111 16.91 15.72 26.48
CA ARG B 111 16.65 14.54 27.30
C ARG B 111 16.05 14.89 28.66
N VAL B 112 16.08 16.17 29.04
CA VAL B 112 15.48 16.57 30.32
C VAL B 112 13.96 16.67 30.22
N ALA B 113 13.41 16.76 29.00
CA ALA B 113 11.96 16.85 28.86
C ALA B 113 11.25 15.64 29.44
N ASP B 114 11.93 14.50 29.48
CA ASP B 114 11.35 13.30 30.05
C ASP B 114 11.33 13.32 31.57
N GLN B 115 11.96 14.31 32.19
CA GLN B 115 11.97 14.44 33.65
C GLN B 115 11.12 15.60 34.13
N LEU B 116 10.37 16.25 33.25
CA LEU B 116 9.58 17.42 33.60
C LEU B 116 8.14 17.23 33.17
N TRP B 117 7.22 17.86 33.88
CA TRP B 117 5.84 17.87 33.46
C TRP B 117 5.69 18.74 32.22
N VAL B 118 5.06 18.19 31.19
CA VAL B 118 4.73 18.94 29.99
C VAL B 118 3.25 18.70 29.71
N PRO B 119 2.55 19.65 29.09
CA PRO B 119 1.11 19.47 28.85
C PRO B 119 0.85 18.26 27.97
N ASP B 120 -0.24 17.56 28.27
CA ASP B 120 -0.63 16.40 27.47
C ASP B 120 -1.40 16.84 26.23
N THR B 121 -0.83 17.76 25.46
CA THR B 121 -1.47 18.23 24.26
C THR B 121 -1.54 17.12 23.22
N TYR B 122 -2.68 17.04 22.53
CA TYR B 122 -2.85 16.06 21.46
C TYR B 122 -3.72 16.67 20.39
N PHE B 123 -3.57 16.16 19.17
CA PHE B 123 -4.34 16.64 18.03
C PHE B 123 -5.47 15.67 17.76
N LEU B 124 -6.70 16.15 17.85
CA LEU B 124 -7.85 15.26 17.77
C LEU B 124 -7.98 14.65 16.39
N ASN B 125 -7.71 15.41 15.33
CA ASN B 125 -7.98 14.98 13.98
C ASN B 125 -6.73 14.50 13.25
N ASP B 126 -5.74 14.01 13.97
CA ASP B 126 -4.54 13.47 13.33
C ASP B 126 -4.64 11.96 13.22
N LYS B 127 -4.09 11.43 12.14
CA LYS B 127 -4.05 9.99 11.91
C LYS B 127 -2.70 9.40 12.31
N LYS B 128 -1.62 9.95 11.75
CA LYS B 128 -0.28 9.46 12.00
C LYS B 128 0.63 10.65 12.25
N SER B 129 1.35 10.62 13.36
CA SER B 129 2.21 11.73 13.74
C SER B 129 3.50 11.21 14.34
N PHE B 130 4.57 11.98 14.18
CA PHE B 130 5.85 11.62 14.79
C PHE B 130 6.67 12.88 15.02
N VAL B 131 7.60 12.77 15.96
CA VAL B 131 8.61 13.80 16.21
C VAL B 131 9.90 13.34 15.58
N HIS B 132 10.48 14.20 14.74
CA HIS B 132 11.71 13.82 14.04
C HIS B 132 12.84 13.58 15.04
N GLY B 133 13.72 12.65 14.70
CA GLY B 133 14.74 12.22 15.65
C GLY B 133 16.14 12.09 15.10
N VAL B 134 16.51 12.93 14.15
CA VAL B 134 17.85 12.95 13.58
C VAL B 134 18.38 14.37 13.67
N THR B 135 19.59 14.53 14.19
CA THR B 135 20.47 13.48 14.69
C THR B 135 20.09 13.08 16.10
N VAL B 136 19.29 13.92 16.75
CA VAL B 136 18.65 13.61 18.03
C VAL B 136 17.18 13.95 17.89
N LYS B 137 16.42 13.62 18.91
CA LYS B 137 15.00 13.95 18.92
C LYS B 137 14.83 15.47 18.89
N ASN B 138 13.97 15.94 17.99
CA ASN B 138 13.82 17.37 17.76
C ASN B 138 12.95 17.96 18.86
N ARG B 139 13.54 18.11 20.03
CA ARG B 139 12.92 18.75 21.17
C ARG B 139 13.83 19.85 21.69
N MET B 140 13.25 20.78 22.43
CA MET B 140 14.01 21.78 23.15
C MET B 140 13.31 22.11 24.45
N ILE B 141 14.12 22.35 25.49
CA ILE B 141 13.63 22.85 26.76
C ILE B 141 14.48 24.07 27.11
N ARG B 142 13.83 25.20 27.29
CA ARG B 142 14.52 26.43 27.66
C ARG B 142 13.87 26.95 28.93
N LEU B 143 14.50 26.68 30.07
CA LEU B 143 14.03 27.24 31.32
C LEU B 143 14.30 28.73 31.38
N HIS B 144 13.50 29.44 32.16
CA HIS B 144 13.65 30.87 32.36
C HIS B 144 13.72 31.17 33.85
N PRO B 145 14.41 32.25 34.23
CA PRO B 145 14.63 32.49 35.66
C PRO B 145 13.35 32.65 36.47
N ASP B 146 12.26 33.06 35.86
CA ASP B 146 11.00 33.25 36.57
C ASP B 146 10.18 31.97 36.65
N GLY B 147 10.70 30.85 36.17
CA GLY B 147 10.00 29.59 36.22
C GLY B 147 9.31 29.19 34.94
N THR B 148 9.35 30.03 33.91
CA THR B 148 8.71 29.71 32.66
C THR B 148 9.44 28.58 31.95
N VAL B 149 8.67 27.75 31.24
CA VAL B 149 9.22 26.67 30.43
C VAL B 149 8.79 26.89 29.00
N LEU B 150 9.74 26.85 28.07
CA LEU B 150 9.47 26.90 26.65
C LEU B 150 9.78 25.52 26.07
N TYR B 151 8.82 24.94 25.38
CA TYR B 151 8.88 23.54 24.96
C TYR B 151 8.56 23.46 23.47
N GLY B 152 9.59 23.30 22.65
CA GLY B 152 9.43 23.25 21.21
C GLY B 152 9.57 21.84 20.69
N LEU B 153 8.61 21.44 19.87
CA LEU B 153 8.59 20.12 19.23
C LEU B 153 8.48 20.30 17.74
N ARG B 154 9.24 19.50 16.99
CA ARG B 154 9.16 19.49 15.54
C ARG B 154 8.39 18.24 15.13
N ILE B 155 7.19 18.44 14.61
CA ILE B 155 6.21 17.37 14.43
C ILE B 155 5.78 17.35 12.98
N THR B 156 5.75 16.15 12.39
CA THR B 156 5.08 15.91 11.13
C THR B 156 3.77 15.20 11.43
N THR B 157 2.66 15.79 11.01
CA THR B 157 1.33 15.32 11.36
C THR B 157 0.54 15.05 10.09
N THR B 158 -0.10 13.89 10.02
CA THR B 158 -1.09 13.59 9.00
C THR B 158 -2.46 13.81 9.65
N ALA B 159 -3.10 14.92 9.32
CA ALA B 159 -4.35 15.32 9.95
C ALA B 159 -5.51 15.04 9.01
N ALA B 160 -6.60 14.52 9.57
CA ALA B 160 -7.79 14.24 8.78
C ALA B 160 -8.48 15.55 8.39
N CYS B 161 -8.86 15.63 7.12
CA CYS B 161 -9.58 16.80 6.59
C CYS B 161 -10.61 16.30 5.60
N MET B 162 -11.85 16.13 6.06
CA MET B 162 -12.92 15.75 5.16
C MET B 162 -13.23 16.88 4.20
N MET B 163 -13.30 16.58 2.91
CA MET B 163 -13.42 17.57 1.87
C MET B 163 -14.75 17.43 1.16
N ASP B 164 -15.49 18.54 1.08
CA ASP B 164 -16.71 18.59 0.29
C ASP B 164 -16.33 18.85 -1.16
N LEU B 165 -16.52 17.85 -2.01
CA LEU B 165 -16.05 17.89 -3.40
C LEU B 165 -17.18 18.11 -4.38
N ARG B 166 -18.23 18.84 -3.99
CA ARG B 166 -19.34 19.08 -4.90
C ARG B 166 -19.06 20.18 -5.91
N ARG B 167 -17.99 20.97 -5.73
CA ARG B 167 -17.59 21.97 -6.70
C ARG B 167 -16.19 21.71 -7.23
N TYR B 168 -15.67 20.51 -7.01
CA TYR B 168 -14.35 20.15 -7.48
C TYR B 168 -14.31 20.21 -9.01
N PRO B 169 -13.24 20.73 -9.61
CA PRO B 169 -12.00 21.24 -9.00
C PRO B 169 -12.02 22.73 -8.69
N LEU B 170 -13.18 23.37 -8.74
CA LEU B 170 -13.29 24.80 -8.44
C LEU B 170 -13.66 25.05 -6.99
N ASP B 171 -13.21 24.19 -6.09
CA ASP B 171 -13.63 24.19 -4.70
C ASP B 171 -12.62 24.90 -3.81
N GLU B 172 -13.12 25.42 -2.70
CA GLU B 172 -12.29 25.94 -1.61
C GLU B 172 -12.39 24.97 -0.45
N GLN B 173 -11.25 24.47 0.00
CA GLN B 173 -11.20 23.55 1.11
C GLN B 173 -10.83 24.29 2.39
N ASN B 174 -11.32 23.78 3.51
CA ASN B 174 -11.08 24.36 4.83
C ASN B 174 -10.59 23.23 5.73
N CYS B 175 -9.27 23.06 5.81
CA CYS B 175 -8.68 22.03 6.63
C CYS B 175 -8.24 22.62 7.96
N THR B 176 -8.61 21.96 9.05
CA THR B 176 -8.36 22.42 10.40
C THR B 176 -7.26 21.59 11.06
N LEU B 177 -6.95 21.93 12.30
CA LEU B 177 -5.99 21.19 13.11
C LEU B 177 -6.36 21.42 14.57
N GLU B 178 -7.05 20.45 15.17
CA GLU B 178 -7.51 20.60 16.53
C GLU B 178 -6.37 20.38 17.52
N ILE B 179 -6.33 21.23 18.55
CA ILE B 179 -5.32 21.14 19.59
C ILE B 179 -6.05 21.12 20.92
N GLU B 180 -5.93 20.03 21.66
CA GLU B 180 -6.71 19.83 22.86
C GLU B 180 -5.85 19.16 23.93
N SER B 181 -6.28 19.31 25.17
CA SER B 181 -5.67 18.63 26.31
C SER B 181 -6.46 17.36 26.59
N TYR B 182 -5.77 16.24 26.78
CA TYR B 182 -6.48 14.98 26.94
C TYR B 182 -6.99 14.80 28.36
N GLY B 183 -6.09 14.77 29.34
CA GLY B 183 -6.49 14.43 30.68
C GLY B 183 -6.86 15.60 31.58
N TYR B 184 -6.53 16.81 31.17
CA TYR B 184 -6.72 17.99 32.00
C TYR B 184 -7.91 18.79 31.49
N THR B 185 -8.86 19.06 32.38
CA THR B 185 -10.05 19.81 32.03
C THR B 185 -9.76 21.31 32.14
N THR B 186 -10.78 22.14 31.91
CA THR B 186 -10.60 23.58 32.02
C THR B 186 -10.33 24.02 33.45
N ASP B 187 -10.61 23.18 34.43
CA ASP B 187 -10.24 23.46 35.81
C ASP B 187 -8.76 23.24 36.07
N ASP B 188 -8.06 22.57 35.18
CA ASP B 188 -6.65 22.24 35.36
C ASP B 188 -5.73 22.96 34.38
N ILE B 189 -6.20 23.29 33.18
CA ILE B 189 -5.34 23.81 32.14
C ILE B 189 -6.13 24.79 31.29
N GLU B 190 -5.43 25.77 30.72
CA GLU B 190 -6.03 26.76 29.85
C GLU B 190 -5.09 27.01 28.68
N PHE B 191 -5.63 27.04 27.47
CA PHE B 191 -4.84 27.21 26.26
C PHE B 191 -5.14 28.57 25.65
N TYR B 192 -4.08 29.29 25.28
CA TYR B 192 -4.22 30.54 24.56
C TYR B 192 -3.17 30.59 23.46
N TRP B 193 -3.53 31.21 22.34
CA TRP B 193 -2.57 31.44 21.26
C TRP B 193 -1.63 32.55 21.72
N ARG B 194 -0.41 32.17 22.10
CA ARG B 194 0.55 33.16 22.56
C ARG B 194 0.96 34.06 21.41
N GLY B 195 0.92 35.36 21.64
CA GLY B 195 1.16 36.33 20.59
C GLY B 195 -0.07 36.74 19.82
N GLY B 196 -1.24 36.24 20.17
CA GLY B 196 -2.46 36.62 19.48
C GLY B 196 -2.55 36.04 18.09
N ASP B 197 -3.02 36.85 17.14
CA ASP B 197 -3.21 36.39 15.77
C ASP B 197 -1.89 36.13 15.04
N LYS B 198 -0.76 36.56 15.60
CA LYS B 198 0.55 36.23 15.07
C LYS B 198 1.13 34.98 15.69
N ALA B 199 0.32 34.17 16.38
CA ALA B 199 0.81 32.94 16.99
C ALA B 199 1.29 31.96 15.93
N VAL B 200 0.59 31.88 14.81
CA VAL B 200 0.94 30.98 13.72
C VAL B 200 1.66 31.79 12.65
N THR B 201 2.87 31.36 12.32
CA THR B 201 3.71 32.04 11.33
C THR B 201 4.18 31.06 10.28
N GLY B 202 4.76 31.61 9.21
CA GLY B 202 5.29 30.81 8.13
C GLY B 202 4.29 30.36 7.11
N VAL B 203 3.01 30.68 7.30
CA VAL B 203 1.99 30.24 6.36
C VAL B 203 2.16 30.93 5.02
N GLU B 204 2.58 32.19 5.03
CA GLU B 204 2.73 32.95 3.79
C GLU B 204 3.80 32.37 2.88
N ARG B 205 4.73 31.59 3.41
CA ARG B 205 5.77 30.97 2.61
C ARG B 205 5.37 29.61 2.04
N ILE B 206 4.23 29.07 2.45
CA ILE B 206 3.81 27.76 1.97
C ILE B 206 3.40 27.86 0.52
N GLU B 207 3.92 26.95 -0.30
CA GLU B 207 3.61 26.90 -1.73
C GLU B 207 3.14 25.48 -2.06
N LEU B 208 1.84 25.26 -1.99
CA LEU B 208 1.28 23.99 -2.41
C LEU B 208 1.23 23.94 -3.93
N PRO B 209 1.61 22.83 -4.56
CA PRO B 209 1.57 22.76 -6.03
C PRO B 209 0.17 22.93 -6.60
N GLN B 210 -0.86 22.44 -5.91
CA GLN B 210 -2.22 22.48 -6.45
C GLN B 210 -3.11 23.53 -5.80
N PHE B 211 -2.81 23.95 -4.59
CA PHE B 211 -3.71 24.83 -3.84
C PHE B 211 -3.06 26.19 -3.61
N SER B 212 -3.79 27.04 -2.91
CA SER B 212 -3.33 28.37 -2.55
C SER B 212 -3.97 28.74 -1.21
N ILE B 213 -3.16 29.00 -0.21
CA ILE B 213 -3.68 29.29 1.13
C ILE B 213 -4.28 30.69 1.14
N VAL B 214 -5.61 30.77 1.13
CA VAL B 214 -6.28 32.05 1.12
C VAL B 214 -6.06 32.79 2.43
N GLU B 215 -6.24 32.09 3.55
CA GLU B 215 -6.13 32.72 4.86
C GLU B 215 -6.02 31.63 5.91
N HIS B 216 -5.90 32.06 7.16
CA HIS B 216 -5.96 31.16 8.31
C HIS B 216 -6.50 31.95 9.49
N ARG B 217 -7.02 31.23 10.48
CA ARG B 217 -7.53 31.89 11.66
C ARG B 217 -7.36 30.97 12.86
N LEU B 218 -7.35 31.58 14.04
CA LEU B 218 -7.13 30.88 15.29
C LEU B 218 -8.39 30.97 16.14
N VAL B 219 -8.84 29.82 16.64
CA VAL B 219 -10.05 29.73 17.45
C VAL B 219 -9.68 29.07 18.77
N SER B 220 -10.10 29.69 19.87
CA SER B 220 -9.94 29.13 21.20
C SER B 220 -11.31 28.99 21.83
N ARG B 221 -11.64 27.78 22.27
CA ARG B 221 -12.96 27.51 22.83
C ARG B 221 -12.85 26.32 23.78
N ASN B 222 -14.00 25.82 24.21
CA ASN B 222 -14.08 24.67 25.11
C ASN B 222 -14.98 23.61 24.50
N VAL B 223 -14.57 22.36 24.64
CA VAL B 223 -15.33 21.23 24.15
C VAL B 223 -15.70 20.37 25.35
N VAL B 224 -16.97 19.95 25.41
CA VAL B 224 -17.49 19.19 26.53
C VAL B 224 -17.66 17.74 26.10
N PHE B 225 -17.09 16.82 26.86
CA PHE B 225 -17.31 15.40 26.68
C PHE B 225 -17.97 14.84 27.94
N ALA B 226 -18.13 13.51 27.98
CA ALA B 226 -18.70 12.88 29.16
C ALA B 226 -17.78 12.99 30.38
N THR B 227 -16.49 13.23 30.16
CA THR B 227 -15.52 13.30 31.24
C THR B 227 -15.19 14.72 31.68
N GLY B 228 -15.86 15.72 31.11
CA GLY B 228 -15.66 17.11 31.51
C GLY B 228 -15.55 18.01 30.32
N ALA B 229 -15.14 19.24 30.58
CA ALA B 229 -14.96 20.26 29.56
C ALA B 229 -13.47 20.49 29.34
N TYR B 230 -13.05 20.57 28.09
CA TYR B 230 -11.64 20.66 27.78
C TYR B 230 -11.37 21.87 26.90
N PRO B 231 -10.26 22.56 27.11
CA PRO B 231 -9.91 23.68 26.23
C PRO B 231 -9.48 23.16 24.87
N ARG B 232 -9.74 23.97 23.85
CA ARG B 232 -9.38 23.60 22.49
C ARG B 232 -8.83 24.80 21.76
N LEU B 233 -7.72 24.60 21.05
CA LEU B 233 -7.21 25.55 20.09
C LEU B 233 -7.38 24.96 18.69
N SER B 234 -7.82 25.78 17.75
CA SER B 234 -8.08 25.32 16.39
C SER B 234 -7.35 26.22 15.41
N LEU B 235 -6.54 25.61 14.55
CA LEU B 235 -5.87 26.29 13.46
C LEU B 235 -6.47 25.76 12.16
N SER B 236 -6.99 26.67 11.34
CA SER B 236 -7.68 26.27 10.12
C SER B 236 -7.19 27.10 8.95
N PHE B 237 -6.95 26.46 7.82
CA PHE B 237 -6.55 27.12 6.60
C PHE B 237 -7.67 26.97 5.58
N ARG B 238 -7.96 28.05 4.86
CA ARG B 238 -8.94 28.01 3.78
C ARG B 238 -8.16 27.84 2.48
N LEU B 239 -8.02 26.60 2.05
CA LEU B 239 -7.31 26.30 0.82
C LEU B 239 -8.18 26.57 -0.40
N LYS B 240 -7.56 27.11 -1.44
CA LYS B 240 -8.23 27.35 -2.71
C LYS B 240 -7.49 26.58 -3.79
N ARG B 241 -8.23 25.78 -4.56
CA ARG B 241 -7.61 24.91 -5.56
C ARG B 241 -7.30 25.68 -6.82
N ASN B 242 -6.09 25.48 -7.35
CA ASN B 242 -5.70 26.09 -8.60
C ASN B 242 -6.39 25.38 -9.77
N ILE B 243 -6.96 26.17 -10.68
CA ILE B 243 -7.66 25.61 -11.84
C ILE B 243 -6.75 25.41 -13.04
N GLY B 244 -5.53 25.94 -12.99
CA GLY B 244 -4.67 25.90 -14.17
C GLY B 244 -4.36 24.49 -14.64
N TYR B 245 -4.01 23.59 -13.71
CA TYR B 245 -3.70 22.22 -14.10
C TYR B 245 -4.89 21.53 -14.72
N PHE B 246 -6.07 21.71 -14.16
CA PHE B 246 -7.25 20.99 -14.63
C PHE B 246 -7.75 21.50 -15.96
N ILE B 247 -7.40 22.73 -16.34
CA ILE B 247 -7.81 23.24 -17.64
C ILE B 247 -7.08 22.50 -18.75
N LEU B 248 -5.76 22.36 -18.63
CA LEU B 248 -5.00 21.69 -19.69
C LEU B 248 -5.23 20.19 -19.67
N GLN B 249 -5.21 19.58 -18.49
CA GLN B 249 -5.23 18.12 -18.41
C GLN B 249 -6.62 17.56 -18.74
N THR B 250 -7.68 18.22 -18.26
CA THR B 250 -9.02 17.67 -18.35
C THR B 250 -9.96 18.52 -19.18
N TYR B 251 -10.05 19.82 -18.92
CA TYR B 251 -11.08 20.63 -19.56
C TYR B 251 -10.79 20.84 -21.04
N MET B 252 -9.55 21.19 -21.39
CA MET B 252 -9.24 21.50 -22.77
C MET B 252 -9.42 20.31 -23.71
N PRO B 253 -8.89 19.11 -23.41
CA PRO B 253 -9.17 17.98 -24.31
C PRO B 253 -10.64 17.64 -24.42
N SER B 254 -11.40 17.82 -23.35
CA SER B 254 -12.83 17.56 -23.41
C SER B 254 -13.53 18.53 -24.35
N ILE B 255 -13.05 19.78 -24.42
CA ILE B 255 -13.65 20.75 -25.32
C ILE B 255 -13.33 20.42 -26.77
N LEU B 256 -12.06 20.08 -27.05
CA LEU B 256 -11.66 19.82 -28.43
C LEU B 256 -12.37 18.60 -28.99
N ILE B 257 -12.50 17.54 -28.18
CA ILE B 257 -13.23 16.35 -28.62
C ILE B 257 -14.68 16.71 -28.91
N THR B 258 -15.26 17.60 -28.12
CA THR B 258 -16.61 18.09 -28.40
C THR B 258 -16.65 18.91 -29.68
N ILE B 259 -15.52 19.43 -30.13
CA ILE B 259 -15.47 20.13 -31.40
C ILE B 259 -15.24 19.18 -32.56
N LEU B 260 -14.34 18.21 -32.39
CA LEU B 260 -14.11 17.23 -33.45
C LEU B 260 -15.39 16.49 -33.81
N SER B 261 -16.27 16.26 -32.84
CA SER B 261 -17.55 15.64 -33.14
C SER B 261 -18.39 16.48 -34.07
N TRP B 262 -18.11 17.78 -34.16
CA TRP B 262 -18.83 18.65 -35.09
C TRP B 262 -18.25 18.60 -36.49
N VAL B 263 -17.08 18.01 -36.69
CA VAL B 263 -16.50 17.90 -38.03
C VAL B 263 -17.39 17.06 -38.92
N SER B 264 -18.04 16.03 -38.37
CA SER B 264 -18.92 15.19 -39.16
C SER B 264 -20.07 15.96 -39.78
N PHE B 265 -20.42 17.11 -39.23
CA PHE B 265 -21.49 17.93 -39.80
C PHE B 265 -21.11 18.52 -41.15
N TRP B 266 -19.83 18.50 -41.53
CA TRP B 266 -19.38 18.89 -42.86
C TRP B 266 -18.96 17.68 -43.68
N ILE B 267 -19.66 16.56 -43.52
CA ILE B 267 -19.37 15.32 -44.23
C ILE B 267 -20.66 14.87 -44.92
N ASN B 268 -20.51 14.39 -46.15
CA ASN B 268 -21.67 13.93 -46.91
C ASN B 268 -22.37 12.80 -46.16
N TYR B 269 -23.71 12.81 -46.19
CA TYR B 269 -24.50 11.81 -45.48
C TYR B 269 -24.26 10.40 -46.00
N ASP B 270 -23.67 10.26 -47.19
CA ASP B 270 -23.40 8.93 -47.72
C ASP B 270 -22.21 8.28 -47.05
N ALA B 271 -21.39 9.04 -46.32
CA ALA B 271 -20.16 8.51 -45.72
C ALA B 271 -20.47 7.92 -44.34
N SER B 272 -21.21 6.81 -44.37
CA SER B 272 -21.56 6.13 -43.14
C SER B 272 -20.34 5.65 -42.39
N ALA B 273 -19.38 5.05 -43.10
CA ALA B 273 -18.18 4.54 -42.45
C ALA B 273 -17.28 5.65 -41.92
N ALA B 274 -17.48 6.90 -42.34
CA ALA B 274 -16.64 8.01 -41.93
C ALA B 274 -17.19 8.71 -40.69
N ARG B 275 -18.42 9.21 -40.76
CA ARG B 275 -18.99 9.93 -39.63
C ARG B 275 -19.19 9.02 -38.43
N VAL B 276 -19.65 7.79 -38.65
CA VAL B 276 -19.87 6.86 -37.56
C VAL B 276 -18.54 6.54 -36.87
N ALA B 277 -17.50 6.26 -37.66
CA ALA B 277 -16.19 6.03 -37.07
C ALA B 277 -15.70 7.27 -36.32
N LEU B 278 -15.90 8.45 -36.92
CA LEU B 278 -15.54 9.68 -36.23
C LEU B 278 -16.46 9.94 -35.04
N GLY B 279 -17.77 9.70 -35.21
CA GLY B 279 -18.69 9.96 -34.13
C GLY B 279 -18.49 9.05 -32.94
N ILE B 280 -18.28 7.76 -33.18
CA ILE B 280 -18.12 6.81 -32.09
C ILE B 280 -16.87 7.11 -31.28
N THR B 281 -15.78 7.42 -31.95
CA THR B 281 -14.51 7.65 -31.26
C THR B 281 -14.63 8.79 -30.25
N THR B 282 -15.38 9.84 -30.60
CA THR B 282 -15.62 10.91 -29.64
C THR B 282 -16.41 10.40 -28.43
N VAL B 283 -17.43 9.58 -28.68
CA VAL B 283 -18.20 9.01 -27.57
C VAL B 283 -17.31 8.14 -26.69
N LEU B 284 -16.47 7.31 -27.31
CA LEU B 284 -15.59 6.45 -26.53
C LEU B 284 -14.57 7.26 -25.73
N THR B 285 -14.00 8.31 -26.35
CA THR B 285 -13.02 9.13 -25.63
C THR B 285 -13.66 9.85 -24.45
N MET B 286 -14.86 10.40 -24.64
CA MET B 286 -15.53 11.08 -23.53
C MET B 286 -15.81 10.13 -22.39
N THR B 287 -16.23 8.90 -22.70
CA THR B 287 -16.37 7.89 -21.65
C THR B 287 -15.02 7.58 -21.03
N THR B 288 -13.97 7.46 -21.85
CA THR B 288 -12.65 7.14 -21.33
C THR B 288 -12.13 8.23 -20.42
N ILE B 289 -12.27 9.50 -20.83
CA ILE B 289 -11.75 10.60 -20.01
C ILE B 289 -12.46 10.66 -18.67
N ASN B 290 -13.79 10.51 -18.69
CA ASN B 290 -14.55 10.57 -17.44
C ASN B 290 -14.22 9.39 -16.53
N THR B 291 -14.14 8.19 -17.09
CA THR B 291 -13.89 7.01 -16.28
C THR B 291 -12.43 6.88 -15.86
N HIS B 292 -11.52 7.60 -16.49
CA HIS B 292 -10.11 7.60 -16.09
C HIS B 292 -9.76 8.72 -15.13
N LEU B 293 -10.73 9.58 -14.82
CA LEU B 293 -10.50 10.66 -13.85
C LEU B 293 -10.93 10.28 -12.45
N ARG B 294 -11.94 9.42 -12.33
CA ARG B 294 -12.40 8.96 -11.03
C ARG B 294 -11.34 8.16 -10.28
N GLU B 295 -10.33 7.65 -10.98
CA GLU B 295 -9.30 6.86 -10.33
C GLU B 295 -8.53 7.68 -9.30
N THR B 296 -8.22 8.93 -9.63
CA THR B 296 -7.45 9.80 -8.74
C THR B 296 -8.28 10.43 -7.65
N LEU B 297 -9.52 9.99 -7.46
CA LEU B 297 -10.44 10.59 -6.50
C LEU B 297 -11.15 9.51 -5.70
N PRO B 298 -11.57 9.83 -4.49
CA PRO B 298 -12.31 8.85 -3.69
C PRO B 298 -13.69 8.58 -4.27
N LYS B 299 -14.28 7.47 -3.84
CA LYS B 299 -15.55 7.00 -4.37
C LYS B 299 -16.72 7.73 -3.69
N ILE B 300 -16.74 9.03 -3.88
CA ILE B 300 -17.79 9.89 -3.30
C ILE B 300 -19.08 9.68 -4.08
N PRO B 301 -20.22 9.55 -3.41
CA PRO B 301 -21.49 9.25 -4.09
C PRO B 301 -22.26 10.48 -4.54
N TYR B 302 -21.58 11.41 -5.20
CA TYR B 302 -22.25 12.59 -5.73
C TYR B 302 -21.50 13.11 -6.93
N VAL B 303 -22.19 13.92 -7.73
CA VAL B 303 -21.62 14.46 -8.96
C VAL B 303 -20.83 15.73 -8.61
N LYS B 304 -19.55 15.73 -8.96
CA LYS B 304 -18.72 16.91 -8.79
C LYS B 304 -18.95 17.89 -9.93
N ALA B 305 -18.32 19.05 -9.83
CA ALA B 305 -18.43 20.03 -10.90
C ALA B 305 -17.73 19.54 -12.16
N ILE B 306 -16.63 18.79 -12.00
CA ILE B 306 -15.93 18.26 -13.16
C ILE B 306 -16.74 17.15 -13.81
N ASP B 307 -17.41 16.31 -13.00
CA ASP B 307 -18.26 15.28 -13.55
C ASP B 307 -19.45 15.87 -14.29
N MET B 308 -19.99 16.99 -13.78
CA MET B 308 -21.10 17.63 -14.45
C MET B 308 -20.70 18.15 -15.82
N TYR B 309 -19.46 18.64 -15.95
CA TYR B 309 -19.00 19.15 -17.23
C TYR B 309 -18.75 18.01 -18.22
N LEU B 310 -18.11 16.93 -17.77
CA LEU B 310 -17.86 15.80 -18.66
C LEU B 310 -19.16 15.15 -19.10
N MET B 311 -20.14 15.08 -18.21
CA MET B 311 -21.47 14.59 -18.60
C MET B 311 -22.11 15.54 -19.60
N GLY B 312 -21.93 16.85 -19.40
CA GLY B 312 -22.50 17.81 -20.32
C GLY B 312 -21.93 17.69 -21.72
N CYS B 313 -20.62 17.51 -21.83
CA CYS B 313 -20.01 17.33 -23.15
C CYS B 313 -20.44 16.01 -23.78
N PHE B 314 -20.58 14.96 -22.97
CA PHE B 314 -20.98 13.67 -23.49
C PHE B 314 -22.37 13.72 -24.13
N VAL B 315 -23.27 14.52 -23.54
CA VAL B 315 -24.61 14.63 -24.10
C VAL B 315 -24.56 15.27 -25.49
N PHE B 316 -23.77 16.34 -25.64
CA PHE B 316 -23.61 16.93 -26.96
C PHE B 316 -22.93 15.97 -27.92
N VAL B 317 -21.91 15.25 -27.44
CA VAL B 317 -21.22 14.28 -28.29
C VAL B 317 -22.17 13.14 -28.67
N PHE B 318 -22.96 12.66 -27.71
CA PHE B 318 -23.90 11.58 -28.01
C PHE B 318 -24.95 12.03 -29.01
N LEU B 319 -25.43 13.26 -28.88
CA LEU B 319 -26.41 13.76 -29.83
C LEU B 319 -25.78 14.05 -31.18
N ALA B 320 -24.48 14.36 -31.22
CA ALA B 320 -23.79 14.51 -32.49
C ALA B 320 -23.79 13.20 -33.26
N LEU B 321 -23.52 12.08 -32.57
CA LEU B 321 -23.61 10.79 -33.22
C LEU B 321 -25.05 10.43 -33.57
N LEU B 322 -25.99 10.76 -32.68
CA LEU B 322 -27.39 10.54 -32.99
C LEU B 322 -27.89 11.44 -34.10
N GLU B 323 -27.20 12.54 -34.38
CA GLU B 323 -27.61 13.42 -35.47
C GLU B 323 -27.46 12.71 -36.81
N TYR B 324 -26.38 11.95 -37.00
CA TYR B 324 -26.21 11.20 -38.24
C TYR B 324 -27.14 10.00 -38.29
N ALA B 325 -27.32 9.31 -37.15
CA ALA B 325 -28.24 8.19 -37.10
C ALA B 325 -29.65 8.61 -37.47
N PHE B 326 -30.01 9.86 -37.16
CA PHE B 326 -31.30 10.38 -37.58
C PHE B 326 -31.30 10.72 -39.07
N VAL B 327 -30.18 11.25 -39.57
CA VAL B 327 -30.09 11.57 -41.00
C VAL B 327 -30.03 10.30 -41.83
N ASN B 328 -29.21 9.34 -41.42
CA ASN B 328 -29.13 8.07 -42.15
C ASN B 328 -30.46 7.33 -42.12
N TYR B 329 -31.27 7.54 -41.08
CA TYR B 329 -32.57 6.91 -41.04
C TYR B 329 -33.55 7.60 -41.98
N ILE B 330 -33.51 8.93 -42.06
CA ILE B 330 -34.45 9.65 -42.91
C ILE B 330 -34.15 9.40 -44.38
N PHE B 331 -32.87 9.48 -44.76
CA PHE B 331 -32.51 9.36 -46.16
C PHE B 331 -32.82 7.96 -46.71
N PHE B 332 -32.50 6.92 -45.95
CA PHE B 332 -32.69 5.55 -46.42
C PHE B 332 -33.97 4.91 -45.90
N GLY B 333 -34.20 4.96 -44.59
CA GLY B 333 -35.39 4.33 -44.03
C GLY B 333 -36.67 4.99 -44.49
N ARG B 334 -36.66 6.31 -44.64
CA ARG B 334 -37.82 7.07 -45.06
C ARG B 334 -37.64 7.68 -46.45
N GLY B 335 -36.84 7.03 -47.30
CA GLY B 335 -36.63 7.48 -48.65
C GLY B 335 -37.91 7.51 -49.47
N PRO B 336 -38.49 6.34 -49.75
CA PRO B 336 -39.76 6.24 -50.47
C PRO B 336 -40.90 6.97 -49.78
N ASP B 444 -36.25 17.28 -44.34
CA ASP B 444 -35.14 17.35 -45.29
C ASP B 444 -33.86 16.85 -44.63
N VAL B 445 -32.87 16.52 -45.44
CA VAL B 445 -31.61 15.95 -44.97
C VAL B 445 -30.54 17.01 -44.84
N ASN B 446 -30.33 17.83 -45.87
CA ASN B 446 -29.31 18.86 -45.80
C ASN B 446 -29.68 19.96 -44.83
N ALA B 447 -30.98 20.15 -44.57
CA ALA B 447 -31.40 21.16 -43.60
C ALA B 447 -30.91 20.82 -42.20
N ILE B 448 -30.96 19.54 -41.84
CA ILE B 448 -30.50 19.12 -40.51
C ILE B 448 -29.02 19.39 -40.36
N ASP B 449 -28.25 19.20 -41.42
CA ASP B 449 -26.81 19.45 -41.34
C ASP B 449 -26.51 20.93 -41.15
N ARG B 450 -27.14 21.79 -41.93
CA ARG B 450 -26.94 23.22 -41.75
C ARG B 450 -27.44 23.69 -40.39
N TRP B 451 -28.58 23.17 -39.96
CA TRP B 451 -29.10 23.50 -38.63
C TRP B 451 -28.14 23.02 -37.54
N SER B 452 -27.56 21.85 -37.71
CA SER B 452 -26.63 21.32 -36.71
C SER B 452 -25.35 22.13 -36.65
N ARG B 453 -24.89 22.66 -37.77
CA ARG B 453 -23.63 23.40 -37.80
C ARG B 453 -23.68 24.70 -37.03
N ILE B 454 -24.85 25.17 -36.64
CA ILE B 454 -25.01 26.40 -35.87
C ILE B 454 -25.42 26.11 -34.44
N VAL B 455 -26.48 25.32 -34.25
CA VAL B 455 -27.02 25.08 -32.91
C VAL B 455 -26.00 24.35 -32.04
N PHE B 456 -25.36 23.32 -32.58
CA PHE B 456 -24.39 22.57 -31.78
C PHE B 456 -23.22 23.43 -31.31
N PRO B 457 -22.58 24.24 -32.16
CA PRO B 457 -21.57 25.18 -31.62
C PRO B 457 -22.18 26.26 -30.75
N PHE B 458 -23.47 26.57 -30.91
CA PHE B 458 -24.11 27.61 -30.12
C PHE B 458 -24.49 27.10 -28.74
N THR B 459 -25.15 25.94 -28.68
CA THR B 459 -25.59 25.40 -27.40
C THR B 459 -24.40 25.05 -26.51
N PHE B 460 -23.35 24.47 -27.08
CA PHE B 460 -22.16 24.16 -26.30
C PHE B 460 -21.49 25.43 -25.79
N SER B 461 -21.43 26.47 -26.62
CA SER B 461 -20.95 27.76 -26.14
C SER B 461 -21.85 28.32 -25.05
N LEU B 462 -23.16 28.19 -25.22
CA LEU B 462 -24.10 28.59 -24.18
C LEU B 462 -23.90 27.74 -22.92
N PHE B 463 -23.62 26.45 -23.09
CA PHE B 463 -23.40 25.58 -21.94
C PHE B 463 -22.21 26.04 -21.12
N ASN B 464 -21.12 26.44 -21.77
CA ASN B 464 -19.96 26.93 -21.04
C ASN B 464 -20.29 28.18 -20.24
N LEU B 465 -21.12 29.06 -20.82
CA LEU B 465 -21.48 30.29 -20.12
C LEU B 465 -22.21 30.01 -18.82
N VAL B 466 -23.21 29.12 -18.86
CA VAL B 466 -23.95 28.78 -17.65
C VAL B 466 -23.05 28.05 -16.67
N TYR B 467 -22.23 27.11 -17.17
CA TYR B 467 -21.39 26.32 -16.28
C TYR B 467 -20.39 27.20 -15.53
N TRP B 468 -19.62 28.01 -16.26
CA TRP B 468 -18.53 28.72 -15.62
C TRP B 468 -19.04 29.83 -14.69
N LEU B 469 -20.09 30.54 -15.11
CA LEU B 469 -20.63 31.58 -14.24
C LEU B 469 -21.22 30.98 -12.96
N TYR B 470 -21.89 29.84 -13.08
CA TYR B 470 -22.45 29.19 -11.90
C TYR B 470 -21.37 28.73 -10.93
N TYR B 471 -20.17 28.42 -11.44
CA TYR B 471 -19.08 27.93 -10.62
C TYR B 471 -17.97 28.94 -10.39
N VAL B 472 -17.97 30.05 -11.12
CA VAL B 472 -16.95 31.08 -10.93
C VAL B 472 -17.60 32.45 -10.84
N VAL C 66 42.23 2.34 30.23
CA VAL C 66 41.21 3.13 29.57
C VAL C 66 39.92 3.11 30.39
N THR C 67 39.71 2.01 31.11
CA THR C 67 38.54 1.93 31.99
C THR C 67 38.61 3.00 33.07
N VAL C 68 39.79 3.22 33.64
CA VAL C 68 39.95 4.27 34.64
C VAL C 68 39.67 5.63 34.02
N ILE C 69 40.19 5.86 32.81
CA ILE C 69 40.02 7.16 32.17
C ILE C 69 38.55 7.45 31.89
N LEU C 70 37.83 6.45 31.35
CA LEU C 70 36.43 6.66 31.04
C LEU C 70 35.61 6.95 32.30
N ASN C 71 35.88 6.23 33.39
CA ASN C 71 35.16 6.48 34.63
C ASN C 71 35.49 7.85 35.21
N ASN C 72 36.72 8.32 35.03
CA ASN C 72 37.07 9.66 35.50
C ASN C 72 36.34 10.73 34.72
N LEU C 73 36.18 10.55 33.40
CA LEU C 73 35.53 11.57 32.59
C LEU C 73 34.07 11.73 32.96
N LEU C 74 33.33 10.61 33.02
CA LEU C 74 31.89 10.68 33.22
C LEU C 74 31.50 10.96 34.66
N GLU C 75 32.42 10.82 35.60
CA GLU C 75 32.09 11.07 37.00
C GLU C 75 31.93 12.56 37.22
N GLY C 76 30.74 12.98 37.64
CA GLY C 76 30.44 14.40 37.76
C GLY C 76 30.20 15.09 36.45
N TYR C 77 29.88 14.35 35.39
CA TYR C 77 29.64 14.93 34.08
C TYR C 77 28.15 15.16 33.90
N ASP C 78 27.78 16.37 33.52
CA ASP C 78 26.38 16.73 33.31
C ASP C 78 26.15 16.94 31.83
N ASN C 79 25.60 15.92 31.17
CA ASN C 79 25.39 15.98 29.73
C ASN C 79 24.21 16.85 29.34
N LYS C 80 23.48 17.39 30.32
CA LYS C 80 22.42 18.35 30.00
C LYS C 80 22.97 19.73 29.66
N LEU C 81 24.23 20.00 29.97
CA LEU C 81 24.82 21.31 29.78
C LEU C 81 25.87 21.26 28.69
N ARG C 82 25.79 22.18 27.75
CA ARG C 82 26.79 22.28 26.70
C ARG C 82 28.11 22.78 27.27
N PRO C 83 29.23 22.47 26.63
CA PRO C 83 30.51 23.00 27.10
C PRO C 83 30.54 24.52 27.02
N ASP C 84 31.16 25.14 28.01
CA ASP C 84 31.22 26.59 28.13
C ASP C 84 29.82 27.19 28.04
N ILE C 85 28.95 26.73 28.95
CA ILE C 85 27.55 27.12 28.89
C ILE C 85 27.38 28.60 29.22
N GLY C 86 28.19 29.12 30.15
CA GLY C 86 28.08 30.51 30.51
C GLY C 86 29.28 31.35 30.07
N VAL C 87 30.02 30.86 29.08
CA VAL C 87 31.26 31.51 28.70
C VAL C 87 31.25 31.94 27.24
N LYS C 88 31.17 30.98 26.33
CA LYS C 88 31.30 31.23 24.90
C LYS C 88 30.26 30.43 24.14
N PRO C 89 29.96 30.82 22.91
CA PRO C 89 29.27 29.90 22.00
C PRO C 89 30.15 28.69 21.74
N THR C 90 29.52 27.53 21.64
CA THR C 90 30.25 26.29 21.35
C THR C 90 30.49 26.22 19.84
N LEU C 91 31.75 26.27 19.45
CA LEU C 91 32.11 26.19 18.04
C LEU C 91 32.17 24.74 17.61
N ILE C 92 31.40 24.37 16.60
CA ILE C 92 31.29 23.01 16.14
C ILE C 92 31.73 22.95 14.69
N HIS C 93 32.73 22.13 14.39
CA HIS C 93 33.23 21.94 13.04
C HIS C 93 32.57 20.71 12.44
N THR C 94 32.01 20.86 11.24
CA THR C 94 31.24 19.81 10.61
C THR C 94 31.91 19.37 9.32
N ASP C 95 31.90 18.07 9.09
CA ASP C 95 32.41 17.46 7.87
C ASP C 95 31.40 16.44 7.38
N MET C 96 31.16 16.42 6.07
CA MET C 96 30.18 15.54 5.47
C MET C 96 30.82 14.75 4.35
N TYR C 97 30.57 13.44 4.33
CA TYR C 97 31.02 12.57 3.25
C TYR C 97 29.79 11.95 2.60
N VAL C 98 29.46 12.42 1.40
CA VAL C 98 28.26 11.98 0.70
C VAL C 98 28.52 10.58 0.16
N ASN C 99 28.02 9.57 0.86
CA ASN C 99 28.17 8.19 0.40
C ASN C 99 27.44 7.99 -0.93
N SER C 100 26.21 8.48 -1.03
CA SER C 100 25.46 8.40 -2.28
C SER C 100 24.29 9.36 -2.21
N ILE C 101 23.79 9.74 -3.38
CA ILE C 101 22.60 10.57 -3.52
C ILE C 101 21.51 9.74 -4.17
N GLY C 102 20.40 9.55 -3.46
CA GLY C 102 19.35 8.71 -3.92
C GLY C 102 18.57 9.35 -5.05
N PRO C 103 17.49 8.68 -5.47
CA PRO C 103 16.68 9.22 -6.56
C PRO C 103 16.06 10.56 -6.19
N VAL C 104 15.90 11.42 -7.18
CA VAL C 104 15.28 12.72 -7.01
C VAL C 104 13.81 12.59 -7.41
N ASN C 105 12.93 12.65 -6.42
CA ASN C 105 11.50 12.46 -6.66
C ASN C 105 10.88 13.82 -6.96
N ALA C 106 10.60 14.08 -8.24
CA ALA C 106 10.01 15.36 -8.63
C ALA C 106 8.57 15.46 -8.18
N ILE C 107 7.87 14.34 -8.04
CA ILE C 107 6.47 14.36 -7.62
C ILE C 107 6.35 14.89 -6.20
N ASN C 108 7.18 14.39 -5.29
CA ASN C 108 7.16 14.83 -3.90
C ASN C 108 8.18 15.93 -3.61
N MET C 109 8.96 16.35 -4.62
CA MET C 109 9.99 17.36 -4.45
C MET C 109 10.96 16.98 -3.33
N GLU C 110 11.42 15.73 -3.37
CA GLU C 110 12.35 15.20 -2.40
C GLU C 110 13.53 14.56 -3.12
N TYR C 111 14.65 14.45 -2.40
CA TYR C 111 15.76 13.62 -2.82
C TYR C 111 16.32 12.94 -1.58
N THR C 112 16.87 11.75 -1.77
CA THR C 112 17.46 10.98 -0.70
C THR C 112 18.98 11.09 -0.76
N ILE C 113 19.61 11.21 0.40
CA ILE C 113 21.06 11.30 0.47
C ILE C 113 21.55 10.49 1.66
N ASP C 114 22.65 9.78 1.46
CA ASP C 114 23.28 8.96 2.49
C ASP C 114 24.66 9.55 2.75
N ILE C 115 24.92 9.93 3.99
CA ILE C 115 26.12 10.68 4.33
C ILE C 115 26.75 10.06 5.57
N PHE C 116 27.98 10.46 5.84
CA PHE C 116 28.68 10.19 7.10
C PHE C 116 28.89 11.55 7.75
N PHE C 117 27.93 11.97 8.57
CA PHE C 117 27.95 13.30 9.14
C PHE C 117 28.87 13.33 10.35
N ALA C 118 29.91 14.18 10.28
CA ALA C 118 30.92 14.25 11.32
C ALA C 118 30.93 15.64 11.93
N GLN C 119 30.87 15.71 13.26
CA GLN C 119 30.87 16.97 13.99
C GLN C 119 32.03 16.97 14.98
N THR C 120 32.75 18.08 15.05
CA THR C 120 33.90 18.21 15.93
C THR C 120 33.71 19.42 16.82
N TRP C 121 34.04 19.29 18.09
CA TRP C 121 33.95 20.38 19.05
C TRP C 121 34.89 20.08 20.20
N TYR C 122 35.02 21.06 21.09
CA TYR C 122 35.89 20.94 22.26
C TYR C 122 35.04 20.97 23.52
N ASP C 123 35.24 19.97 24.38
CA ASP C 123 34.60 19.89 25.68
C ASP C 123 35.69 19.77 26.73
N ARG C 124 35.91 20.84 27.48
CA ARG C 124 36.97 20.84 28.48
C ARG C 124 36.74 19.79 29.57
N ARG C 125 35.50 19.36 29.77
CA ARG C 125 35.22 18.30 30.73
C ARG C 125 35.80 16.96 30.30
N LEU C 126 36.14 16.81 29.01
CA LEU C 126 36.65 15.57 28.46
C LEU C 126 38.15 15.64 28.20
N LYS C 127 38.89 16.29 29.09
CA LYS C 127 40.34 16.34 29.03
C LYS C 127 40.93 15.26 29.91
N PHE C 128 41.86 14.48 29.38
CA PHE C 128 42.57 13.49 30.16
C PHE C 128 44.05 13.57 29.85
N ASN C 129 44.87 13.28 30.86
CA ASN C 129 46.31 13.21 30.71
C ASN C 129 46.72 11.75 30.71
N SER C 130 47.23 11.29 29.57
CA SER C 130 47.61 9.90 29.42
C SER C 130 48.57 9.78 28.25
N THR C 131 49.13 8.59 28.09
CA THR C 131 50.06 8.31 26.99
C THR C 131 49.36 7.79 25.75
N ILE C 132 48.04 7.63 25.78
CA ILE C 132 47.34 7.06 24.65
C ILE C 132 46.89 8.12 23.64
N LYS C 133 46.60 9.33 24.10
CA LYS C 133 46.38 10.52 23.29
C LYS C 133 45.10 10.49 22.47
N VAL C 134 44.37 9.38 22.46
CA VAL C 134 43.09 9.32 21.75
C VAL C 134 42.32 8.12 22.25
N LEU C 135 41.02 8.32 22.45
CA LEU C 135 40.10 7.24 22.83
C LEU C 135 39.18 6.98 21.65
N ARG C 136 39.13 5.74 21.20
CA ARG C 136 38.27 5.34 20.10
C ARG C 136 37.16 4.45 20.65
N LEU C 137 35.92 4.90 20.47
CA LEU C 137 34.78 4.27 21.12
C LEU C 137 33.67 4.05 20.11
N ASN C 138 32.80 3.11 20.43
CA ASN C 138 31.61 2.83 19.64
C ASN C 138 30.47 3.71 20.16
N SER C 139 29.24 3.40 19.72
CA SER C 139 28.09 4.24 20.04
C SER C 139 27.65 4.14 21.50
N ASN C 140 28.23 3.23 22.29
CA ASN C 140 27.82 3.10 23.69
C ASN C 140 28.07 4.38 24.47
N MET C 141 29.21 5.02 24.23
CA MET C 141 29.57 6.23 24.95
C MET C 141 28.82 7.45 24.46
N VAL C 142 28.21 7.39 23.28
CA VAL C 142 27.61 8.57 22.67
C VAL C 142 26.55 9.18 23.58
N GLY C 143 25.71 8.34 24.17
CA GLY C 143 24.64 8.86 25.00
C GLY C 143 25.08 9.35 26.36
N LYS C 144 26.30 9.05 26.78
CA LYS C 144 26.77 9.42 28.11
C LYS C 144 27.31 10.85 28.19
N ILE C 145 27.57 11.49 27.05
CA ILE C 145 28.19 12.80 27.04
C ILE C 145 27.28 13.76 26.26
N TRP C 146 27.59 15.05 26.35
CA TRP C 146 26.83 16.05 25.63
C TRP C 146 27.04 15.91 24.14
N ILE C 147 25.96 15.94 23.38
CA ILE C 147 26.00 15.82 21.93
C ILE C 147 25.18 16.96 21.35
N PRO C 148 25.66 17.65 20.31
CA PRO C 148 24.88 18.74 19.72
C PRO C 148 23.56 18.25 19.18
N ASP C 149 22.52 19.07 19.34
CA ASP C 149 21.20 18.70 18.86
C ASP C 149 21.04 19.11 17.39
N THR C 150 21.98 18.71 16.56
CA THR C 150 21.94 19.08 15.15
C THR C 150 20.84 18.27 14.46
N PHE C 151 19.87 18.97 13.92
CA PHE C 151 18.84 18.38 13.08
C PHE C 151 18.96 18.96 11.68
N PHE C 152 18.09 18.54 10.79
CA PHE C 152 18.11 18.98 9.40
C PHE C 152 16.82 19.72 9.09
N ARG C 153 16.95 21.00 8.77
CA ARG C 153 15.79 21.87 8.67
C ARG C 153 14.86 21.45 7.54
N ASN C 154 15.42 21.10 6.38
CA ASN C 154 14.62 20.72 5.22
C ASN C 154 14.41 19.21 5.12
N SER C 155 14.63 18.49 6.21
CA SER C 155 14.48 17.05 6.21
C SER C 155 13.02 16.66 6.39
N LYS C 156 12.51 15.80 5.50
CA LYS C 156 11.20 15.22 5.68
C LYS C 156 11.26 13.96 6.53
N LYS C 157 12.08 13.00 6.15
CA LYS C 157 12.30 11.79 6.93
C LYS C 157 13.79 11.50 6.93
N ALA C 158 14.39 11.44 8.12
CA ALA C 158 15.80 11.12 8.27
C ALA C 158 15.94 9.97 9.24
N ASP C 159 16.88 9.08 8.95
CA ASP C 159 17.10 7.89 9.77
C ASP C 159 18.58 7.71 10.03
N ALA C 160 18.89 7.20 11.22
CA ALA C 160 20.21 6.67 11.50
C ALA C 160 20.23 5.22 11.03
N HIS C 161 21.29 4.49 11.36
CA HIS C 161 21.40 3.09 10.99
C HIS C 161 21.80 2.28 12.22
N TRP C 162 21.07 1.18 12.45
CA TRP C 162 21.22 0.41 13.67
C TRP C 162 21.57 -1.05 13.40
N ILE C 163 22.03 -1.36 12.20
CA ILE C 163 22.38 -2.72 11.81
C ILE C 163 23.87 -2.76 11.51
N THR C 164 24.59 -3.65 12.18
CA THR C 164 24.09 -4.58 13.19
C THR C 164 24.03 -3.91 14.55
N THR C 165 24.67 -2.75 14.65
CA THR C 165 24.69 -1.92 15.83
C THR C 165 24.47 -0.48 15.39
N PRO C 166 24.24 0.44 16.32
CA PRO C 166 24.15 1.85 15.94
C PRO C 166 25.39 2.31 15.18
N ASN C 167 25.18 2.78 13.96
CA ASN C 167 26.27 3.25 13.09
C ASN C 167 26.75 4.61 13.56
N ARG C 168 27.43 4.60 14.71
CA ARG C 168 27.95 5.81 15.31
C ARG C 168 29.37 5.57 15.77
N MET C 169 30.19 6.61 15.71
CA MET C 169 31.57 6.56 16.16
C MET C 169 31.86 7.79 17.00
N LEU C 170 32.63 7.60 18.06
CA LEU C 170 32.96 8.69 18.98
C LEU C 170 34.43 8.57 19.36
N ARG C 171 35.20 9.61 19.08
CA ARG C 171 36.62 9.66 19.43
C ARG C 171 36.89 10.90 20.27
N ILE C 172 37.68 10.74 21.32
CA ILE C 172 37.96 11.80 22.28
C ILE C 172 39.47 11.93 22.42
N TRP C 173 40.00 13.11 22.11
CA TRP C 173 41.42 13.34 22.26
C TRP C 173 41.74 13.84 23.67
N ASN C 174 43.03 13.88 23.99
CA ASN C 174 43.46 14.23 25.33
C ASN C 174 43.21 15.69 25.66
N ASP C 175 43.14 16.56 24.65
CA ASP C 175 42.90 17.98 24.86
C ASP C 175 41.42 18.32 24.94
N GLY C 176 40.54 17.34 24.79
CA GLY C 176 39.11 17.55 24.86
C GLY C 176 38.40 17.57 23.52
N ARG C 177 39.13 17.52 22.41
CA ARG C 177 38.48 17.51 21.11
C ARG C 177 37.67 16.24 20.93
N VAL C 178 36.44 16.39 20.46
CA VAL C 178 35.52 15.29 20.27
C VAL C 178 35.17 15.19 18.80
N LEU C 179 35.30 14.00 18.24
CA LEU C 179 34.86 13.70 16.89
C LEU C 179 33.71 12.71 16.98
N TYR C 180 32.57 13.07 16.41
CA TYR C 180 31.36 12.25 16.48
C TYR C 180 30.82 12.08 15.08
N THR C 181 30.97 10.88 14.52
CA THR C 181 30.51 10.55 13.19
C THR C 181 29.35 9.57 13.28
N LEU C 182 28.32 9.81 12.49
CA LEU C 182 27.21 8.87 12.40
C LEU C 182 26.70 8.83 10.97
N ARG C 183 26.07 7.72 10.62
CA ARG C 183 25.58 7.50 9.27
C ARG C 183 24.11 7.86 9.20
N LEU C 184 23.74 8.64 8.19
CA LEU C 184 22.40 9.19 8.08
C LEU C 184 21.85 8.96 6.67
N THR C 185 20.57 8.63 6.60
CA THR C 185 19.82 8.63 5.35
C THR C 185 18.76 9.71 5.47
N ILE C 186 18.80 10.68 4.58
CA ILE C 186 17.98 11.89 4.72
C ILE C 186 17.18 12.09 3.43
N ASP C 187 15.86 12.28 3.59
CA ASP C 187 15.01 12.66 2.47
C ASP C 187 14.77 14.16 2.55
N ALA C 188 15.79 14.92 2.16
CA ALA C 188 15.71 16.36 2.21
C ALA C 188 14.66 16.89 1.23
N GLU C 189 14.03 17.99 1.62
CA GLU C 189 13.02 18.64 0.78
C GLU C 189 13.72 19.62 -0.15
N CYS C 190 13.68 19.33 -1.45
CA CYS C 190 14.33 20.15 -2.46
C CYS C 190 13.25 20.71 -3.39
N GLN C 191 12.79 21.92 -3.11
CA GLN C 191 11.78 22.55 -3.95
C GLN C 191 12.31 22.73 -5.36
N LEU C 192 11.52 22.32 -6.34
CA LEU C 192 11.92 22.31 -7.74
C LEU C 192 11.04 23.25 -8.53
N GLN C 193 11.67 24.17 -9.27
CA GLN C 193 10.96 24.98 -10.26
C GLN C 193 10.96 24.18 -11.56
N LEU C 194 9.85 23.51 -11.83
CA LEU C 194 9.77 22.57 -12.95
C LEU C 194 9.51 23.25 -14.28
N HIS C 195 9.74 24.56 -14.38
CA HIS C 195 9.79 25.20 -15.68
C HIS C 195 11.00 24.66 -16.44
N ASN C 196 10.93 24.72 -17.78
CA ASN C 196 11.94 24.18 -18.68
C ASN C 196 12.07 22.68 -18.60
N PHE C 197 11.10 22.00 -17.98
CA PHE C 197 11.14 20.55 -17.90
C PHE C 197 10.99 19.95 -19.29
N PRO C 198 11.79 18.94 -19.64
CA PRO C 198 12.80 18.24 -18.84
C PRO C 198 14.22 18.78 -19.02
N MET C 199 14.39 19.95 -19.64
CA MET C 199 15.70 20.57 -19.75
C MET C 199 16.07 21.38 -18.52
N ASP C 200 15.42 21.12 -17.39
CA ASP C 200 15.60 21.92 -16.19
C ASP C 200 16.86 21.51 -15.44
N GLU C 201 17.31 22.40 -14.57
CA GLU C 201 18.44 22.17 -13.69
C GLU C 201 18.07 22.61 -12.28
N HIS C 202 18.64 21.94 -11.28
CA HIS C 202 18.29 22.22 -9.90
C HIS C 202 19.54 22.23 -9.03
N SER C 203 19.46 22.98 -7.94
CA SER C 203 20.51 23.05 -6.92
C SER C 203 19.84 22.69 -5.60
N CYS C 204 19.97 21.43 -5.20
CA CYS C 204 19.22 20.93 -4.05
C CYS C 204 19.94 21.25 -2.75
N PRO C 205 19.28 21.89 -1.79
CA PRO C 205 19.95 22.25 -0.54
C PRO C 205 19.84 21.16 0.52
N LEU C 206 20.71 21.28 1.52
CA LEU C 206 20.65 20.42 2.70
C LEU C 206 21.07 21.28 3.89
N GLU C 207 20.11 21.73 4.66
CA GLU C 207 20.33 22.64 5.77
C GLU C 207 20.37 21.88 7.08
N PHE C 208 21.22 22.34 8.00
CA PHE C 208 21.22 21.79 9.34
C PHE C 208 21.61 22.88 10.33
N SER C 209 21.11 22.75 11.56
CA SER C 209 21.35 23.72 12.61
C SER C 209 20.98 23.09 13.94
N SER C 210 21.35 23.77 15.02
CA SER C 210 20.93 23.34 16.34
C SER C 210 19.44 23.62 16.51
N TYR C 211 18.73 22.71 17.17
CA TYR C 211 17.30 22.91 17.34
C TYR C 211 17.00 23.93 18.43
N GLY C 212 17.75 23.91 19.52
CA GLY C 212 17.41 24.75 20.66
C GLY C 212 18.48 25.74 21.07
N TYR C 213 19.69 25.58 20.56
CA TYR C 213 20.81 26.44 20.95
C TYR C 213 20.98 27.56 19.94
N PRO C 214 20.80 28.82 20.33
CA PRO C 214 20.94 29.92 19.36
C PRO C 214 22.39 30.28 19.08
N ARG C 215 22.60 31.32 18.27
CA ARG C 215 23.95 31.66 17.83
C ARG C 215 24.86 32.10 18.97
N GLU C 216 24.29 32.48 20.12
CA GLU C 216 25.11 32.82 21.28
C GLU C 216 25.51 31.59 22.08
N GLU C 217 25.08 30.41 21.68
CA GLU C 217 25.39 29.20 22.41
C GLU C 217 26.05 28.14 21.55
N ILE C 218 25.68 28.02 20.28
CA ILE C 218 26.29 27.06 19.37
C ILE C 218 26.52 27.72 18.03
N VAL C 219 27.75 27.63 17.53
CA VAL C 219 28.14 28.15 16.23
C VAL C 219 28.68 27.00 15.41
N TYR C 220 28.25 26.92 14.15
CA TYR C 220 28.72 25.88 13.24
C TYR C 220 29.69 26.49 12.24
N GLN C 221 30.74 25.74 11.90
CA GLN C 221 31.73 26.20 10.95
C GLN C 221 32.26 25.02 10.15
N TRP C 222 32.34 25.20 8.83
CA TRP C 222 32.90 24.17 7.97
C TRP C 222 34.39 23.99 8.24
N LYS C 223 34.97 23.04 7.53
CA LYS C 223 36.41 22.77 7.59
C LYS C 223 37.03 22.99 6.22
N ARG C 224 38.31 22.64 6.10
CA ARG C 224 38.97 22.71 4.80
C ARG C 224 38.42 21.65 3.84
N SER C 225 37.94 20.53 4.37
CA SER C 225 37.44 19.43 3.56
C SER C 225 35.97 19.20 3.87
N SER C 226 35.20 20.28 3.92
CA SER C 226 33.83 20.24 4.41
C SER C 226 33.03 19.09 3.79
N VAL C 227 32.90 19.10 2.48
CA VAL C 227 32.10 18.10 1.77
C VAL C 227 33.02 17.30 0.87
N GLU C 228 32.96 15.98 1.00
CA GLU C 228 33.72 15.06 0.17
C GLU C 228 32.75 14.08 -0.47
N VAL C 229 32.86 13.90 -1.77
CA VAL C 229 31.95 13.03 -2.51
C VAL C 229 32.71 11.78 -2.92
N GLY C 230 31.95 10.73 -3.25
CA GLY C 230 32.53 9.46 -3.63
C GLY C 230 32.78 9.32 -5.11
N ASP C 231 32.49 8.14 -5.66
CA ASP C 231 32.70 7.90 -7.08
C ASP C 231 31.72 8.69 -7.94
N THR C 232 30.57 9.08 -7.39
CA THR C 232 29.48 9.73 -8.12
C THR C 232 28.94 8.90 -9.26
N ARG C 233 29.32 7.63 -9.34
CA ARG C 233 28.80 6.69 -10.33
C ARG C 233 27.88 5.64 -9.73
N SER C 234 28.16 5.20 -8.50
CA SER C 234 27.26 4.30 -7.79
C SER C 234 26.01 5.01 -7.30
N TRP C 235 25.97 6.35 -7.38
CA TRP C 235 24.80 7.09 -6.94
C TRP C 235 23.60 6.77 -7.81
N ARG C 236 22.42 6.83 -7.20
CA ARG C 236 21.19 6.52 -7.91
C ARG C 236 20.62 7.75 -8.62
N LEU C 237 21.45 8.42 -9.40
CA LEU C 237 21.04 9.57 -10.20
C LEU C 237 20.78 9.08 -11.62
N TYR C 238 19.53 8.74 -11.89
CA TYR C 238 19.14 8.28 -13.23
C TYR C 238 18.82 9.45 -14.15
N GLN C 239 17.86 10.28 -13.75
CA GLN C 239 17.42 11.38 -14.58
C GLN C 239 18.30 12.60 -14.48
N PHE C 240 19.15 12.67 -13.46
CA PHE C 240 20.00 13.84 -13.24
C PHE C 240 21.47 13.42 -13.25
N SER C 241 22.34 14.42 -13.25
CA SER C 241 23.77 14.20 -13.14
C SER C 241 24.35 15.19 -12.15
N PHE C 242 25.18 14.69 -11.22
CA PHE C 242 25.81 15.54 -10.22
C PHE C 242 26.86 16.42 -10.89
N VAL C 243 26.65 17.74 -10.84
CA VAL C 243 27.54 18.66 -11.55
C VAL C 243 28.26 19.64 -10.62
N GLY C 244 27.71 19.97 -9.46
CA GLY C 244 28.31 21.00 -8.64
C GLY C 244 28.05 20.81 -7.17
N LEU C 245 28.73 21.64 -6.37
CA LEU C 245 28.69 21.53 -4.92
C LEU C 245 29.22 22.80 -4.27
N ARG C 246 28.43 23.42 -3.40
CA ARG C 246 28.89 24.61 -2.69
C ARG C 246 28.29 24.62 -1.29
N ASN C 247 29.01 25.25 -0.37
CA ASN C 247 28.66 25.31 1.03
C ASN C 247 28.46 26.77 1.44
N THR C 248 27.43 27.02 2.23
CA THR C 248 27.11 28.37 2.69
C THR C 248 26.88 28.38 4.19
N THR C 249 26.68 29.58 4.74
CA THR C 249 26.40 29.77 6.15
C THR C 249 25.61 31.05 6.32
N GLU C 250 24.66 31.05 7.24
CA GLU C 250 23.84 32.23 7.48
C GLU C 250 23.27 32.16 8.88
N VAL C 251 22.61 33.24 9.29
CA VAL C 251 21.89 33.30 10.55
C VAL C 251 20.43 33.54 10.25
N VAL C 252 19.57 32.65 10.73
CA VAL C 252 18.14 32.72 10.47
C VAL C 252 17.43 33.06 11.77
N LYS C 253 16.63 34.12 11.75
CA LYS C 253 15.90 34.57 12.92
C LYS C 253 14.57 33.85 13.00
N THR C 254 14.31 33.23 14.15
CA THR C 254 13.07 32.53 14.42
C THR C 254 12.42 33.13 15.66
N THR C 255 11.35 32.49 16.13
CA THR C 255 10.69 32.96 17.34
C THR C 255 11.57 32.72 18.56
N SER C 256 12.32 31.63 18.57
CA SER C 256 13.11 31.25 19.73
C SER C 256 14.48 31.92 19.77
N GLY C 257 14.90 32.59 18.71
CA GLY C 257 16.17 33.28 18.71
C GLY C 257 16.80 33.25 17.33
N ASP C 258 18.08 33.56 17.28
CA ASP C 258 18.87 33.56 16.06
C ASP C 258 19.73 32.31 16.01
N TYR C 259 19.59 31.55 14.92
CA TYR C 259 20.26 30.27 14.79
C TYR C 259 21.20 30.29 13.59
N VAL C 260 22.41 29.78 13.80
CA VAL C 260 23.37 29.63 12.71
C VAL C 260 22.98 28.41 11.88
N VAL C 261 22.80 28.62 10.58
CA VAL C 261 22.33 27.58 9.67
C VAL C 261 23.43 27.31 8.65
N MET C 262 23.77 26.04 8.46
CA MET C 262 24.74 25.62 7.47
C MET C 262 24.01 24.86 6.37
N SER C 263 24.25 25.27 5.12
CA SER C 263 23.52 24.73 3.98
C SER C 263 24.50 24.26 2.93
N VAL C 264 24.34 23.01 2.48
CA VAL C 264 25.12 22.45 1.39
C VAL C 264 24.23 22.42 0.15
N TYR C 265 24.75 22.91 -0.96
CA TYR C 265 24.01 22.94 -2.21
C TYR C 265 24.65 21.96 -3.19
N PHE C 266 23.86 20.98 -3.64
CA PHE C 266 24.28 20.04 -4.67
C PHE C 266 23.61 20.45 -5.97
N ASP C 267 24.41 20.71 -7.00
CA ASP C 267 23.90 21.12 -8.30
C ASP C 267 23.58 19.88 -9.13
N LEU C 268 22.34 19.76 -9.58
CA LEU C 268 21.89 18.62 -10.35
C LEU C 268 21.24 19.11 -11.63
N SER C 269 21.67 18.56 -12.76
CA SER C 269 21.11 18.90 -14.07
C SER C 269 20.42 17.67 -14.64
N ARG C 270 19.18 17.83 -15.09
CA ARG C 270 18.42 16.72 -15.61
C ARG C 270 18.98 16.27 -16.96
N ARG C 271 19.00 14.95 -17.17
CA ARG C 271 19.37 14.37 -18.45
C ARG C 271 18.09 14.10 -19.24
N MET C 272 18.00 14.69 -20.43
CA MET C 272 16.78 14.66 -21.23
C MET C 272 16.64 13.39 -22.06
N GLY C 273 17.62 12.50 -22.02
CA GLY C 273 17.60 11.33 -22.88
C GLY C 273 16.40 10.44 -22.63
N TYR C 274 16.08 10.19 -21.37
CA TYR C 274 14.97 9.28 -21.06
C TYR C 274 13.64 9.83 -21.54
N PHE C 275 13.40 11.13 -21.35
CA PHE C 275 12.12 11.70 -21.75
C PHE C 275 11.99 11.80 -23.26
N THR C 276 13.12 11.91 -23.97
CA THR C 276 13.08 11.84 -25.42
C THR C 276 12.57 10.48 -25.89
N ILE C 277 13.03 9.41 -25.25
CA ILE C 277 12.57 8.07 -25.60
C ILE C 277 11.08 7.93 -25.34
N GLN C 278 10.62 8.41 -24.19
CA GLN C 278 9.24 8.18 -23.76
C GLN C 278 8.26 9.19 -24.32
N THR C 279 8.64 10.46 -24.42
CA THR C 279 7.70 11.52 -24.78
C THR C 279 8.00 12.15 -26.12
N TYR C 280 9.20 12.69 -26.32
CA TYR C 280 9.47 13.52 -27.49
C TYR C 280 9.42 12.70 -28.77
N ILE C 281 10.09 11.54 -28.79
CA ILE C 281 10.07 10.71 -29.99
C ILE C 281 8.67 10.17 -30.29
N PRO C 282 7.95 9.56 -29.36
CA PRO C 282 6.59 9.10 -29.70
C PRO C 282 5.66 10.22 -30.14
N CYS C 283 5.80 11.40 -29.55
CA CYS C 283 4.95 12.52 -29.96
C CYS C 283 5.31 13.00 -31.37
N THR C 284 6.60 13.03 -31.69
CA THR C 284 7.02 13.45 -33.02
C THR C 284 6.50 12.50 -34.09
N LEU C 285 6.57 11.20 -33.83
CA LEU C 285 6.16 10.23 -34.84
C LEU C 285 4.65 10.26 -35.10
N ILE C 286 3.86 10.64 -34.10
CA ILE C 286 2.44 10.83 -34.32
C ILE C 286 2.19 12.03 -35.23
N VAL C 287 3.02 13.07 -35.10
CA VAL C 287 2.92 14.21 -36.01
C VAL C 287 3.21 13.79 -37.43
N VAL C 288 4.28 12.99 -37.62
CA VAL C 288 4.57 12.46 -38.95
C VAL C 288 3.47 11.51 -39.40
N LEU C 289 2.91 10.75 -38.47
CA LEU C 289 1.85 9.81 -38.81
C LEU C 289 0.64 10.50 -39.40
N SER C 290 0.26 11.65 -38.84
CA SER C 290 -0.86 12.41 -39.38
C SER C 290 -0.55 12.97 -40.75
N TRP C 291 0.73 13.25 -41.04
CA TRP C 291 1.12 13.73 -42.36
C TRP C 291 0.89 12.69 -43.45
N VAL C 292 0.82 11.40 -43.08
CA VAL C 292 0.60 10.36 -44.07
C VAL C 292 -0.75 10.54 -44.74
N SER C 293 -1.75 11.02 -43.98
CA SER C 293 -3.07 11.26 -44.56
C SER C 293 -3.04 12.32 -45.66
N PHE C 294 -2.01 13.16 -45.69
CA PHE C 294 -1.89 14.14 -46.76
C PHE C 294 -1.57 13.47 -48.10
N TRP C 295 -0.66 12.49 -48.09
CA TRP C 295 -0.33 11.79 -49.32
C TRP C 295 -1.41 10.80 -49.72
N ILE C 296 -2.29 10.40 -48.80
CA ILE C 296 -3.40 9.54 -49.16
C ILE C 296 -4.30 10.27 -50.14
N ASN C 297 -4.74 9.55 -51.17
CA ASN C 297 -5.54 10.17 -52.22
C ASN C 297 -6.84 10.71 -51.64
N LYS C 298 -7.30 11.82 -52.21
CA LYS C 298 -8.55 12.42 -51.79
C LYS C 298 -9.70 11.45 -52.04
N ASP C 299 -10.87 11.79 -51.50
CA ASP C 299 -12.12 11.03 -51.62
C ASP C 299 -12.05 9.70 -50.88
N ALA C 300 -10.93 9.38 -50.23
CA ALA C 300 -10.83 8.21 -49.35
C ALA C 300 -11.27 8.62 -47.95
N VAL C 301 -12.56 8.93 -47.84
CA VAL C 301 -13.07 9.54 -46.60
C VAL C 301 -12.90 8.63 -45.39
N PRO C 302 -13.27 7.34 -45.42
CA PRO C 302 -13.01 6.49 -44.25
C PRO C 302 -11.54 6.33 -43.94
N ALA C 303 -10.65 6.56 -44.90
CA ALA C 303 -9.23 6.34 -44.68
C ALA C 303 -8.59 7.51 -43.94
N ARG C 304 -8.74 8.71 -44.48
CA ARG C 304 -8.08 9.88 -43.88
C ARG C 304 -8.78 10.33 -42.60
N THR C 305 -10.11 10.30 -42.57
CA THR C 305 -10.83 10.71 -41.37
C THR C 305 -10.51 9.80 -40.20
N SER C 306 -10.47 8.49 -40.43
CA SER C 306 -10.07 7.58 -39.37
C SER C 306 -8.63 7.83 -38.95
N LEU C 307 -7.75 8.11 -39.92
CA LEU C 307 -6.36 8.44 -39.60
C LEU C 307 -6.26 9.73 -38.81
N GLY C 308 -7.08 10.73 -39.16
CA GLY C 308 -7.01 12.00 -38.47
C GLY C 308 -7.46 11.92 -37.02
N ILE C 309 -8.57 11.23 -36.76
CA ILE C 309 -9.11 11.16 -35.40
C ILE C 309 -8.22 10.31 -34.51
N THR C 310 -7.68 9.21 -35.05
CA THR C 310 -6.92 8.28 -34.22
C THR C 310 -5.59 8.88 -33.77
N THR C 311 -5.07 9.88 -34.48
CA THR C 311 -3.85 10.55 -34.00
C THR C 311 -4.18 11.48 -32.85
N VAL C 312 -5.29 12.21 -32.93
CA VAL C 312 -5.69 13.08 -31.83
C VAL C 312 -6.00 12.27 -30.58
N LEU C 313 -6.70 11.14 -30.75
CA LEU C 313 -6.94 10.25 -29.63
C LEU C 313 -5.63 9.73 -29.05
N THR C 314 -4.67 9.41 -29.92
CA THR C 314 -3.37 8.94 -29.44
C THR C 314 -2.61 10.05 -28.74
N MET C 315 -2.69 11.28 -29.25
CA MET C 315 -1.99 12.40 -28.61
C MET C 315 -2.55 12.67 -27.22
N THR C 316 -3.86 12.53 -27.04
CA THR C 316 -4.46 12.72 -25.72
C THR C 316 -3.89 11.72 -24.72
N THR C 317 -3.80 10.46 -25.11
CA THR C 317 -3.19 9.46 -24.21
C THR C 317 -1.73 9.77 -23.96
N LEU C 318 -1.00 10.16 -25.01
CA LEU C 318 0.41 10.51 -24.84
C LEU C 318 0.58 11.75 -23.98
N SER C 319 -0.33 12.71 -24.07
CA SER C 319 -0.26 13.91 -23.24
C SER C 319 -0.38 13.55 -21.76
N THR C 320 -1.29 12.63 -21.44
CA THR C 320 -1.49 12.22 -20.05
C THR C 320 -0.25 11.52 -19.50
N ILE C 321 0.40 10.70 -20.32
CA ILE C 321 1.56 9.95 -19.86
C ILE C 321 2.70 10.88 -19.49
N ALA C 322 2.86 11.98 -20.23
CA ALA C 322 3.93 12.93 -19.92
C ALA C 322 3.76 13.54 -18.55
N ARG C 323 2.52 13.89 -18.17
CA ARG C 323 2.29 14.53 -16.88
C ARG C 323 2.45 13.59 -15.71
N LYS C 324 2.47 12.27 -15.94
CA LYS C 324 2.51 11.31 -14.84
C LYS C 324 3.81 11.39 -14.04
N SER C 325 4.85 11.99 -14.61
CA SER C 325 6.13 12.11 -13.92
C SER C 325 6.28 13.44 -13.18
N LEU C 326 5.24 14.27 -13.15
CA LEU C 326 5.29 15.58 -12.51
C LEU C 326 4.12 15.75 -11.56
N PRO C 327 4.28 16.59 -10.53
CA PRO C 327 3.14 16.97 -9.70
C PRO C 327 2.19 17.86 -10.48
N LYS C 328 0.96 17.97 -9.95
CA LYS C 328 -0.11 18.67 -10.65
C LYS C 328 0.08 20.19 -10.56
N VAL C 329 1.21 20.65 -11.10
CA VAL C 329 1.54 22.07 -11.09
C VAL C 329 0.61 22.81 -12.03
N SER C 330 0.41 24.10 -11.77
CA SER C 330 -0.51 24.94 -12.53
C SER C 330 0.18 25.74 -13.61
N TYR C 331 1.48 25.59 -13.80
CA TYR C 331 2.22 26.30 -14.83
C TYR C 331 2.62 25.33 -15.93
N VAL C 332 2.67 25.84 -17.16
CA VAL C 332 2.95 25.02 -18.32
C VAL C 332 4.46 24.77 -18.40
N THR C 333 4.86 23.51 -18.28
CA THR C 333 6.25 23.14 -18.44
C THR C 333 6.63 23.14 -19.92
N ALA C 334 7.93 23.03 -20.18
CA ALA C 334 8.40 23.03 -21.57
C ALA C 334 7.86 21.82 -22.32
N MET C 335 7.86 20.65 -21.69
CA MET C 335 7.35 19.46 -22.34
C MET C 335 5.86 19.61 -22.65
N ASP C 336 5.10 20.22 -21.74
CA ASP C 336 3.68 20.42 -21.97
C ASP C 336 3.44 21.32 -23.17
N LEU C 337 4.28 22.34 -23.37
CA LEU C 337 4.16 23.19 -24.55
C LEU C 337 4.39 22.39 -25.82
N PHE C 338 5.39 21.50 -25.81
CA PHE C 338 5.68 20.69 -26.98
C PHE C 338 4.50 19.77 -27.31
N VAL C 339 3.91 19.15 -26.28
CA VAL C 339 2.73 18.31 -26.49
C VAL C 339 1.55 19.16 -26.93
N SER C 340 1.43 20.37 -26.40
CA SER C 340 0.36 21.27 -26.82
C SER C 340 0.53 21.68 -28.27
N VAL C 341 1.77 21.90 -28.70
CA VAL C 341 2.03 22.22 -30.11
C VAL C 341 1.79 21.00 -30.98
N CYS C 342 2.25 19.83 -30.54
CA CYS C 342 2.00 18.60 -31.28
C CYS C 342 0.50 18.31 -31.38
N PHE C 343 -0.26 18.70 -30.35
CA PHE C 343 -1.70 18.55 -30.41
C PHE C 343 -2.32 19.45 -31.47
N ILE C 344 -1.68 20.58 -31.76
CA ILE C 344 -2.21 21.49 -32.78
C ILE C 344 -2.05 20.89 -34.17
N PHE C 345 -0.88 20.31 -34.46
CA PHE C 345 -0.65 19.76 -35.80
C PHE C 345 -1.60 18.62 -36.11
N VAL C 346 -1.81 17.71 -35.17
CA VAL C 346 -2.72 16.60 -35.40
C VAL C 346 -4.15 17.11 -35.53
N PHE C 347 -4.50 18.15 -34.78
CA PHE C 347 -5.81 18.76 -34.93
C PHE C 347 -5.93 19.49 -36.26
N SER C 348 -4.85 20.15 -36.69
CA SER C 348 -4.90 20.90 -37.94
C SER C 348 -5.06 19.97 -39.14
N ALA C 349 -4.43 18.78 -39.09
CA ALA C 349 -4.55 17.85 -40.20
C ALA C 349 -5.99 17.39 -40.40
N LEU C 350 -6.68 17.06 -39.31
CA LEU C 350 -8.06 16.62 -39.41
C LEU C 350 -8.97 17.75 -39.88
N VAL C 351 -8.69 18.98 -39.44
CA VAL C 351 -9.46 20.12 -39.93
C VAL C 351 -9.13 20.39 -41.39
N GLU C 352 -7.87 20.19 -41.78
CA GLU C 352 -7.46 20.44 -43.16
C GLU C 352 -8.23 19.56 -44.13
N TYR C 353 -8.37 18.27 -43.80
CA TYR C 353 -9.13 17.38 -44.68
C TYR C 353 -10.62 17.72 -44.66
N GLY C 354 -11.14 18.15 -43.51
CA GLY C 354 -12.54 18.52 -43.44
C GLY C 354 -12.86 19.71 -44.32
N THR C 355 -11.97 20.70 -44.34
CA THR C 355 -12.17 21.85 -45.22
C THR C 355 -12.05 21.45 -46.68
N LEU C 356 -11.06 20.62 -47.00
CA LEU C 356 -10.88 20.17 -48.39
C LEU C 356 -12.07 19.34 -48.86
N HIS C 357 -12.55 18.44 -48.01
CA HIS C 357 -13.64 17.55 -48.41
C HIS C 357 -14.91 18.34 -48.69
N TYR C 358 -15.24 19.32 -47.84
CA TYR C 358 -16.48 20.05 -48.01
C TYR C 358 -16.45 20.92 -49.26
N PHE C 359 -15.34 21.61 -49.50
CA PHE C 359 -15.25 22.49 -50.67
C PHE C 359 -15.32 21.69 -51.96
N VAL C 360 -14.65 20.55 -52.02
CA VAL C 360 -14.71 19.69 -53.21
C VAL C 360 -16.10 19.12 -53.39
N SER C 361 -16.68 18.57 -52.32
CA SER C 361 -18.02 17.99 -52.40
C SER C 361 -19.10 19.05 -52.56
N ASN C 362 -18.78 20.32 -52.29
CA ASN C 362 -19.74 21.40 -52.46
C ASN C 362 -19.08 22.64 -53.05
N ARG C 445 -4.98 27.38 -55.63
CA ARG C 445 -6.40 27.22 -55.33
C ARG C 445 -6.60 26.39 -54.06
N ILE C 446 -7.85 26.36 -53.58
CA ILE C 446 -8.15 25.64 -52.35
C ILE C 446 -8.02 24.13 -52.56
N ALA C 447 -8.39 23.63 -53.75
CA ALA C 447 -8.32 22.21 -54.01
C ALA C 447 -6.90 21.66 -53.93
N LYS C 448 -5.88 22.51 -54.11
CA LYS C 448 -4.49 22.13 -53.96
C LYS C 448 -4.03 22.13 -52.51
N MET C 449 -4.96 22.10 -51.55
CA MET C 449 -4.59 22.16 -50.15
C MET C 449 -3.75 20.97 -49.75
N ASP C 450 -3.95 19.81 -50.39
CA ASP C 450 -3.11 18.66 -50.13
C ASP C 450 -1.66 18.93 -50.52
N SER C 451 -1.45 19.59 -51.67
CA SER C 451 -0.09 19.90 -52.10
C SER C 451 0.58 20.87 -51.15
N TYR C 452 -0.16 21.88 -50.68
CA TYR C 452 0.40 22.82 -49.71
C TYR C 452 0.63 22.15 -48.36
N ALA C 453 -0.28 21.24 -47.98
CA ALA C 453 -0.13 20.53 -46.71
C ALA C 453 1.13 19.67 -46.70
N ARG C 454 1.45 19.04 -47.83
CA ARG C 454 2.65 18.22 -47.94
C ARG C 454 3.93 19.05 -47.83
N ILE C 455 3.84 20.37 -47.95
CA ILE C 455 5.00 21.25 -47.86
C ILE C 455 5.02 22.01 -46.54
N PHE C 456 3.91 22.66 -46.20
CA PHE C 456 3.89 23.52 -45.02
C PHE C 456 4.04 22.71 -43.73
N PHE C 457 3.22 21.67 -43.57
CA PHE C 457 3.23 20.90 -42.33
C PHE C 457 4.58 20.26 -42.04
N PRO C 458 5.25 19.60 -43.00
CA PRO C 458 6.63 19.14 -42.73
C PRO C 458 7.60 20.27 -42.48
N THR C 459 7.29 21.50 -42.91
CA THR C 459 8.19 22.63 -42.70
C THR C 459 7.84 23.43 -41.45
N ALA C 460 6.54 23.65 -41.19
CA ALA C 460 6.14 24.40 -40.02
C ALA C 460 6.57 23.70 -38.73
N PHE C 461 6.42 22.37 -38.69
CA PHE C 461 6.88 21.63 -37.53
C PHE C 461 8.39 21.73 -37.36
N CYS C 462 9.13 21.72 -38.48
CA CYS C 462 10.57 21.92 -38.42
C CYS C 462 10.91 23.32 -37.93
N LEU C 463 10.16 24.32 -38.38
CA LEU C 463 10.40 25.70 -37.93
C LEU C 463 10.19 25.82 -36.42
N PHE C 464 9.15 25.17 -35.90
CA PHE C 464 8.91 25.17 -34.46
C PHE C 464 10.04 24.47 -33.71
N ASN C 465 10.58 23.39 -34.28
CA ASN C 465 11.65 22.65 -33.62
C ASN C 465 12.90 23.51 -33.47
N LEU C 466 13.20 24.32 -34.47
CA LEU C 466 14.36 25.21 -34.36
C LEU C 466 14.19 26.21 -33.23
N VAL C 467 13.01 26.81 -33.11
CA VAL C 467 12.76 27.76 -32.03
C VAL C 467 12.71 27.05 -30.69
N TYR C 468 12.05 25.89 -30.62
CA TYR C 468 11.90 25.20 -29.36
C TYR C 468 13.25 24.71 -28.84
N TRP C 469 14.04 24.07 -29.69
CA TRP C 469 15.30 23.48 -29.26
C TRP C 469 16.44 24.47 -29.19
N VAL C 470 16.13 25.77 -29.17
CA VAL C 470 17.11 26.82 -28.95
C VAL C 470 16.78 27.66 -27.73
N SER C 471 15.50 28.04 -27.57
CA SER C 471 15.10 28.83 -26.41
C SER C 471 15.27 28.05 -25.11
N TYR C 472 15.11 26.74 -25.14
CA TYR C 472 15.22 25.93 -23.94
C TYR C 472 16.59 25.27 -23.79
N LEU C 473 17.13 24.69 -24.86
CA LEU C 473 18.45 24.09 -24.78
C LEU C 473 19.51 25.14 -24.48
N TYR C 474 19.40 26.31 -25.10
CA TYR C 474 20.33 27.41 -24.83
C TYR C 474 19.53 28.67 -24.53
N LEU C 475 20.21 29.81 -24.44
CA LEU C 475 19.58 31.09 -24.10
C LEU C 475 18.83 31.02 -22.77
N THR D 47 20.56 -24.52 39.47
CA THR D 47 21.62 -24.06 38.59
C THR D 47 22.30 -22.81 39.14
N THR D 48 22.39 -22.73 40.47
CA THR D 48 23.06 -21.60 41.10
C THR D 48 24.54 -21.55 40.74
N VAL D 49 25.13 -22.68 40.36
CA VAL D 49 26.53 -22.70 39.95
C VAL D 49 26.74 -21.83 38.72
N PHE D 50 25.86 -21.96 37.73
CA PHE D 50 26.04 -21.22 36.49
C PHE D 50 25.62 -19.76 36.62
N THR D 51 24.81 -19.42 37.62
CA THR D 51 24.57 -18.02 37.92
C THR D 51 25.84 -17.34 38.42
N ARG D 52 26.60 -18.04 39.25
CA ARG D 52 27.84 -17.48 39.78
C ARG D 52 28.86 -17.23 38.67
N ILE D 53 28.91 -18.14 37.69
CA ILE D 53 29.86 -17.98 36.59
C ILE D 53 29.55 -16.73 35.79
N LEU D 54 28.27 -16.53 35.45
CA LEU D 54 27.90 -15.35 34.69
C LEU D 54 28.09 -14.08 35.51
N ASP D 55 27.78 -14.11 36.80
CA ASP D 55 28.04 -12.96 37.65
C ASP D 55 29.52 -12.66 37.74
N ARG D 56 30.36 -13.70 37.66
CA ARG D 56 31.80 -13.48 37.70
C ARG D 56 32.31 -12.91 36.37
N LEU D 57 31.76 -13.38 35.24
CA LEU D 57 32.26 -12.92 33.95
C LEU D 57 32.00 -11.45 33.74
N LEU D 58 30.80 -10.98 34.06
CA LEU D 58 30.44 -9.59 33.82
C LEU D 58 30.87 -8.66 34.95
N ASP D 59 31.37 -9.20 36.06
CA ASP D 59 31.81 -8.36 37.17
C ASP D 59 33.04 -7.59 36.73
N GLY D 60 32.89 -6.27 36.56
CA GLY D 60 33.97 -5.43 36.08
C GLY D 60 34.18 -5.46 34.58
N TYR D 61 33.35 -6.18 33.83
CA TYR D 61 33.48 -6.21 32.38
C TYR D 61 33.13 -4.84 31.81
N ASP D 62 33.99 -4.32 30.94
CA ASP D 62 33.80 -3.00 30.34
C ASP D 62 33.55 -3.20 28.85
N ASN D 63 32.28 -3.18 28.47
CA ASN D 63 31.89 -3.44 27.09
C ASN D 63 32.14 -2.26 26.17
N ARG D 64 32.79 -1.21 26.65
CA ARG D 64 33.20 -0.10 25.80
C ARG D 64 34.56 -0.30 25.16
N LEU D 65 35.30 -1.33 25.57
CA LEU D 65 36.66 -1.57 25.10
C LEU D 65 36.72 -2.91 24.39
N ARG D 66 37.26 -2.90 23.18
CA ARG D 66 37.40 -4.14 22.41
C ARG D 66 38.41 -5.07 23.07
N PRO D 67 38.29 -6.37 22.85
CA PRO D 67 39.22 -7.31 23.49
C PRO D 67 40.65 -7.08 23.03
N GLY D 68 41.59 -7.30 23.94
CA GLY D 68 42.99 -7.05 23.63
C GLY D 68 43.26 -5.60 23.28
N LEU D 69 42.65 -4.67 24.00
CA LEU D 69 42.84 -3.25 23.72
C LEU D 69 44.24 -2.84 24.12
N GLY D 70 44.98 -2.26 23.18
CA GLY D 70 46.35 -1.87 23.43
C GLY D 70 47.34 -3.01 23.44
N GLU D 71 46.92 -4.23 23.15
CA GLU D 71 47.80 -5.39 23.14
C GLU D 71 47.91 -6.03 21.76
N ARG D 72 46.79 -6.18 21.05
CA ARG D 72 46.79 -6.84 19.76
C ARG D 72 45.69 -6.21 18.91
N VAL D 73 45.35 -6.88 17.81
CA VAL D 73 44.27 -6.46 16.93
C VAL D 73 43.15 -7.47 17.08
N THR D 74 41.95 -6.99 17.40
CA THR D 74 40.79 -7.87 17.56
C THR D 74 40.42 -8.45 16.19
N GLU D 75 40.65 -9.74 16.02
CA GLU D 75 40.35 -10.42 14.76
C GLU D 75 38.99 -11.09 14.85
N VAL D 76 38.13 -10.81 13.89
CA VAL D 76 36.76 -11.29 13.90
C VAL D 76 36.55 -12.18 12.68
N LYS D 77 36.16 -13.43 12.93
CA LYS D 77 35.88 -14.38 11.87
C LYS D 77 34.41 -14.32 11.49
N THR D 78 34.14 -14.13 10.20
CA THR D 78 32.79 -13.90 9.71
C THR D 78 32.33 -15.06 8.85
N ASP D 79 31.11 -15.54 9.10
CA ASP D 79 30.49 -16.61 8.36
C ASP D 79 29.07 -16.19 8.02
N ILE D 80 28.66 -16.42 6.79
CA ILE D 80 27.33 -16.05 6.32
C ILE D 80 26.62 -17.29 5.81
N PHE D 81 25.41 -17.52 6.30
CA PHE D 81 24.53 -18.54 5.76
C PHE D 81 23.28 -17.85 5.24
N VAL D 82 23.13 -17.80 3.92
CA VAL D 82 21.99 -17.14 3.29
C VAL D 82 20.82 -18.10 3.35
N THR D 83 19.88 -17.85 4.28
CA THR D 83 18.71 -18.70 4.38
C THR D 83 17.79 -18.54 3.18
N SER D 84 17.76 -17.36 2.58
CA SER D 84 16.99 -17.14 1.37
C SER D 84 17.53 -15.91 0.66
N PHE D 85 17.82 -16.05 -0.63
CA PHE D 85 18.26 -14.93 -1.45
C PHE D 85 17.01 -14.24 -1.98
N GLY D 86 16.68 -13.09 -1.41
CA GLY D 86 15.42 -12.46 -1.68
C GLY D 86 15.33 -11.91 -3.08
N PRO D 87 14.19 -11.31 -3.39
CA PRO D 87 13.98 -10.76 -4.74
C PRO D 87 14.87 -9.56 -4.99
N VAL D 88 15.06 -9.27 -6.28
CA VAL D 88 15.88 -8.17 -6.73
C VAL D 88 14.95 -7.10 -7.32
N SER D 89 15.08 -5.87 -6.83
CA SER D 89 14.24 -4.76 -7.27
C SER D 89 15.08 -3.83 -8.13
N ASP D 90 14.87 -3.88 -9.44
CA ASP D 90 15.62 -3.03 -10.36
C ASP D 90 15.26 -1.57 -10.20
N HIS D 91 14.02 -1.28 -9.80
CA HIS D 91 13.59 0.10 -9.62
C HIS D 91 14.40 0.78 -8.52
N ASP D 92 14.65 0.08 -7.42
CA ASP D 92 15.48 0.60 -6.35
C ASP D 92 16.94 0.23 -6.51
N MET D 93 17.29 -0.58 -7.52
CA MET D 93 18.65 -1.04 -7.74
C MET D 93 19.23 -1.67 -6.48
N GLU D 94 18.40 -2.44 -5.79
CA GLU D 94 18.79 -3.12 -4.57
C GLU D 94 18.22 -4.54 -4.59
N TYR D 95 18.67 -5.34 -3.63
CA TYR D 95 18.18 -6.69 -3.48
C TYR D 95 18.04 -7.00 -2.00
N THR D 96 17.22 -7.99 -1.70
CA THR D 96 17.01 -8.46 -0.35
C THR D 96 17.78 -9.75 -0.13
N ILE D 97 18.20 -9.98 1.11
CA ILE D 97 18.89 -11.21 1.46
C ILE D 97 18.71 -11.44 2.96
N ASP D 98 18.44 -12.70 3.31
CA ASP D 98 18.14 -13.08 4.70
C ASP D 98 19.22 -14.05 5.16
N VAL D 99 20.07 -13.61 6.07
CA VAL D 99 21.29 -14.32 6.40
C VAL D 99 21.34 -14.62 7.89
N PHE D 100 22.04 -15.71 8.23
CA PHE D 100 22.48 -15.95 9.61
C PHE D 100 23.90 -15.40 9.73
N PHE D 101 23.97 -14.11 10.00
CA PHE D 101 25.26 -13.42 10.05
C PHE D 101 26.02 -13.86 11.29
N ARG D 102 26.99 -14.74 11.10
CA ARG D 102 27.77 -15.28 12.21
C ARG D 102 29.08 -14.52 12.34
N GLN D 103 29.48 -14.25 13.58
CA GLN D 103 30.75 -13.61 13.90
C GLN D 103 31.40 -14.35 15.05
N SER D 104 32.71 -14.50 14.98
CA SER D 104 33.46 -15.14 16.05
C SER D 104 34.74 -14.38 16.30
N TRP D 105 35.04 -14.16 17.57
CA TRP D 105 36.27 -13.49 17.99
C TRP D 105 36.65 -14.07 19.33
N LYS D 106 37.79 -13.64 19.86
CA LYS D 106 38.28 -14.14 21.14
C LYS D 106 38.39 -13.00 22.14
N ASP D 107 37.82 -13.21 23.33
CA ASP D 107 37.87 -12.25 24.41
C ASP D 107 38.35 -13.00 25.65
N GLU D 108 39.54 -12.64 26.14
CA GLU D 108 40.11 -13.34 27.27
C GLU D 108 39.38 -13.06 28.58
N ARG D 109 38.61 -11.96 28.64
CA ARG D 109 37.85 -11.66 29.84
C ARG D 109 36.69 -12.61 30.07
N LEU D 110 36.39 -13.48 29.11
CA LEU D 110 35.23 -14.36 29.15
C LEU D 110 35.66 -15.82 29.21
N LYS D 111 36.65 -16.12 30.05
CA LYS D 111 37.08 -17.49 30.30
C LYS D 111 36.44 -18.02 31.58
N PHE D 112 36.18 -19.31 31.61
CA PHE D 112 35.56 -19.92 32.77
C PHE D 112 35.95 -21.39 32.87
N LYS D 113 35.81 -21.93 34.06
CA LYS D 113 36.03 -23.36 34.33
C LYS D 113 34.77 -23.87 35.04
N GLY D 114 33.87 -24.49 34.28
CA GLY D 114 32.61 -24.93 34.83
C GLY D 114 32.27 -26.36 34.47
N PRO D 115 31.08 -26.79 34.86
CA PRO D 115 30.64 -28.15 34.49
C PRO D 115 30.57 -28.40 33.00
N MET D 116 30.25 -27.38 32.20
CA MET D 116 30.11 -27.53 30.76
C MET D 116 31.08 -26.60 30.05
N THR D 117 31.43 -26.97 28.81
CA THR D 117 32.45 -26.27 28.07
C THR D 117 31.92 -25.13 27.23
N VAL D 118 30.65 -25.17 26.85
CA VAL D 118 30.03 -24.13 26.05
C VAL D 118 28.78 -23.63 26.77
N LEU D 119 28.64 -22.31 26.88
CA LEU D 119 27.46 -21.69 27.46
C LEU D 119 26.60 -21.15 26.34
N ARG D 120 25.47 -21.81 26.09
CA ARG D 120 24.48 -21.33 25.13
C ARG D 120 23.52 -20.43 25.88
N LEU D 121 23.83 -19.13 25.89
CA LEU D 121 23.11 -18.17 26.70
C LEU D 121 22.00 -17.50 25.92
N ASN D 122 21.10 -16.86 26.65
CA ASN D 122 20.06 -16.04 26.04
C ASN D 122 20.69 -14.82 25.38
N ASN D 123 20.03 -14.33 24.33
CA ASN D 123 20.53 -13.18 23.60
C ASN D 123 20.55 -11.91 24.44
N LEU D 124 19.88 -11.90 25.60
CA LEU D 124 19.99 -10.80 26.53
C LEU D 124 21.44 -10.55 26.94
N MET D 125 22.23 -11.62 27.06
CA MET D 125 23.62 -11.49 27.47
C MET D 125 24.44 -10.65 26.50
N ALA D 126 24.01 -10.55 25.23
CA ALA D 126 24.80 -9.84 24.23
C ALA D 126 24.98 -8.37 24.58
N SER D 127 23.92 -7.72 25.05
CA SER D 127 23.97 -6.29 25.32
C SER D 127 24.99 -5.94 26.40
N LYS D 128 25.32 -6.88 27.28
CA LYS D 128 26.25 -6.63 28.36
C LYS D 128 27.69 -6.99 27.99
N ILE D 129 27.95 -7.35 26.74
CA ILE D 129 29.24 -7.83 26.29
C ILE D 129 29.63 -7.10 25.02
N TRP D 130 30.91 -6.77 24.88
CA TRP D 130 31.39 -6.12 23.67
C TRP D 130 31.12 -6.99 22.45
N THR D 131 30.49 -6.40 21.45
CA THR D 131 30.30 -7.06 20.17
C THR D 131 30.78 -6.15 19.06
N PRO D 132 31.21 -6.71 17.93
CA PRO D 132 31.67 -5.87 16.83
C PRO D 132 30.58 -4.95 16.33
N ASP D 133 30.97 -3.75 15.92
CA ASP D 133 30.04 -2.77 15.36
C ASP D 133 29.94 -2.91 13.85
N THR D 134 29.68 -4.13 13.40
CA THR D 134 29.64 -4.42 11.98
C THR D 134 28.45 -3.73 11.33
N PHE D 135 28.69 -3.15 10.16
CA PHE D 135 27.63 -2.54 9.37
C PHE D 135 27.90 -2.84 7.91
N PHE D 136 26.86 -2.69 7.10
CA PHE D 136 26.96 -2.97 5.68
C PHE D 136 27.13 -1.67 4.92
N HIS D 137 28.22 -1.58 4.15
CA HIS D 137 28.56 -0.33 3.48
C HIS D 137 27.50 0.06 2.46
N ASN D 138 26.99 -0.92 1.70
CA ASN D 138 25.95 -0.67 0.73
C ASN D 138 24.57 -1.06 1.24
N GLY D 139 24.43 -1.34 2.53
CA GLY D 139 23.13 -1.70 3.07
C GLY D 139 22.22 -0.49 3.13
N LYS D 140 21.04 -0.61 2.54
CA LYS D 140 20.08 0.49 2.56
C LYS D 140 19.28 0.52 3.86
N LYS D 141 18.49 -0.51 4.11
CA LYS D 141 17.61 -0.53 5.27
C LYS D 141 17.45 -1.98 5.71
N SER D 142 18.26 -2.40 6.66
CA SER D 142 18.24 -3.77 7.14
C SER D 142 17.33 -3.89 8.35
N VAL D 143 16.88 -5.11 8.61
CA VAL D 143 15.96 -5.41 9.69
C VAL D 143 16.58 -6.48 10.57
N ALA D 144 16.65 -6.21 11.87
CA ALA D 144 17.01 -7.23 12.86
C ALA D 144 15.71 -7.82 13.40
N HIS D 145 15.51 -9.10 13.17
CA HIS D 145 14.24 -9.72 13.51
C HIS D 145 14.10 -9.90 15.01
N ASN D 146 12.85 -9.77 15.49
CA ASN D 146 12.58 -9.76 16.92
C ASN D 146 11.48 -10.71 17.35
N MET D 147 10.75 -11.32 16.43
CA MET D 147 9.68 -12.24 16.78
C MET D 147 10.26 -13.62 17.03
N THR D 148 9.96 -14.21 18.19
CA THR D 148 9.16 -13.65 19.27
C THR D 148 10.08 -13.02 20.32
N MET D 149 11.36 -13.39 20.23
CA MET D 149 12.44 -12.81 21.01
C MET D 149 13.50 -12.37 20.02
N PRO D 150 14.44 -11.51 20.45
CA PRO D 150 15.52 -11.13 19.54
C PRO D 150 16.21 -12.33 18.92
N ASN D 151 16.16 -12.44 17.59
CA ASN D 151 16.72 -13.59 16.91
C ASN D 151 18.24 -13.53 16.89
N LYS D 152 18.84 -13.79 18.05
CA LYS D 152 20.29 -13.81 18.20
C LYS D 152 20.67 -14.99 19.08
N LEU D 153 21.90 -15.45 18.93
CA LEU D 153 22.47 -16.45 19.82
C LEU D 153 23.86 -16.00 20.22
N LEU D 154 24.25 -16.34 21.45
CA LEU D 154 25.59 -16.07 21.94
C LEU D 154 26.09 -17.33 22.63
N ARG D 155 27.28 -17.77 22.25
CA ARG D 155 27.87 -18.96 22.84
C ARG D 155 29.29 -18.65 23.28
N ILE D 156 29.60 -18.96 24.53
CA ILE D 156 30.91 -18.70 25.11
C ILE D 156 31.55 -20.04 25.43
N THR D 157 32.66 -20.34 24.77
CA THR D 157 33.45 -21.52 25.11
C THR D 157 34.45 -21.16 26.20
N GLU D 158 34.85 -22.19 26.96
CA GLU D 158 35.73 -21.97 28.10
C GLU D 158 37.08 -21.40 27.72
N ASP D 159 37.46 -21.49 26.44
CA ASP D 159 38.70 -20.87 25.99
C ASP D 159 38.59 -19.36 25.90
N GLY D 160 37.37 -18.82 25.84
CA GLY D 160 37.14 -17.40 25.67
C GLY D 160 36.55 -17.03 24.34
N THR D 161 36.56 -17.93 23.36
CA THR D 161 36.01 -17.62 22.05
C THR D 161 34.50 -17.45 22.13
N LEU D 162 33.98 -16.49 21.39
CA LEU D 162 32.55 -16.25 21.30
C LEU D 162 32.04 -16.53 19.90
N LEU D 163 30.86 -17.13 19.82
CA LEU D 163 30.09 -17.22 18.58
C LEU D 163 28.82 -16.43 18.79
N TYR D 164 28.56 -15.48 17.89
CA TYR D 164 27.44 -14.56 18.04
C TYR D 164 26.81 -14.37 16.67
N THR D 165 25.73 -15.09 16.41
CA THR D 165 25.06 -15.03 15.13
C THR D 165 23.76 -14.26 15.25
N MET D 166 23.39 -13.58 14.17
CA MET D 166 22.17 -12.80 14.10
C MET D 166 21.44 -13.14 12.82
N ARG D 167 20.12 -13.00 12.85
CA ARG D 167 19.29 -13.19 11.67
C ARG D 167 18.83 -11.82 11.19
N LEU D 168 19.29 -11.45 9.99
CA LEU D 168 19.04 -10.13 9.44
C LEU D 168 18.36 -10.24 8.09
N THR D 169 17.64 -9.20 7.71
CA THR D 169 17.11 -9.04 6.36
C THR D 169 17.84 -7.85 5.76
N VAL D 170 18.95 -8.12 5.09
CA VAL D 170 19.78 -7.06 4.54
C VAL D 170 19.24 -6.64 3.18
N ARG D 171 19.03 -5.33 3.02
CA ARG D 171 18.69 -4.75 1.73
C ARG D 171 19.89 -3.92 1.29
N ALA D 172 20.68 -4.47 0.38
CA ALA D 172 21.93 -3.87 -0.03
C ALA D 172 21.82 -3.31 -1.44
N GLU D 173 22.54 -2.23 -1.68
CA GLU D 173 22.56 -1.63 -3.02
C GLU D 173 23.28 -2.55 -3.99
N CYS D 174 22.73 -2.68 -5.19
CA CYS D 174 23.34 -3.46 -6.26
C CYS D 174 23.33 -2.60 -7.51
N PRO D 175 24.38 -1.83 -7.75
CA PRO D 175 24.45 -1.04 -8.99
C PRO D 175 24.40 -1.96 -10.20
N MET D 176 23.69 -1.51 -11.23
CA MET D 176 23.45 -2.31 -12.42
C MET D 176 23.76 -1.51 -13.66
N HIS D 177 24.15 -2.22 -14.72
CA HIS D 177 24.31 -1.64 -16.04
C HIS D 177 23.30 -2.33 -16.96
N LEU D 178 22.22 -1.61 -17.27
CA LEU D 178 21.09 -2.18 -17.99
C LEU D 178 21.21 -2.00 -19.50
N GLU D 179 22.44 -1.92 -20.02
CA GLU D 179 22.61 -1.76 -21.47
C GLU D 179 22.11 -2.98 -22.23
N ASP D 180 22.39 -4.17 -21.72
CA ASP D 180 21.99 -5.40 -22.38
C ASP D 180 20.62 -5.90 -21.92
N PHE D 181 19.82 -5.04 -21.32
CA PHE D 181 18.55 -5.47 -20.77
C PHE D 181 17.64 -6.01 -21.86
N PRO D 182 16.99 -7.15 -21.66
CA PRO D 182 17.00 -8.01 -20.46
C PRO D 182 18.07 -9.10 -20.46
N MET D 183 18.93 -9.17 -21.48
CA MET D 183 19.95 -10.21 -21.54
C MET D 183 21.23 -9.74 -20.83
N ASP D 184 21.10 -9.55 -19.52
CA ASP D 184 22.16 -8.95 -18.73
C ASP D 184 22.41 -9.76 -17.47
N ALA D 185 23.61 -9.62 -16.93
CA ALA D 185 24.02 -10.26 -15.70
C ALA D 185 24.63 -9.23 -14.77
N HIS D 186 24.50 -9.46 -13.47
CA HIS D 186 24.97 -8.53 -12.46
C HIS D 186 25.73 -9.27 -11.37
N ALA D 187 26.66 -8.56 -10.73
CA ALA D 187 27.40 -9.08 -9.59
C ALA D 187 27.05 -8.18 -8.41
N CYS D 188 25.97 -8.52 -7.73
CA CYS D 188 25.49 -7.71 -6.61
C CYS D 188 26.44 -7.86 -5.44
N PRO D 189 27.03 -6.78 -4.94
CA PRO D 189 28.02 -6.88 -3.87
C PRO D 189 27.38 -6.85 -2.48
N LEU D 190 28.15 -7.33 -1.51
CA LEU D 190 27.76 -7.28 -0.10
C LEU D 190 29.01 -6.96 0.71
N LYS D 191 29.22 -5.67 0.96
CA LYS D 191 30.40 -5.20 1.66
C LYS D 191 30.02 -4.90 3.11
N PHE D 192 30.87 -5.31 4.04
CA PHE D 192 30.64 -4.99 5.44
C PHE D 192 31.98 -4.88 6.15
N GLY D 193 31.95 -4.17 7.27
CA GLY D 193 33.13 -4.01 8.10
C GLY D 193 32.76 -3.20 9.31
N SER D 194 33.74 -2.99 10.18
CA SER D 194 33.51 -2.20 11.38
C SER D 194 33.29 -0.74 11.00
N TYR D 195 32.49 -0.05 11.81
CA TYR D 195 32.24 1.36 11.58
C TYR D 195 33.26 2.24 12.29
N ALA D 196 33.53 1.95 13.55
CA ALA D 196 34.37 2.81 14.38
C ALA D 196 35.82 2.37 14.45
N TYR D 197 36.11 1.10 14.24
CA TYR D 197 37.45 0.56 14.47
C TYR D 197 38.19 0.44 13.15
N THR D 198 39.37 1.06 13.08
CA THR D 198 40.21 0.98 11.90
C THR D 198 40.87 -0.38 11.82
N ARG D 199 41.57 -0.63 10.70
CA ARG D 199 42.22 -1.92 10.51
C ARG D 199 43.32 -2.17 11.52
N ALA D 200 43.80 -1.13 12.20
CA ALA D 200 44.79 -1.32 13.25
C ALA D 200 44.18 -1.75 14.56
N GLU D 201 42.86 -1.86 14.63
CA GLU D 201 42.16 -2.29 15.84
C GLU D 201 41.27 -3.49 15.63
N VAL D 202 40.56 -3.58 14.51
CA VAL D 202 39.66 -4.70 14.24
C VAL D 202 39.81 -5.10 12.78
N VAL D 203 40.28 -6.32 12.55
CA VAL D 203 40.35 -6.89 11.20
C VAL D 203 39.33 -8.01 11.11
N TYR D 204 38.96 -8.33 9.88
CA TYR D 204 38.00 -9.40 9.61
C TYR D 204 38.64 -10.46 8.73
N GLU D 205 38.23 -11.70 8.93
CA GLU D 205 38.67 -12.81 8.11
C GLU D 205 37.55 -13.82 8.06
N TRP D 206 37.50 -14.59 6.97
CA TRP D 206 36.49 -15.62 6.82
C TRP D 206 36.86 -16.84 7.65
N THR D 207 35.84 -17.48 8.23
CA THR D 207 36.09 -18.62 9.11
C THR D 207 36.73 -19.77 8.34
N ARG D 208 36.02 -20.32 7.37
CA ARG D 208 36.53 -21.37 6.51
C ARG D 208 37.21 -20.70 5.30
N GLU D 209 37.47 -21.48 4.25
CA GLU D 209 37.98 -20.89 3.02
C GLU D 209 37.00 -19.84 2.51
N PRO D 210 37.50 -18.78 1.87
CA PRO D 210 36.58 -17.71 1.42
C PRO D 210 35.43 -18.23 0.56
N ALA D 211 35.68 -19.19 -0.31
CA ALA D 211 34.58 -19.76 -1.10
C ALA D 211 33.60 -20.55 -0.23
N ARG D 212 34.06 -21.07 0.90
CA ARG D 212 33.22 -21.89 1.78
C ARG D 212 32.82 -21.16 3.05
N SER D 213 32.79 -19.83 3.03
CA SER D 213 32.32 -19.05 4.16
C SER D 213 31.01 -18.33 3.88
N VAL D 214 30.53 -18.35 2.65
CA VAL D 214 29.21 -17.83 2.29
C VAL D 214 28.45 -18.98 1.67
N VAL D 215 27.41 -19.44 2.36
CA VAL D 215 26.65 -20.62 1.97
C VAL D 215 25.22 -20.22 1.71
N VAL D 216 24.70 -20.57 0.55
CA VAL D 216 23.33 -20.29 0.17
C VAL D 216 22.52 -21.55 0.37
N ALA D 217 21.36 -21.43 1.02
CA ALA D 217 20.50 -22.58 1.25
C ALA D 217 20.02 -23.14 -0.08
N GLU D 218 19.92 -24.48 -0.13
CA GLU D 218 19.53 -25.13 -1.38
C GLU D 218 18.11 -24.76 -1.79
N ASP D 219 17.19 -24.74 -0.83
CA ASP D 219 15.81 -24.37 -1.10
C ASP D 219 15.53 -22.89 -0.88
N GLY D 220 16.52 -22.13 -0.42
CA GLY D 220 16.33 -20.73 -0.11
C GLY D 220 16.62 -19.79 -1.27
N SER D 221 15.77 -19.79 -2.27
CA SER D 221 15.89 -18.87 -3.41
C SER D 221 14.53 -18.24 -3.67
N ARG D 222 14.43 -16.94 -3.41
CA ARG D 222 13.19 -16.21 -3.67
C ARG D 222 13.26 -15.39 -4.94
N LEU D 223 14.26 -15.62 -5.79
CA LEU D 223 14.35 -14.92 -7.05
C LEU D 223 13.26 -15.38 -8.00
N ASN D 224 12.78 -14.44 -8.81
CA ASN D 224 11.78 -14.73 -9.83
C ASN D 224 12.37 -14.62 -11.23
N GLN D 225 12.96 -13.48 -11.57
CA GLN D 225 13.50 -13.24 -12.90
C GLN D 225 15.02 -13.33 -12.94
N TYR D 226 15.65 -13.82 -11.88
CA TYR D 226 17.09 -13.94 -11.83
C TYR D 226 17.47 -15.37 -11.45
N ASP D 227 18.70 -15.73 -11.80
CA ASP D 227 19.27 -17.02 -11.43
C ASP D 227 20.60 -16.76 -10.75
N LEU D 228 20.80 -17.35 -9.57
CA LEU D 228 22.01 -17.12 -8.79
C LEU D 228 23.11 -18.07 -9.27
N LEU D 229 24.08 -17.53 -9.99
CA LEU D 229 25.18 -18.33 -10.54
C LEU D 229 26.40 -18.27 -9.63
N GLY D 230 26.21 -18.67 -8.37
CA GLY D 230 27.33 -18.70 -7.45
C GLY D 230 27.75 -17.30 -7.01
N GLN D 231 28.86 -17.27 -6.27
CA GLN D 231 29.34 -16.01 -5.73
C GLN D 231 30.85 -16.06 -5.56
N THR D 232 31.46 -14.88 -5.53
CA THR D 232 32.89 -14.72 -5.29
C THR D 232 33.10 -13.94 -4.00
N VAL D 233 34.09 -14.38 -3.22
CA VAL D 233 34.33 -13.87 -1.88
C VAL D 233 35.74 -13.30 -1.82
N ASP D 234 35.86 -12.05 -1.38
CA ASP D 234 37.16 -11.40 -1.31
C ASP D 234 37.17 -10.36 -0.21
N SER D 235 38.34 -10.16 0.38
CA SER D 235 38.55 -9.16 1.42
C SER D 235 38.99 -7.84 0.76
N GLY D 236 39.47 -6.90 1.57
CA GLY D 236 39.94 -5.65 1.02
C GLY D 236 40.28 -4.65 2.10
N ILE D 237 40.66 -3.46 1.65
CA ILE D 237 40.96 -2.33 2.52
C ILE D 237 40.33 -1.10 1.91
N VAL D 238 39.61 -0.33 2.72
CA VAL D 238 38.99 0.92 2.29
C VAL D 238 39.67 2.06 3.02
N GLN D 239 40.06 3.08 2.28
CA GLN D 239 40.70 4.27 2.83
C GLN D 239 39.67 5.40 2.90
N SER D 240 39.50 5.97 4.09
CA SER D 240 38.56 7.07 4.26
C SER D 240 39.20 8.22 5.01
N SER D 241 38.41 9.24 5.35
CA SER D 241 38.93 10.41 6.02
C SER D 241 39.35 10.14 7.46
N THR D 242 38.94 9.02 8.05
CA THR D 242 39.27 8.69 9.43
C THR D 242 40.31 7.58 9.55
N GLY D 243 40.59 6.85 8.49
CA GLY D 243 41.62 5.84 8.52
C GLY D 243 41.28 4.71 7.57
N GLU D 244 42.10 3.67 7.63
CA GLU D 244 41.90 2.48 6.82
C GLU D 244 41.01 1.49 7.55
N TYR D 245 40.10 0.87 6.83
CA TYR D 245 39.18 -0.10 7.40
C TYR D 245 39.20 -1.37 6.58
N VAL D 246 39.12 -2.51 7.25
CA VAL D 246 39.01 -3.80 6.59
C VAL D 246 37.59 -3.98 6.10
N VAL D 247 37.43 -4.40 4.84
CA VAL D 247 36.13 -4.56 4.22
C VAL D 247 36.03 -5.95 3.64
N MET D 248 35.11 -6.76 4.18
CA MET D 248 34.76 -8.03 3.57
C MET D 248 33.76 -7.79 2.46
N THR D 249 33.97 -8.44 1.32
CA THR D 249 33.10 -8.28 0.17
C THR D 249 32.63 -9.63 -0.32
N THR D 250 31.45 -9.65 -0.90
CA THR D 250 30.89 -10.86 -1.50
C THR D 250 30.04 -10.44 -2.68
N HIS D 251 30.36 -10.96 -3.86
CA HIS D 251 29.65 -10.63 -5.08
C HIS D 251 28.80 -11.84 -5.47
N PHE D 252 27.50 -11.71 -5.29
CA PHE D 252 26.57 -12.71 -5.78
C PHE D 252 26.33 -12.43 -7.27
N HIS D 253 26.55 -13.44 -8.10
CA HIS D 253 26.42 -13.28 -9.54
C HIS D 253 25.03 -13.72 -9.98
N LEU D 254 24.27 -12.78 -10.51
CA LEU D 254 22.90 -13.02 -10.94
C LEU D 254 22.82 -12.90 -12.45
N LYS D 255 22.00 -13.74 -13.07
CA LYS D 255 21.73 -13.64 -14.50
C LYS D 255 20.22 -13.53 -14.69
N ARG D 256 19.78 -12.50 -15.40
CA ARG D 256 18.37 -12.30 -15.62
C ARG D 256 17.83 -13.37 -16.56
N LYS D 257 16.71 -13.97 -16.20
CA LYS D 257 16.04 -14.93 -17.07
C LYS D 257 15.19 -14.18 -18.07
N ILE D 258 15.39 -14.47 -19.36
CA ILE D 258 14.73 -13.73 -20.44
C ILE D 258 13.31 -14.21 -20.70
N GLY D 259 12.85 -15.24 -20.00
CA GLY D 259 11.58 -15.86 -20.35
C GLY D 259 10.40 -14.91 -20.26
N TYR D 260 10.33 -14.12 -19.19
CA TYR D 260 9.20 -13.22 -19.01
C TYR D 260 9.14 -12.17 -20.11
N PHE D 261 10.30 -11.63 -20.50
CA PHE D 261 10.32 -10.54 -21.46
C PHE D 261 10.05 -10.99 -22.88
N VAL D 262 10.39 -12.25 -23.20
CA VAL D 262 10.05 -12.78 -24.51
C VAL D 262 8.54 -12.85 -24.68
N ILE D 263 7.84 -13.32 -23.64
CA ILE D 263 6.39 -13.47 -23.74
C ILE D 263 5.71 -12.12 -23.81
N GLN D 264 6.14 -11.17 -22.99
CA GLN D 264 5.40 -9.92 -22.83
C GLN D 264 5.86 -8.81 -23.76
N THR D 265 7.11 -8.84 -24.23
CA THR D 265 7.61 -7.79 -25.10
C THR D 265 8.00 -8.27 -26.47
N TYR D 266 8.86 -9.28 -26.57
CA TYR D 266 9.39 -9.67 -27.87
C TYR D 266 8.33 -10.32 -28.75
N LEU D 267 7.51 -11.20 -28.18
CA LEU D 267 6.43 -11.81 -28.98
C LEU D 267 5.40 -10.79 -29.43
N PRO D 268 4.89 -9.89 -28.59
CA PRO D 268 3.96 -8.87 -29.12
C PRO D 268 4.59 -7.98 -30.16
N CYS D 269 5.89 -7.70 -30.07
CA CYS D 269 6.54 -6.90 -31.11
C CYS D 269 6.70 -7.70 -32.40
N ILE D 270 7.12 -8.96 -32.29
CA ILE D 270 7.28 -9.80 -33.48
C ILE D 270 5.94 -10.02 -34.16
N MET D 271 4.90 -10.31 -33.38
CA MET D 271 3.57 -10.50 -33.98
C MET D 271 3.00 -9.20 -34.53
N THR D 272 3.47 -8.04 -34.04
CA THR D 272 3.03 -6.77 -34.62
C THR D 272 3.70 -6.52 -35.96
N VAL D 273 4.98 -6.85 -36.09
CA VAL D 273 5.66 -6.72 -37.36
C VAL D 273 5.03 -7.65 -38.40
N ILE D 274 4.73 -8.88 -38.00
CA ILE D 274 4.07 -9.81 -38.91
C ILE D 274 2.68 -9.30 -39.27
N LEU D 275 1.98 -8.70 -38.32
CA LEU D 275 0.63 -8.20 -38.58
C LEU D 275 0.66 -7.08 -39.61
N SER D 276 1.63 -6.18 -39.51
CA SER D 276 1.71 -5.08 -40.47
C SER D 276 1.98 -5.60 -41.87
N GLN D 277 2.82 -6.63 -42.00
CA GLN D 277 3.15 -7.17 -43.31
C GLN D 277 2.00 -7.93 -43.95
N VAL D 278 0.92 -8.17 -43.21
CA VAL D 278 -0.28 -8.75 -43.82
C VAL D 278 -0.88 -7.79 -44.83
N SER D 279 -0.75 -6.48 -44.61
CA SER D 279 -1.29 -5.51 -45.55
C SER D 279 -0.61 -5.57 -46.91
N PHE D 280 0.55 -6.22 -47.00
CA PHE D 280 1.20 -6.39 -48.30
C PHE D 280 0.49 -7.41 -49.17
N TRP D 281 -0.38 -8.23 -48.59
CA TRP D 281 -1.12 -9.25 -49.32
C TRP D 281 -2.54 -8.82 -49.64
N LEU D 282 -2.89 -7.57 -49.38
CA LEU D 282 -4.23 -7.06 -49.64
C LEU D 282 -4.21 -6.21 -50.90
N ASN D 283 -5.35 -6.17 -51.59
CA ASN D 283 -5.45 -5.43 -52.84
C ASN D 283 -5.28 -3.93 -52.57
N ARG D 284 -4.66 -3.24 -53.53
CA ARG D 284 -4.39 -1.82 -53.38
C ARG D 284 -5.66 -0.99 -53.36
N GLU D 285 -6.80 -1.55 -53.74
CA GLU D 285 -8.05 -0.80 -53.77
C GLU D 285 -8.71 -0.70 -52.41
N SER D 286 -8.32 -1.56 -51.46
CA SER D 286 -8.92 -1.54 -50.13
C SER D 286 -8.12 -0.58 -49.24
N VAL D 287 -8.22 0.70 -49.59
CA VAL D 287 -7.46 1.73 -48.87
C VAL D 287 -7.85 1.83 -47.40
N PRO D 288 -9.13 1.92 -47.03
CA PRO D 288 -9.45 1.95 -45.59
C PRO D 288 -9.00 0.72 -44.84
N ALA D 289 -9.10 -0.46 -45.46
CA ALA D 289 -8.70 -1.69 -44.79
C ALA D 289 -7.19 -1.73 -44.53
N ARG D 290 -6.40 -1.34 -45.52
CA ARG D 290 -4.95 -1.35 -45.34
C ARG D 290 -4.48 -0.19 -44.47
N THR D 291 -5.18 0.95 -44.52
CA THR D 291 -4.84 2.05 -43.63
C THR D 291 -5.07 1.67 -42.17
N VAL D 292 -6.17 0.96 -41.90
CA VAL D 292 -6.41 0.47 -40.55
C VAL D 292 -5.28 -0.46 -40.13
N PHE D 293 -4.79 -1.28 -41.05
CA PHE D 293 -3.66 -2.16 -40.73
C PHE D 293 -2.44 -1.35 -40.28
N GLY D 294 -2.05 -0.37 -41.08
CA GLY D 294 -0.88 0.42 -40.72
C GLY D 294 -1.08 1.27 -39.48
N VAL D 295 -2.25 1.91 -39.38
CA VAL D 295 -2.53 2.79 -38.24
C VAL D 295 -2.56 1.99 -36.94
N THR D 296 -3.25 0.84 -36.97
CA THR D 296 -3.39 0.04 -35.76
C THR D 296 -2.03 -0.46 -35.28
N THR D 297 -1.20 -0.97 -36.19
CA THR D 297 0.08 -1.56 -35.79
C THR D 297 1.05 -0.50 -35.29
N VAL D 298 1.05 0.69 -35.90
CA VAL D 298 1.93 1.76 -35.43
C VAL D 298 1.57 2.16 -34.00
N LEU D 299 0.27 2.32 -33.74
CA LEU D 299 -0.17 2.65 -32.39
C LEU D 299 0.12 1.52 -31.42
N THR D 300 -0.06 0.28 -31.87
CA THR D 300 0.26 -0.87 -31.02
C THR D 300 1.73 -0.88 -30.64
N MET D 301 2.61 -0.55 -31.60
CA MET D 301 4.03 -0.47 -31.30
C MET D 301 4.31 0.62 -30.27
N THR D 302 3.67 1.77 -30.40
CA THR D 302 3.88 2.86 -29.45
C THR D 302 3.48 2.45 -28.04
N THR D 303 2.34 1.77 -27.90
CA THR D 303 1.92 1.30 -26.59
C THR D 303 2.91 0.29 -26.02
N LEU D 304 3.39 -0.64 -26.85
CA LEU D 304 4.38 -1.60 -26.39
C LEU D 304 5.69 -0.91 -26.01
N SER D 305 6.04 0.17 -26.72
CA SER D 305 7.27 0.88 -26.41
C SER D 305 7.24 1.48 -25.01
N ILE D 306 6.15 2.18 -24.67
CA ILE D 306 6.08 2.86 -23.39
C ILE D 306 5.93 1.86 -22.25
N SER D 307 5.06 0.86 -22.42
CA SER D 307 4.86 -0.12 -21.35
C SER D 307 6.12 -0.89 -21.05
N ALA D 308 7.00 -1.08 -22.04
CA ALA D 308 8.24 -1.79 -21.82
C ALA D 308 9.12 -1.06 -20.82
N ARG D 309 9.20 0.26 -20.92
CA ARG D 309 10.03 1.05 -20.01
C ARG D 309 9.47 1.11 -18.60
N ASN D 310 8.21 0.70 -18.39
CA ASN D 310 7.62 0.75 -17.07
C ASN D 310 8.17 -0.32 -16.13
N SER D 311 8.95 -1.26 -16.64
CA SER D 311 9.51 -2.32 -15.82
C SER D 311 10.90 -2.00 -15.28
N LEU D 312 11.44 -0.82 -15.59
CA LEU D 312 12.82 -0.47 -15.28
C LEU D 312 12.88 0.91 -14.63
N PRO D 313 13.95 1.19 -13.89
CA PRO D 313 14.19 2.56 -13.46
C PRO D 313 14.40 3.47 -14.66
N LYS D 314 13.94 4.72 -14.52
CA LYS D 314 13.97 5.68 -15.63
C LYS D 314 15.40 6.18 -15.84
N VAL D 315 16.24 5.27 -16.32
CA VAL D 315 17.63 5.59 -16.63
C VAL D 315 17.66 6.43 -17.91
N ALA D 316 18.80 7.06 -18.18
CA ALA D 316 18.94 7.99 -19.29
C ALA D 316 19.72 7.40 -20.46
N TYR D 317 19.55 6.11 -20.73
CA TYR D 317 20.16 5.50 -21.90
C TYR D 317 19.27 4.37 -22.38
N ALA D 318 19.46 4.00 -23.64
CA ALA D 318 18.63 2.96 -24.26
C ALA D 318 19.16 1.58 -23.92
N THR D 319 18.24 0.70 -23.51
CA THR D 319 18.59 -0.68 -23.22
C THR D 319 18.68 -1.48 -24.52
N ALA D 320 19.05 -2.75 -24.40
CA ALA D 320 19.03 -3.62 -25.57
C ALA D 320 17.61 -3.82 -26.06
N MET D 321 16.65 -3.96 -25.14
CA MET D 321 15.25 -4.10 -25.54
C MET D 321 14.74 -2.86 -26.25
N ASP D 322 15.34 -1.70 -25.99
CA ASP D 322 14.92 -0.48 -26.66
C ASP D 322 15.20 -0.54 -28.16
N TRP D 323 16.39 -1.02 -28.55
CA TRP D 323 16.74 -1.06 -29.96
C TRP D 323 15.83 -2.02 -30.72
N PHE D 324 15.46 -3.15 -30.11
CA PHE D 324 14.54 -4.06 -30.77
C PHE D 324 13.18 -3.41 -30.98
N ILE D 325 12.72 -2.63 -30.02
CA ILE D 325 11.47 -1.89 -30.17
C ILE D 325 11.61 -0.83 -31.25
N ALA D 326 12.74 -0.13 -31.26
CA ALA D 326 12.96 0.90 -32.27
C ALA D 326 13.00 0.30 -33.68
N VAL D 327 13.69 -0.82 -33.84
CA VAL D 327 13.73 -1.47 -35.15
C VAL D 327 12.34 -1.97 -35.55
N CYS D 328 11.65 -2.63 -34.61
CA CYS D 328 10.30 -3.07 -34.91
C CYS D 328 9.39 -1.91 -35.24
N TYR D 329 9.62 -0.74 -34.64
CA TYR D 329 8.88 0.45 -35.01
C TYR D 329 9.19 0.86 -36.45
N ALA D 330 10.47 0.77 -36.85
CA ALA D 330 10.84 1.14 -38.20
C ALA D 330 10.17 0.25 -39.23
N PHE D 331 10.13 -1.06 -38.98
CA PHE D 331 9.48 -1.96 -39.92
C PHE D 331 7.99 -1.67 -40.03
N VAL D 332 7.33 -1.42 -38.90
CA VAL D 332 5.91 -1.07 -38.93
C VAL D 332 5.70 0.27 -39.61
N PHE D 333 6.54 1.25 -39.28
CA PHE D 333 6.40 2.57 -39.89
C PHE D 333 6.65 2.51 -41.39
N SER D 334 7.66 1.75 -41.81
CA SER D 334 7.95 1.64 -43.23
C SER D 334 6.84 0.91 -43.98
N ALA D 335 6.12 0.01 -43.31
CA ALA D 335 4.99 -0.65 -43.96
C ALA D 335 3.91 0.35 -44.33
N LEU D 336 3.64 1.32 -43.45
CA LEU D 336 2.67 2.35 -43.79
C LEU D 336 3.26 3.37 -44.77
N ILE D 337 4.59 3.53 -44.75
CA ILE D 337 5.24 4.32 -45.78
C ILE D 337 5.08 3.66 -47.15
N GLU D 338 5.20 2.33 -47.18
CA GLU D 338 5.02 1.60 -48.44
C GLU D 338 3.61 1.78 -48.99
N PHE D 339 2.60 1.65 -48.13
CA PHE D 339 1.23 1.81 -48.60
C PHE D 339 0.94 3.24 -49.03
N ALA D 340 1.62 4.22 -48.44
CA ALA D 340 1.51 5.59 -48.91
C ALA D 340 2.03 5.72 -50.34
N THR D 341 3.04 4.94 -50.70
CA THR D 341 3.52 4.93 -52.08
C THR D 341 2.57 4.17 -53.00
N VAL D 342 2.03 3.05 -52.53
CA VAL D 342 1.11 2.27 -53.36
C VAL D 342 -0.15 3.08 -53.66
N ASN D 343 -0.67 3.77 -52.65
CA ASN D 343 -1.85 4.60 -52.88
C ASN D 343 -1.53 5.79 -53.78
N TYR D 344 -0.28 6.23 -53.81
CA TYR D 344 0.09 7.35 -54.66
C TYR D 344 0.03 6.97 -56.14
N PHE D 345 0.46 5.75 -56.47
CA PHE D 345 0.47 5.26 -57.84
C PHE D 345 -0.76 4.39 -58.15
N THR D 346 -1.89 4.67 -57.52
CA THR D 346 -3.13 3.94 -57.75
C THR D 346 -4.05 4.84 -58.57
N LYS D 347 -4.11 4.58 -59.88
CA LYS D 347 -4.85 5.44 -60.78
C LYS D 347 -6.35 5.36 -60.53
N ARG D 348 -6.86 4.16 -60.26
CA ARG D 348 -8.30 3.90 -60.24
C ARG D 348 -8.75 3.50 -58.85
N GLY D 349 -9.98 3.87 -58.51
CA GLY D 349 -10.52 3.63 -57.18
C GLY D 349 -11.47 2.47 -57.06
N TYR D 350 -11.49 1.58 -58.05
CA TYR D 350 -12.37 0.42 -58.05
C TYR D 350 -11.56 -0.85 -58.26
N ALA D 351 -12.01 -1.93 -57.65
CA ALA D 351 -11.27 -3.19 -57.64
C ALA D 351 -11.78 -4.14 -58.72
N TRP D 352 -10.88 -5.04 -59.12
CA TRP D 352 -11.22 -6.05 -60.12
C TRP D 352 -12.29 -7.00 -59.57
N ASP D 353 -13.13 -7.49 -60.47
CA ASP D 353 -14.20 -8.40 -60.09
C ASP D 353 -14.14 -9.71 -60.87
N LYS D 419 -14.29 -2.67 -68.70
CA LYS D 419 -13.58 -1.64 -67.96
C LYS D 419 -12.10 -1.95 -67.86
N THR D 420 -11.33 -1.03 -67.29
CA THR D 420 -9.92 -1.21 -67.04
C THR D 420 -9.67 -1.24 -65.54
N PHE D 421 -9.05 -2.30 -65.05
CA PHE D 421 -8.81 -2.47 -63.63
C PHE D 421 -7.34 -2.27 -63.32
N ASN D 422 -7.06 -1.97 -62.05
CA ASN D 422 -5.69 -1.75 -61.61
C ASN D 422 -4.93 -3.06 -61.51
N SER D 423 -3.60 -2.95 -61.56
CA SER D 423 -2.71 -4.11 -61.48
C SER D 423 -2.04 -4.14 -60.12
N VAL D 424 -1.60 -5.34 -59.73
CA VAL D 424 -0.91 -5.52 -58.46
C VAL D 424 0.41 -4.77 -58.51
N SER D 425 0.66 -3.95 -57.49
CA SER D 425 1.83 -3.08 -57.49
C SER D 425 3.12 -3.90 -57.47
N LYS D 426 4.10 -3.46 -58.26
CA LYS D 426 5.42 -4.06 -58.17
C LYS D 426 6.04 -3.84 -56.81
N ILE D 427 5.67 -2.74 -56.14
CA ILE D 427 6.15 -2.52 -54.78
C ILE D 427 5.63 -3.60 -53.85
N ASP D 428 4.39 -4.04 -54.06
CA ASP D 428 3.82 -5.10 -53.23
C ASP D 428 4.60 -6.40 -53.38
N ARG D 429 4.96 -6.76 -54.61
CA ARG D 429 5.67 -8.02 -54.83
C ARG D 429 6.99 -8.06 -54.08
N LEU D 430 7.76 -6.97 -54.13
CA LEU D 430 9.01 -6.92 -53.41
C LEU D 430 8.79 -6.76 -51.91
N SER D 431 7.75 -6.03 -51.52
CA SER D 431 7.46 -5.86 -50.10
C SER D 431 7.13 -7.18 -49.43
N ARG D 432 6.41 -8.06 -50.14
CA ARG D 432 6.09 -9.38 -49.60
C ARG D 432 7.32 -10.25 -49.40
N ILE D 433 8.43 -9.91 -50.04
CA ILE D 433 9.66 -10.69 -49.94
C ILE D 433 10.73 -9.94 -49.15
N ALA D 434 10.90 -8.64 -49.43
CA ALA D 434 11.95 -7.88 -48.76
C ALA D 434 11.68 -7.73 -47.26
N PHE D 435 10.47 -7.29 -46.91
CA PHE D 435 10.17 -7.02 -45.50
C PHE D 435 10.24 -8.27 -44.63
N PRO D 436 9.60 -9.39 -44.97
CA PRO D 436 9.80 -10.59 -44.14
C PRO D 436 11.24 -11.06 -44.08
N LEU D 437 11.99 -10.89 -45.17
CA LEU D 437 13.38 -11.37 -45.18
C LEU D 437 14.28 -10.47 -44.36
N LEU D 438 14.11 -9.15 -44.47
CA LEU D 438 14.95 -8.24 -43.69
C LEU D 438 14.69 -8.40 -42.19
N PHE D 439 13.42 -8.52 -41.80
CA PHE D 439 13.10 -8.68 -40.39
C PHE D 439 13.68 -9.97 -39.84
N GLY D 440 13.62 -11.04 -40.64
CA GLY D 440 14.27 -12.28 -40.22
C GLY D 440 15.76 -12.15 -40.11
N ILE D 441 16.38 -11.39 -41.01
CA ILE D 441 17.81 -11.14 -40.95
C ILE D 441 18.15 -10.38 -39.67
N PHE D 442 17.36 -9.35 -39.35
CA PHE D 442 17.64 -8.56 -38.15
C PHE D 442 17.52 -9.42 -36.89
N ASN D 443 16.53 -10.30 -36.84
CA ASN D 443 16.38 -11.16 -35.67
C ASN D 443 17.60 -12.05 -35.49
N LEU D 444 18.11 -12.63 -36.58
CA LEU D 444 19.31 -13.46 -36.48
C LEU D 444 20.50 -12.64 -36.01
N VAL D 445 20.67 -11.43 -36.54
CA VAL D 445 21.79 -10.59 -36.13
C VAL D 445 21.61 -10.15 -34.69
N TYR D 446 20.40 -9.73 -34.30
CA TYR D 446 20.17 -9.23 -32.95
C TYR D 446 20.36 -10.33 -31.92
N TRP D 447 19.81 -11.51 -32.17
CA TRP D 447 19.84 -12.55 -31.15
C TRP D 447 21.23 -13.17 -31.03
N ALA D 448 21.91 -13.39 -32.15
CA ALA D 448 23.28 -13.89 -32.08
C ALA D 448 24.20 -12.87 -31.44
N THR D 449 23.85 -11.58 -31.53
CA THR D 449 24.68 -10.53 -30.92
C THR D 449 24.73 -10.69 -29.41
N TYR D 450 23.59 -10.97 -28.78
CA TYR D 450 23.51 -11.03 -27.33
C TYR D 450 23.62 -12.45 -26.78
N LEU D 451 22.85 -13.39 -27.31
CA LEU D 451 22.86 -14.75 -26.81
C LEU D 451 24.18 -15.46 -27.08
N MET E 34 -4.70 -10.93 48.98
CA MET E 34 -3.69 -10.74 47.94
C MET E 34 -2.30 -10.54 48.54
N SER E 35 -2.27 -10.26 49.85
CA SER E 35 -0.99 -10.09 50.54
C SER E 35 -0.16 -11.37 50.49
N PHE E 36 -0.82 -12.51 50.69
CA PHE E 36 -0.11 -13.79 50.58
C PHE E 36 0.32 -14.06 49.15
N VAL E 37 -0.53 -13.75 48.18
CA VAL E 37 -0.16 -13.98 46.77
C VAL E 37 0.97 -13.05 46.37
N LYS E 38 0.97 -11.82 46.88
CA LYS E 38 2.06 -10.90 46.58
C LYS E 38 3.39 -11.45 47.07
N GLU E 39 3.41 -12.04 48.26
CA GLU E 39 4.63 -12.64 48.76
C GLU E 39 5.09 -13.79 47.88
N THR E 40 4.15 -14.65 47.46
CA THR E 40 4.52 -15.84 46.71
C THR E 40 5.15 -15.49 45.37
N VAL E 41 4.56 -14.54 44.65
CA VAL E 41 5.10 -14.16 43.35
C VAL E 41 6.45 -13.47 43.51
N ASP E 42 6.62 -12.70 44.59
CA ASP E 42 7.91 -12.07 44.83
C ASP E 42 9.00 -13.09 45.03
N LYS E 43 8.69 -14.19 45.73
CA LYS E 43 9.70 -15.22 45.97
C LYS E 43 10.12 -15.91 44.68
N LEU E 44 9.18 -16.08 43.75
CA LEU E 44 9.51 -16.73 42.48
C LEU E 44 10.54 -15.93 41.70
N LEU E 45 10.37 -14.61 41.65
CA LEU E 45 11.24 -13.75 40.87
C LEU E 45 12.42 -13.22 41.67
N LYS E 46 12.60 -13.67 42.91
CA LYS E 46 13.75 -13.32 43.73
C LYS E 46 14.85 -14.35 43.46
N GLY E 47 15.96 -13.88 42.88
CA GLY E 47 17.02 -14.78 42.47
C GLY E 47 16.76 -15.50 41.16
N TYR E 48 15.67 -15.17 40.47
CA TYR E 48 15.37 -15.80 39.20
C TYR E 48 16.27 -15.27 38.11
N ASP E 49 16.97 -16.18 37.43
CA ASP E 49 17.92 -15.81 36.38
C ASP E 49 17.30 -16.19 35.04
N ILE E 50 16.94 -15.17 34.25
CA ILE E 50 16.34 -15.43 32.95
C ILE E 50 17.38 -15.70 31.87
N ARG E 51 18.66 -15.51 32.18
CA ARG E 51 19.71 -15.84 31.23
C ARG E 51 19.91 -17.34 31.06
N LEU E 52 19.39 -18.15 31.99
CA LEU E 52 19.56 -19.59 31.96
C LEU E 52 18.21 -20.26 31.78
N ARG E 53 18.15 -21.21 30.86
CA ARG E 53 16.91 -21.94 30.59
C ARG E 53 16.60 -22.88 31.75
N PRO E 54 15.35 -23.35 31.86
CA PRO E 54 15.05 -24.37 32.86
C PRO E 54 15.87 -25.62 32.64
N ASP E 55 16.36 -26.20 33.73
CA ASP E 55 17.28 -27.33 33.69
C ASP E 55 18.46 -27.02 32.78
N PHE E 56 19.19 -25.96 33.14
CA PHE E 56 20.22 -25.44 32.25
C PHE E 56 21.30 -26.49 31.98
N GLY E 57 21.74 -27.19 33.01
CA GLY E 57 22.76 -28.19 32.84
C GLY E 57 22.25 -29.60 32.58
N GLY E 58 20.94 -29.78 32.45
CA GLY E 58 20.38 -31.10 32.36
C GLY E 58 19.61 -31.35 31.08
N PRO E 59 18.56 -32.16 31.18
CA PRO E 59 17.85 -32.56 29.98
C PRO E 59 17.21 -31.38 29.30
N PRO E 60 16.97 -31.46 27.99
CA PRO E 60 16.32 -30.35 27.29
C PRO E 60 14.91 -30.13 27.83
N VAL E 61 14.48 -28.87 27.78
CA VAL E 61 13.13 -28.52 28.20
C VAL E 61 12.17 -28.82 27.05
N CYS E 62 11.11 -29.57 27.33
CA CYS E 62 10.12 -29.92 26.33
C CYS E 62 9.10 -28.79 26.24
N VAL E 63 9.08 -28.09 25.12
CA VAL E 63 8.18 -26.97 24.92
C VAL E 63 7.06 -27.42 23.99
N GLY E 64 5.84 -27.47 24.51
CA GLY E 64 4.68 -27.82 23.70
C GLY E 64 4.02 -26.58 23.12
N MET E 65 3.65 -26.68 21.85
CA MET E 65 3.12 -25.54 21.11
C MET E 65 1.78 -25.91 20.50
N ASN E 66 0.79 -25.04 20.70
CA ASN E 66 -0.47 -25.14 19.98
C ASN E 66 -0.83 -23.76 19.47
N ILE E 67 -1.50 -23.73 18.32
CA ILE E 67 -1.80 -22.50 17.61
C ILE E 67 -3.30 -22.40 17.41
N ASP E 68 -3.86 -21.25 17.75
CA ASP E 68 -5.27 -20.95 17.49
C ASP E 68 -5.30 -19.87 16.41
N ILE E 69 -5.54 -20.29 15.17
CA ILE E 69 -5.43 -19.38 14.04
C ILE E 69 -6.65 -18.46 14.02
N ALA E 70 -6.40 -17.16 14.07
CA ALA E 70 -7.48 -16.19 14.00
C ALA E 70 -7.96 -16.00 12.56
N SER E 71 -7.05 -15.68 11.65
CA SER E 71 -7.42 -15.53 10.25
C SER E 71 -6.17 -15.64 9.39
N ILE E 72 -6.39 -15.87 8.10
CA ILE E 72 -5.36 -15.79 7.08
C ILE E 72 -5.71 -14.60 6.21
N ASP E 73 -4.90 -13.54 6.28
CA ASP E 73 -5.35 -12.24 5.81
C ASP E 73 -5.36 -12.15 4.30
N MET E 74 -4.19 -12.26 3.67
CA MET E 74 -4.11 -12.07 2.23
C MET E 74 -2.97 -12.89 1.66
N VAL E 75 -3.28 -13.70 0.65
CA VAL E 75 -2.29 -14.49 -0.06
C VAL E 75 -1.92 -13.74 -1.33
N SER E 76 -0.66 -13.35 -1.43
CA SER E 76 -0.18 -12.54 -2.55
C SER E 76 0.81 -13.34 -3.37
N GLU E 77 0.50 -13.52 -4.66
CA GLU E 77 1.50 -14.07 -5.57
C GLU E 77 2.53 -13.02 -5.97
N VAL E 78 2.15 -11.74 -5.93
CA VAL E 78 3.08 -10.68 -6.30
C VAL E 78 4.26 -10.65 -5.33
N ASN E 79 3.97 -10.76 -4.04
CA ASN E 79 5.01 -10.74 -3.01
C ASN E 79 5.39 -12.12 -2.52
N MET E 80 4.75 -13.17 -3.03
CA MET E 80 5.05 -14.55 -2.66
C MET E 80 4.99 -14.75 -1.15
N ASP E 81 3.92 -14.23 -0.55
CA ASP E 81 3.75 -14.32 0.90
C ASP E 81 2.28 -14.39 1.24
N TYR E 82 2.00 -14.86 2.45
CA TYR E 82 0.67 -14.85 3.02
C TYR E 82 0.75 -14.31 4.44
N THR E 83 -0.28 -13.58 4.86
CA THR E 83 -0.32 -12.99 6.19
C THR E 83 -1.20 -13.85 7.08
N LEU E 84 -0.71 -14.11 8.29
CA LEU E 84 -1.37 -15.01 9.23
C LEU E 84 -1.49 -14.35 10.59
N THR E 85 -2.69 -14.39 11.16
CA THR E 85 -2.94 -13.91 12.52
C THR E 85 -3.36 -15.09 13.37
N MET E 86 -2.70 -15.27 14.52
CA MET E 86 -2.91 -16.48 15.30
C MET E 86 -2.68 -16.20 16.77
N TYR E 87 -3.23 -17.08 17.61
CA TYR E 87 -3.02 -17.03 19.05
C TYR E 87 -1.95 -18.06 19.38
N PHE E 88 -0.72 -17.70 19.08
CA PHE E 88 0.40 -18.61 19.26
C PHE E 88 0.69 -18.80 20.74
N GLN E 89 0.77 -20.07 21.17
CA GLN E 89 0.94 -20.39 22.58
C GLN E 89 2.05 -21.42 22.75
N GLN E 90 2.72 -21.33 23.89
CA GLN E 90 3.85 -22.20 24.21
C GLN E 90 3.68 -22.73 25.62
N TYR E 91 4.18 -23.94 25.85
CA TYR E 91 4.02 -24.60 27.13
CA TYR E 91 4.00 -24.65 27.11
C TYR E 91 5.35 -25.20 27.56
N TRP E 92 5.68 -25.03 28.83
CA TRP E 92 6.90 -25.63 29.36
C TRP E 92 6.85 -25.57 30.87
N ARG E 93 7.53 -26.51 31.50
CA ARG E 93 7.55 -26.62 32.95
C ARG E 93 8.87 -26.08 33.47
N ASP E 94 8.79 -25.03 34.29
CA ASP E 94 9.95 -24.45 34.96
C ASP E 94 9.79 -24.68 36.44
N LYS E 95 10.63 -25.55 37.02
CA LYS E 95 10.51 -25.87 38.43
C LYS E 95 10.81 -24.67 39.32
N ARG E 96 11.54 -23.68 38.82
CA ARG E 96 11.79 -22.47 39.59
C ARG E 96 10.52 -21.65 39.79
N LEU E 97 9.50 -21.86 38.95
CA LEU E 97 8.24 -21.13 39.04
C LEU E 97 7.12 -22.01 39.60
N ALA E 98 7.46 -22.89 40.56
CA ALA E 98 6.50 -23.77 41.18
C ALA E 98 6.10 -23.21 42.53
N TYR E 99 4.80 -23.00 42.73
CA TYR E 99 4.28 -22.40 43.95
C TYR E 99 3.23 -23.32 44.56
N SER E 100 3.28 -23.46 45.88
CA SER E 100 2.36 -24.31 46.62
C SER E 100 1.53 -23.48 47.57
N GLY E 101 0.50 -24.10 48.12
CA GLY E 101 -0.43 -23.43 49.01
C GLY E 101 -1.61 -22.82 48.30
N ILE E 102 -1.35 -22.05 47.26
CA ILE E 102 -2.40 -21.40 46.47
C ILE E 102 -2.97 -22.42 45.48
N PRO E 103 -4.26 -22.72 45.54
CA PRO E 103 -4.87 -23.67 44.60
C PRO E 103 -5.30 -23.07 43.26
N LEU E 104 -4.85 -21.88 42.92
CA LEU E 104 -5.29 -21.19 41.72
C LEU E 104 -4.20 -21.18 40.66
N ASN E 105 -4.62 -20.91 39.43
CA ASN E 105 -3.70 -20.72 38.32
C ASN E 105 -3.46 -19.23 38.15
N LEU E 106 -2.29 -18.77 38.59
CA LEU E 106 -1.98 -17.35 38.64
C LEU E 106 -1.83 -16.80 37.23
N THR E 107 -2.84 -16.08 36.76
CA THR E 107 -2.72 -15.29 35.53
C THR E 107 -2.14 -13.94 35.92
N LEU E 108 -0.91 -13.68 35.48
CA LEU E 108 -0.23 -12.44 35.82
C LEU E 108 -0.32 -11.45 34.66
N ASP E 109 -0.01 -10.20 34.98
CA ASP E 109 0.00 -9.15 33.96
C ASP E 109 1.11 -9.43 32.95
N ASN E 110 0.84 -9.09 31.68
CA ASN E 110 1.74 -9.47 30.61
C ASN E 110 3.11 -8.85 30.73
N ARG E 111 3.26 -7.80 31.54
CA ARG E 111 4.59 -7.22 31.75
C ARG E 111 5.51 -8.12 32.55
N VAL E 112 5.00 -9.19 33.14
CA VAL E 112 5.85 -10.11 33.90
C VAL E 112 6.64 -11.03 32.98
N ALA E 113 6.26 -11.15 31.71
CA ALA E 113 6.99 -12.01 30.78
C ALA E 113 8.42 -11.55 30.58
N ASP E 114 8.69 -10.26 30.80
CA ASP E 114 10.05 -9.74 30.66
C ASP E 114 10.96 -10.20 31.80
N GLN E 115 10.40 -10.80 32.85
CA GLN E 115 11.18 -11.27 33.99
C GLN E 115 11.26 -12.79 34.06
N LEU E 116 10.74 -13.49 33.06
CA LEU E 116 10.74 -14.94 33.03
C LEU E 116 11.51 -15.42 31.81
N TRP E 117 12.06 -16.62 31.91
CA TRP E 117 12.68 -17.25 30.74
C TRP E 117 11.58 -17.67 29.77
N VAL E 118 11.75 -17.31 28.50
CA VAL E 118 10.84 -17.74 27.46
C VAL E 118 11.65 -18.32 26.31
N PRO E 119 11.13 -19.30 25.58
CA PRO E 119 11.87 -19.84 24.44
C PRO E 119 12.10 -18.78 23.37
N ASP E 120 13.26 -18.87 22.73
CA ASP E 120 13.61 -17.93 21.66
C ASP E 120 12.97 -18.37 20.36
N THR E 121 11.67 -18.63 20.38
CA THR E 121 10.98 -19.13 19.21
C THR E 121 10.93 -18.06 18.12
N TYR E 122 11.22 -18.46 16.89
CA TYR E 122 11.13 -17.56 15.75
C TYR E 122 10.58 -18.34 14.58
N PHE E 123 10.12 -17.61 13.57
CA PHE E 123 9.55 -18.21 12.37
C PHE E 123 10.51 -18.00 11.22
N LEU E 124 10.97 -19.10 10.61
CA LEU E 124 12.06 -19.03 9.65
C LEU E 124 11.65 -18.30 8.38
N ASN E 125 10.50 -18.65 7.83
CA ASN E 125 10.05 -18.03 6.59
C ASN E 125 9.32 -16.72 6.83
N ASP E 126 9.23 -16.26 8.07
CA ASP E 126 8.57 -15.00 8.36
C ASP E 126 9.37 -13.82 7.82
N LYS E 127 8.67 -12.89 7.16
CA LYS E 127 9.25 -11.64 6.69
C LYS E 127 9.05 -10.51 7.68
N LYS E 128 7.81 -10.24 8.08
CA LYS E 128 7.48 -9.11 8.92
C LYS E 128 6.42 -9.55 9.92
N SER E 129 6.78 -9.55 11.21
CA SER E 129 5.89 -9.99 12.27
C SER E 129 5.80 -8.94 13.35
N PHE E 130 4.64 -8.91 14.02
CA PHE E 130 4.45 -8.02 15.16
C PHE E 130 3.44 -8.63 16.11
N VAL E 131 3.69 -8.47 17.40
CA VAL E 131 2.69 -8.76 18.43
C VAL E 131 1.87 -7.51 18.64
N HIS E 132 0.55 -7.64 18.59
CA HIS E 132 -0.33 -6.48 18.73
C HIS E 132 -0.16 -5.85 20.10
N GLY E 133 -0.26 -4.52 20.13
CA GLY E 133 -0.02 -3.80 21.37
C GLY E 133 -1.10 -2.83 21.78
N VAL E 134 -2.35 -3.16 21.46
CA VAL E 134 -3.51 -2.36 21.83
C VAL E 134 -4.53 -3.28 22.48
N THR E 135 -5.01 -2.90 23.65
CA THR E 135 -4.70 -1.68 24.40
C THR E 135 -3.34 -1.79 25.08
N VAL E 136 -2.97 -3.02 25.43
CA VAL E 136 -1.63 -3.31 25.91
C VAL E 136 -1.03 -4.37 24.99
N LYS E 137 0.19 -4.79 25.27
CA LYS E 137 0.79 -5.86 24.49
C LYS E 137 0.01 -7.15 24.69
N ASN E 138 -0.31 -7.82 23.59
CA ASN E 138 -1.15 -9.02 23.62
C ASN E 138 -0.29 -10.20 24.04
N ARG E 139 -0.14 -10.35 25.35
CA ARG E 139 0.57 -11.48 25.93
C ARG E 139 -0.22 -12.01 27.11
N MET E 140 0.05 -13.26 27.47
CA MET E 140 -0.49 -13.82 28.69
C MET E 140 0.53 -14.75 29.32
N ILE E 141 0.66 -14.64 30.63
CA ILE E 141 1.48 -15.54 31.43
C ILE E 141 0.57 -16.16 32.47
N ARG E 142 0.44 -17.49 32.45
CA ARG E 142 -0.45 -18.19 33.36
C ARG E 142 0.35 -19.28 34.04
N LEU E 143 0.88 -18.97 35.22
CA LEU E 143 1.59 -19.96 36.00
C LEU E 143 0.62 -20.97 36.61
N HIS E 144 1.06 -22.21 36.67
CA HIS E 144 0.32 -23.27 37.30
C HIS E 144 1.12 -23.84 38.46
N PRO E 145 0.47 -24.33 39.51
CA PRO E 145 1.21 -24.65 40.75
C PRO E 145 2.31 -25.67 40.58
N ASP E 146 2.21 -26.59 39.63
CA ASP E 146 3.27 -27.58 39.45
C ASP E 146 4.51 -27.00 38.80
N GLY E 147 4.46 -25.76 38.31
CA GLY E 147 5.59 -25.16 37.63
C GLY E 147 5.39 -24.92 36.15
N THR E 148 4.27 -25.35 35.60
CA THR E 148 4.01 -25.14 34.18
C THR E 148 3.80 -23.66 33.89
N VAL E 149 4.16 -23.26 32.67
CA VAL E 149 4.00 -21.89 32.22
C VAL E 149 3.26 -21.91 30.89
N LEU E 150 2.09 -21.30 30.85
CA LEU E 150 1.37 -21.08 29.61
C LEU E 150 1.65 -19.65 29.16
N TYR E 151 2.23 -19.52 27.97
CA TYR E 151 2.70 -18.24 27.46
C TYR E 151 2.10 -18.05 26.07
N GLY E 152 1.12 -17.16 25.96
CA GLY E 152 0.40 -16.96 24.72
C GLY E 152 0.71 -15.60 24.12
N LEU E 153 0.82 -15.57 22.81
CA LEU E 153 1.02 -14.34 22.06
C LEU E 153 -0.02 -14.26 20.97
N ARG E 154 -0.41 -13.04 20.62
CA ARG E 154 -1.26 -12.79 19.46
C ARG E 154 -0.37 -12.16 18.40
N ILE E 155 -0.06 -12.92 17.36
CA ILE E 155 0.97 -12.57 16.40
C ILE E 155 0.34 -12.46 15.02
N THR E 156 0.74 -11.44 14.27
CA THR E 156 0.44 -11.36 12.85
C THR E 156 1.74 -11.51 12.09
N THR E 157 1.83 -12.57 11.27
CA THR E 157 3.05 -12.93 10.59
C THR E 157 2.82 -12.90 9.09
N THR E 158 3.73 -12.25 8.37
CA THR E 158 3.76 -12.31 6.92
C THR E 158 4.91 -13.24 6.54
N ALA E 159 4.56 -14.47 6.18
CA ALA E 159 5.55 -15.51 5.92
C ALA E 159 5.73 -15.71 4.43
N ALA E 160 6.96 -16.01 4.03
CA ALA E 160 7.25 -16.27 2.62
C ALA E 160 6.65 -17.59 2.19
N CYS E 161 6.09 -17.62 0.97
CA CYS E 161 5.54 -18.84 0.40
C CYS E 161 5.81 -18.81 -1.10
N MET E 162 6.88 -19.48 -1.52
CA MET E 162 7.17 -19.57 -2.95
C MET E 162 6.11 -20.43 -3.62
N MET E 163 5.66 -19.97 -4.79
CA MET E 163 4.53 -20.58 -5.48
C MET E 163 4.95 -21.06 -6.86
N ASP E 164 4.30 -22.12 -7.31
CA ASP E 164 4.53 -22.69 -8.64
C ASP E 164 3.33 -22.31 -9.50
N LEU E 165 3.44 -21.18 -10.20
CA LEU E 165 2.35 -20.62 -10.98
C LEU E 165 2.25 -21.23 -12.38
N ARG E 166 2.81 -22.43 -12.60
CA ARG E 166 2.75 -23.04 -13.91
C ARG E 166 1.33 -23.41 -14.28
N ARG E 167 0.55 -23.91 -13.33
CA ARG E 167 -0.84 -24.28 -13.57
C ARG E 167 -1.81 -23.20 -13.09
N TYR E 168 -1.31 -22.01 -12.81
CA TYR E 168 -2.17 -20.90 -12.41
C TYR E 168 -3.16 -20.59 -13.53
N PRO E 169 -4.43 -20.34 -13.20
CA PRO E 169 -5.06 -20.26 -11.88
C PRO E 169 -5.69 -21.56 -11.41
N LEU E 170 -5.32 -22.69 -11.99
CA LEU E 170 -5.88 -23.99 -11.62
C LEU E 170 -4.92 -24.77 -10.73
N ASP E 171 -4.26 -24.07 -9.81
CA ASP E 171 -3.13 -24.61 -9.08
C ASP E 171 -3.44 -24.73 -7.60
N GLU E 172 -2.83 -25.72 -6.96
CA GLU E 172 -2.85 -25.88 -5.52
C GLU E 172 -1.54 -25.41 -4.95
N GLN E 173 -1.58 -24.54 -3.95
CA GLN E 173 -0.38 -24.03 -3.31
C GLN E 173 -0.21 -24.67 -1.94
N ASN E 174 1.04 -24.74 -1.49
CA ASN E 174 1.39 -25.35 -0.21
C ASN E 174 2.24 -24.34 0.57
N CYS E 175 1.57 -23.53 1.38
CA CYS E 175 2.24 -22.51 2.19
C CYS E 175 2.40 -23.03 3.61
N THR E 176 3.63 -23.02 4.10
CA THR E 176 3.96 -23.56 5.42
C THR E 176 4.26 -22.42 6.39
N LEU E 177 4.60 -22.81 7.62
CA LEU E 177 5.03 -21.88 8.66
C LEU E 177 6.07 -22.61 9.50
N GLU E 178 7.34 -22.29 9.28
CA GLU E 178 8.41 -22.97 9.99
C GLU E 178 8.64 -22.32 11.35
N ILE E 179 8.65 -23.15 12.38
CA ILE E 179 8.82 -22.70 13.76
C ILE E 179 10.08 -23.35 14.30
N GLU E 180 11.00 -22.54 14.81
CA GLU E 180 12.30 -23.06 15.20
C GLU E 180 12.85 -22.27 16.36
N SER E 181 13.76 -22.89 17.10
CA SER E 181 14.50 -22.24 18.16
C SER E 181 15.82 -21.72 17.62
N TYR E 182 16.18 -20.50 18.00
CA TYR E 182 17.37 -19.89 17.39
C TYR E 182 18.65 -20.31 18.09
N GLY E 183 18.70 -20.17 19.41
CA GLY E 183 19.96 -20.37 20.11
C GLY E 183 20.15 -21.76 20.69
N TYR E 184 19.06 -22.43 21.05
CA TYR E 184 19.12 -23.70 21.75
C TYR E 184 18.99 -24.84 20.75
N THR E 185 19.91 -25.79 20.83
CA THR E 185 19.90 -26.96 19.96
C THR E 185 18.94 -27.99 20.53
N THR E 186 18.85 -29.16 19.87
CA THR E 186 18.00 -30.22 20.37
C THR E 186 18.52 -30.78 21.69
N ASP E 187 19.75 -30.44 22.08
CA ASP E 187 20.27 -30.80 23.38
C ASP E 187 19.76 -29.92 24.50
N ASP E 188 19.13 -28.78 24.17
CA ASP E 188 18.68 -27.84 25.17
C ASP E 188 17.19 -27.51 25.07
N ILE E 189 16.48 -28.03 24.08
CA ILE E 189 15.07 -27.70 23.91
C ILE E 189 14.46 -28.75 22.99
N GLU E 190 13.18 -29.02 23.18
CA GLU E 190 12.44 -29.95 22.34
C GLU E 190 11.08 -29.34 22.01
N PHE E 191 10.71 -29.39 20.74
CA PHE E 191 9.43 -28.87 20.28
C PHE E 191 8.51 -30.02 19.96
N TYR E 192 7.29 -29.98 20.50
CA TYR E 192 6.25 -30.92 20.15
C TYR E 192 4.94 -30.17 20.05
N TRP E 193 4.04 -30.68 19.22
CA TRP E 193 2.70 -30.12 19.14
C TRP E 193 1.90 -30.59 20.35
N ARG E 194 1.43 -29.65 21.16
CA ARG E 194 0.65 -29.99 22.34
C ARG E 194 -0.75 -30.39 21.90
N GLY E 195 -1.08 -31.66 22.07
CA GLY E 195 -2.35 -32.18 21.64
C GLY E 195 -2.33 -32.96 20.34
N GLY E 196 -1.16 -33.20 19.77
CA GLY E 196 -1.10 -33.98 18.55
C GLY E 196 -1.69 -33.23 17.37
N ASP E 197 -2.43 -33.96 16.53
CA ASP E 197 -3.01 -33.35 15.33
C ASP E 197 -4.04 -32.28 15.66
N LYS E 198 -4.54 -32.25 16.88
CA LYS E 198 -5.49 -31.22 17.31
C LYS E 198 -4.79 -30.02 17.94
N ALA E 199 -3.52 -29.81 17.64
CA ALA E 199 -2.79 -28.68 18.20
C ALA E 199 -3.02 -27.39 17.43
N VAL E 200 -3.63 -27.44 16.26
CA VAL E 200 -3.95 -26.24 15.48
C VAL E 200 -5.45 -26.22 15.26
N THR E 201 -6.08 -25.10 15.63
CA THR E 201 -7.52 -24.96 15.57
C THR E 201 -7.89 -23.72 14.78
N GLY E 202 -9.16 -23.63 14.42
CA GLY E 202 -9.66 -22.49 13.70
C GLY E 202 -9.44 -22.51 12.21
N VAL E 203 -8.80 -23.56 11.69
CA VAL E 203 -8.59 -23.65 10.24
C VAL E 203 -9.93 -23.81 9.52
N GLU E 204 -10.87 -24.54 10.13
CA GLU E 204 -12.18 -24.72 9.52
C GLU E 204 -12.96 -23.42 9.45
N ARG E 205 -12.74 -22.51 10.41
CA ARG E 205 -13.44 -21.24 10.42
C ARG E 205 -12.90 -20.26 9.39
N ILE E 206 -11.76 -20.56 8.77
CA ILE E 206 -11.17 -19.64 7.81
C ILE E 206 -11.93 -19.71 6.49
N GLU E 207 -12.25 -18.55 5.93
CA GLU E 207 -12.96 -18.44 4.66
C GLU E 207 -12.19 -17.47 3.78
N LEU E 208 -11.22 -17.99 3.05
CA LEU E 208 -10.48 -17.17 2.10
C LEU E 208 -11.36 -16.85 0.90
N PRO E 209 -11.44 -15.59 0.47
CA PRO E 209 -12.28 -15.27 -0.68
C PRO E 209 -11.84 -15.96 -1.96
N GLN E 210 -10.55 -16.19 -2.14
CA GLN E 210 -10.00 -16.72 -3.39
C GLN E 210 -9.55 -18.17 -3.29
N PHE E 211 -9.01 -18.58 -2.16
CA PHE E 211 -8.47 -19.92 -2.00
C PHE E 211 -9.44 -20.80 -1.24
N SER E 212 -8.97 -22.01 -0.89
CA SER E 212 -9.77 -22.97 -0.14
C SER E 212 -8.81 -23.93 0.54
N ILE E 213 -8.77 -23.92 1.87
CA ILE E 213 -7.83 -24.75 2.61
C ILE E 213 -8.28 -26.20 2.50
N VAL E 214 -7.57 -26.99 1.70
CA VAL E 214 -7.93 -28.39 1.52
C VAL E 214 -7.62 -29.18 2.79
N GLU E 215 -6.45 -28.96 3.37
CA GLU E 215 -6.05 -29.69 4.57
C GLU E 215 -4.90 -28.95 5.23
N HIS E 216 -4.37 -29.54 6.31
CA HIS E 216 -3.21 -29.00 6.96
C HIS E 216 -2.50 -30.12 7.71
N ARG E 217 -1.18 -30.00 7.82
CA ARG E 217 -0.35 -31.02 8.44
C ARG E 217 0.54 -30.40 9.49
N LEU E 218 0.83 -31.18 10.53
CA LEU E 218 1.73 -30.77 11.59
C LEU E 218 2.95 -31.69 11.56
N VAL E 219 4.12 -31.10 11.39
CA VAL E 219 5.37 -31.83 11.21
C VAL E 219 6.35 -31.42 12.29
N SER E 220 6.99 -32.41 12.92
CA SER E 220 8.04 -32.17 13.90
C SER E 220 9.31 -32.87 13.43
N ARG E 221 10.39 -32.10 13.29
CA ARG E 221 11.63 -32.64 12.76
C ARG E 221 12.80 -31.77 13.21
N ASN E 222 14.00 -32.32 13.08
CA ASN E 222 15.23 -31.62 13.43
C ASN E 222 15.93 -31.14 12.17
N VAL E 223 16.49 -29.94 12.23
CA VAL E 223 17.21 -29.34 11.12
C VAL E 223 18.64 -29.07 11.57
N VAL E 224 19.60 -29.52 10.77
CA VAL E 224 21.01 -29.37 11.10
C VAL E 224 21.56 -28.16 10.34
N PHE E 225 22.08 -27.20 11.10
CA PHE E 225 22.82 -26.08 10.55
C PHE E 225 24.29 -26.22 10.94
N ALA E 226 25.08 -25.20 10.60
CA ALA E 226 26.50 -25.24 10.92
C ALA E 226 26.77 -25.21 12.41
N THR E 227 25.81 -24.77 13.22
CA THR E 227 26.00 -24.62 14.67
C THR E 227 25.30 -25.71 15.47
N GLY E 228 24.76 -26.73 14.83
CA GLY E 228 24.11 -27.83 15.51
C GLY E 228 22.72 -28.10 14.95
N ALA E 229 22.06 -29.08 15.55
CA ALA E 229 20.75 -29.51 15.12
C ALA E 229 19.69 -28.85 15.98
N TYR E 230 18.68 -28.26 15.34
CA TYR E 230 17.67 -27.52 16.05
C TYR E 230 16.29 -28.12 15.83
N PRO E 231 15.41 -28.12 16.83
CA PRO E 231 14.05 -28.60 16.62
C PRO E 231 13.29 -27.65 15.71
N ARG E 232 12.39 -28.24 14.91
CA ARG E 232 11.54 -27.46 14.03
C ARG E 232 10.15 -28.05 14.01
N LEU E 233 9.14 -27.18 14.05
CA LEU E 233 7.75 -27.54 13.82
C LEU E 233 7.28 -26.84 12.56
N SER E 234 6.57 -27.56 11.70
CA SER E 234 6.06 -27.01 10.45
C SER E 234 4.56 -27.19 10.41
N LEU E 235 3.85 -26.09 10.19
CA LEU E 235 2.41 -26.11 9.95
C LEU E 235 2.19 -25.69 8.51
N SER E 236 1.61 -26.58 7.71
CA SER E 236 1.47 -26.38 6.29
C SER E 236 0.01 -26.42 5.88
N PHE E 237 -0.38 -25.54 4.98
CA PHE E 237 -1.72 -25.50 4.42
C PHE E 237 -1.63 -25.79 2.93
N ARG E 238 -2.56 -26.58 2.43
CA ARG E 238 -2.66 -26.87 1.01
C ARG E 238 -3.83 -26.06 0.47
N LEU E 239 -3.56 -24.80 0.12
CA LEU E 239 -4.59 -23.94 -0.44
C LEU E 239 -4.92 -24.38 -1.86
N LYS E 240 -6.20 -24.33 -2.21
CA LYS E 240 -6.67 -24.61 -3.55
C LYS E 240 -7.40 -23.39 -4.09
N ARG E 241 -7.06 -22.98 -5.30
CA ARG E 241 -7.60 -21.75 -5.85
C ARG E 241 -9.01 -21.96 -6.38
N ASN E 242 -9.84 -20.93 -6.24
CA ASN E 242 -11.20 -20.96 -6.77
C ASN E 242 -11.18 -20.41 -8.19
N ILE E 243 -11.58 -21.25 -9.15
CA ILE E 243 -11.58 -20.85 -10.55
C ILE E 243 -12.74 -19.93 -10.90
N GLY E 244 -13.70 -19.76 -9.99
CA GLY E 244 -14.88 -18.99 -10.32
C GLY E 244 -14.59 -17.56 -10.72
N TYR E 245 -13.68 -16.91 -9.99
CA TYR E 245 -13.34 -15.53 -10.30
C TYR E 245 -12.66 -15.42 -11.67
N PHE E 246 -11.74 -16.33 -11.97
CA PHE E 246 -10.97 -16.22 -13.20
C PHE E 246 -11.83 -16.49 -14.43
N ILE E 247 -12.89 -17.28 -14.27
CA ILE E 247 -13.80 -17.52 -15.39
C ILE E 247 -14.49 -16.22 -15.79
N LEU E 248 -14.97 -15.46 -14.82
CA LEU E 248 -15.65 -14.20 -15.11
C LEU E 248 -14.68 -13.09 -15.49
N GLN E 249 -13.40 -13.24 -15.17
CA GLN E 249 -12.43 -12.16 -15.37
C GLN E 249 -11.71 -12.28 -16.71
N THR E 250 -11.16 -13.44 -17.02
CA THR E 250 -10.34 -13.60 -18.22
C THR E 250 -10.81 -14.70 -19.15
N TYR E 251 -11.26 -15.83 -18.62
CA TYR E 251 -11.62 -16.95 -19.48
C TYR E 251 -12.80 -16.61 -20.37
N MET E 252 -13.87 -16.08 -19.79
CA MET E 252 -15.05 -15.77 -20.59
C MET E 252 -14.82 -14.69 -21.65
N PRO E 253 -14.21 -13.53 -21.33
CA PRO E 253 -13.93 -12.57 -22.41
C PRO E 253 -13.00 -13.11 -23.48
N SER E 254 -12.07 -13.99 -23.11
CA SER E 254 -11.22 -14.63 -24.12
C SER E 254 -12.06 -15.47 -25.07
N ILE E 255 -13.04 -16.20 -24.54
CA ILE E 255 -13.89 -17.02 -25.38
C ILE E 255 -14.76 -16.16 -26.29
N LEU E 256 -15.41 -15.15 -25.71
CA LEU E 256 -16.34 -14.34 -26.50
C LEU E 256 -15.62 -13.58 -27.61
N ILE E 257 -14.43 -13.04 -27.32
CA ILE E 257 -13.65 -12.38 -28.35
C ILE E 257 -13.22 -13.39 -29.41
N THR E 258 -12.86 -14.61 -28.98
CA THR E 258 -12.57 -15.67 -29.95
C THR E 258 -13.79 -16.01 -30.77
N ILE E 259 -14.97 -16.08 -30.14
CA ILE E 259 -16.19 -16.26 -30.89
C ILE E 259 -16.46 -15.07 -31.79
N LEU E 260 -16.11 -13.87 -31.31
CA LEU E 260 -16.35 -12.66 -32.10
C LEU E 260 -15.59 -12.70 -33.41
N SER E 261 -14.36 -13.19 -33.40
CA SER E 261 -13.55 -13.23 -34.61
C SER E 261 -14.17 -14.10 -35.69
N TRP E 262 -15.02 -15.05 -35.32
CA TRP E 262 -15.66 -15.92 -36.29
C TRP E 262 -16.76 -15.21 -37.08
N VAL E 263 -17.23 -14.05 -36.60
CA VAL E 263 -18.26 -13.31 -37.32
C VAL E 263 -17.75 -12.87 -38.68
N SER E 264 -16.44 -12.65 -38.81
CA SER E 264 -15.88 -12.31 -40.12
C SER E 264 -16.02 -13.45 -41.11
N PHE E 265 -16.21 -14.68 -40.64
CA PHE E 265 -16.46 -15.79 -41.54
C PHE E 265 -17.83 -15.75 -42.19
N TRP E 266 -18.72 -14.86 -41.74
CA TRP E 266 -20.06 -14.72 -42.29
C TRP E 266 -20.23 -13.41 -43.06
N ILE E 267 -19.13 -12.79 -43.46
CA ILE E 267 -19.14 -11.51 -44.16
C ILE E 267 -18.56 -11.70 -45.55
N ASN E 268 -19.16 -11.05 -46.54
CA ASN E 268 -18.70 -11.17 -47.91
C ASN E 268 -17.23 -10.76 -48.02
N TYR E 269 -16.47 -11.50 -48.82
CA TYR E 269 -15.04 -11.28 -48.90
C TYR E 269 -14.70 -9.89 -49.44
N ASP E 270 -15.57 -9.32 -50.27
CA ASP E 270 -15.32 -7.99 -50.80
C ASP E 270 -15.46 -6.90 -49.74
N ALA E 271 -16.00 -7.23 -48.56
CA ALA E 271 -16.12 -6.27 -47.47
C ALA E 271 -14.79 -6.20 -46.73
N SER E 272 -13.83 -5.50 -47.35
CA SER E 272 -12.51 -5.39 -46.75
C SER E 272 -12.53 -4.55 -45.49
N ALA E 273 -13.20 -3.40 -45.52
CA ALA E 273 -13.19 -2.50 -44.37
C ALA E 273 -13.89 -3.10 -43.16
N ALA E 274 -14.76 -4.08 -43.37
CA ALA E 274 -15.48 -4.70 -42.26
C ALA E 274 -14.72 -5.88 -41.65
N ARG E 275 -14.35 -6.85 -42.48
CA ARG E 275 -13.69 -8.05 -41.97
C ARG E 275 -12.32 -7.73 -41.37
N VAL E 276 -11.57 -6.83 -42.02
CA VAL E 276 -10.27 -6.45 -41.49
C VAL E 276 -10.41 -5.72 -40.16
N ALA E 277 -11.32 -4.76 -40.10
CA ALA E 277 -11.54 -4.03 -38.85
C ALA E 277 -12.03 -4.97 -37.75
N LEU E 278 -12.95 -5.87 -38.08
CA LEU E 278 -13.39 -6.86 -37.10
C LEU E 278 -12.26 -7.79 -36.71
N GLY E 279 -11.50 -8.28 -37.69
CA GLY E 279 -10.41 -9.19 -37.39
C GLY E 279 -9.30 -8.53 -36.60
N ILE E 280 -8.90 -7.32 -37.01
CA ILE E 280 -7.79 -6.64 -36.33
C ILE E 280 -8.17 -6.32 -34.89
N THR E 281 -9.40 -5.86 -34.67
CA THR E 281 -9.80 -5.44 -33.33
C THR E 281 -9.69 -6.58 -32.34
N THR E 282 -10.16 -7.77 -32.73
CA THR E 282 -10.05 -8.93 -31.83
C THR E 282 -8.60 -9.29 -31.58
N VAL E 283 -7.72 -9.10 -32.55
CA VAL E 283 -6.29 -9.34 -32.34
C VAL E 283 -5.75 -8.40 -31.27
N LEU E 284 -6.11 -7.13 -31.35
CA LEU E 284 -5.64 -6.17 -30.35
C LEU E 284 -6.15 -6.50 -28.96
N THR E 285 -7.45 -6.82 -28.85
CA THR E 285 -8.04 -7.06 -27.53
C THR E 285 -7.40 -8.26 -26.85
N MET E 286 -7.09 -9.30 -27.61
CA MET E 286 -6.41 -10.46 -27.02
C MET E 286 -5.08 -10.06 -26.42
N THR E 287 -4.30 -9.26 -27.15
CA THR E 287 -3.08 -8.70 -26.57
C THR E 287 -3.42 -7.75 -25.42
N THR E 288 -4.46 -6.93 -25.59
CA THR E 288 -4.86 -5.99 -24.56
C THR E 288 -5.32 -6.71 -23.29
N ILE E 289 -6.10 -7.79 -23.44
CA ILE E 289 -6.59 -8.50 -22.26
C ILE E 289 -5.43 -9.05 -21.45
N ASN E 290 -4.37 -9.50 -22.13
CA ASN E 290 -3.19 -9.97 -21.42
C ASN E 290 -2.51 -8.86 -20.63
N THR E 291 -2.66 -7.61 -21.06
CA THR E 291 -2.07 -6.50 -20.31
C THR E 291 -2.71 -6.37 -18.93
N HIS E 292 -4.03 -6.45 -18.86
CA HIS E 292 -4.74 -6.37 -17.59
C HIS E 292 -4.55 -7.61 -16.72
N LEU E 293 -3.70 -8.54 -17.15
CA LEU E 293 -3.43 -9.77 -16.41
C LEU E 293 -1.97 -9.97 -16.07
N ARG E 294 -1.06 -9.53 -16.92
CA ARG E 294 0.37 -9.67 -16.64
C ARG E 294 0.80 -8.78 -15.49
N GLU E 295 0.16 -7.63 -15.30
CA GLU E 295 0.54 -6.70 -14.25
C GLU E 295 0.11 -7.17 -12.87
N THR E 296 -0.83 -8.10 -12.79
CA THR E 296 -1.34 -8.60 -11.53
C THR E 296 -0.47 -9.70 -10.93
N LEU E 297 0.59 -10.11 -11.61
CA LEU E 297 1.43 -11.22 -11.20
C LEU E 297 2.88 -10.82 -11.29
N PRO E 298 3.76 -11.51 -10.55
CA PRO E 298 5.19 -11.22 -10.65
C PRO E 298 5.75 -11.67 -12.00
N LYS E 299 6.95 -11.16 -12.30
CA LYS E 299 7.58 -11.40 -13.59
C LYS E 299 8.30 -12.75 -13.59
N ILE E 300 7.49 -13.80 -13.55
CA ILE E 300 7.98 -15.18 -13.58
C ILE E 300 8.47 -15.50 -14.98
N PRO E 301 9.48 -16.35 -15.13
CA PRO E 301 10.04 -16.64 -16.46
C PRO E 301 9.37 -17.76 -17.23
N TYR E 302 8.38 -18.45 -16.66
CA TYR E 302 7.77 -19.59 -17.33
C TYR E 302 6.34 -19.28 -17.72
N VAL E 303 5.72 -20.23 -18.40
CA VAL E 303 4.39 -20.06 -18.98
C VAL E 303 3.35 -20.60 -18.00
N LYS E 304 2.32 -19.80 -17.74
CA LYS E 304 1.24 -20.18 -16.86
C LYS E 304 0.14 -20.88 -17.64
N ALA E 305 -0.80 -21.50 -16.91
CA ALA E 305 -1.94 -22.13 -17.56
C ALA E 305 -2.90 -21.10 -18.13
N ILE E 306 -2.90 -19.89 -17.58
CA ILE E 306 -3.75 -18.85 -18.16
C ILE E 306 -3.08 -18.23 -19.37
N ASP E 307 -1.74 -18.20 -19.42
CA ASP E 307 -1.05 -17.77 -20.63
C ASP E 307 -1.23 -18.78 -21.76
N MET E 308 -1.29 -20.06 -21.44
CA MET E 308 -1.50 -21.07 -22.47
C MET E 308 -2.83 -20.87 -23.18
N TYR E 309 -3.87 -20.54 -22.42
CA TYR E 309 -5.18 -20.28 -23.02
C TYR E 309 -5.15 -19.01 -23.87
N LEU E 310 -4.53 -17.95 -23.36
CA LEU E 310 -4.47 -16.70 -24.10
C LEU E 310 -3.63 -16.84 -25.37
N MET E 311 -2.52 -17.58 -25.29
CA MET E 311 -1.77 -17.90 -26.50
C MET E 311 -2.60 -18.77 -27.43
N GLY E 312 -3.38 -19.69 -26.87
CA GLY E 312 -4.27 -20.49 -27.70
C GLY E 312 -5.35 -19.65 -28.37
N CYS E 313 -5.95 -18.73 -27.62
CA CYS E 313 -6.96 -17.86 -28.20
C CYS E 313 -6.36 -16.92 -29.24
N PHE E 314 -5.15 -16.41 -28.98
CA PHE E 314 -4.53 -15.51 -29.95
C PHE E 314 -4.20 -16.21 -31.25
N VAL E 315 -3.87 -17.49 -31.21
CA VAL E 315 -3.59 -18.24 -32.44
C VAL E 315 -4.83 -18.30 -33.31
N PHE E 316 -5.99 -18.60 -32.71
CA PHE E 316 -7.23 -18.66 -33.47
C PHE E 316 -7.60 -17.29 -34.04
N VAL E 317 -7.48 -16.25 -33.23
CA VAL E 317 -7.82 -14.91 -33.69
C VAL E 317 -6.87 -14.46 -34.80
N PHE E 318 -5.58 -14.75 -34.63
CA PHE E 318 -4.61 -14.40 -35.68
C PHE E 318 -4.88 -15.20 -36.96
N LEU E 319 -5.18 -16.49 -36.82
CA LEU E 319 -5.48 -17.30 -37.99
C LEU E 319 -6.79 -16.88 -38.65
N ALA E 320 -7.78 -16.46 -37.85
CA ALA E 320 -9.03 -15.96 -38.43
C ALA E 320 -8.82 -14.69 -39.22
N LEU E 321 -7.73 -13.97 -38.97
CA LEU E 321 -7.37 -12.81 -39.78
C LEU E 321 -6.55 -13.20 -41.00
N LEU E 322 -5.60 -14.12 -40.83
CA LEU E 322 -4.87 -14.65 -41.99
C LEU E 322 -5.78 -15.44 -42.91
N GLU E 323 -6.92 -15.93 -42.43
CA GLU E 323 -7.88 -16.57 -43.31
C GLU E 323 -8.44 -15.57 -44.30
N TYR E 324 -8.70 -14.33 -43.87
CA TYR E 324 -9.21 -13.32 -44.79
C TYR E 324 -8.12 -12.83 -45.72
N ALA E 325 -6.92 -12.59 -45.20
CA ALA E 325 -5.82 -12.15 -46.06
C ALA E 325 -5.53 -13.20 -47.12
N PHE E 326 -5.68 -14.48 -46.78
CA PHE E 326 -5.55 -15.54 -47.77
C PHE E 326 -6.66 -15.44 -48.80
N VAL E 327 -7.90 -15.17 -48.37
CA VAL E 327 -9.00 -15.06 -49.30
C VAL E 327 -8.87 -13.82 -50.18
N ASN E 328 -8.48 -12.69 -49.57
CA ASN E 328 -8.37 -11.46 -50.35
C ASN E 328 -7.27 -11.56 -51.39
N TYR E 329 -6.16 -12.21 -51.05
CA TYR E 329 -5.10 -12.40 -52.04
C TYR E 329 -5.57 -13.30 -53.18
N ILE E 330 -6.35 -14.33 -52.85
CA ILE E 330 -6.79 -15.26 -53.89
C ILE E 330 -7.75 -14.58 -54.86
N PHE E 331 -8.72 -13.82 -54.33
CA PHE E 331 -9.72 -13.21 -55.21
C PHE E 331 -9.15 -12.05 -56.01
N PHE E 332 -8.11 -11.38 -55.50
CA PHE E 332 -7.56 -10.20 -56.15
C PHE E 332 -6.18 -10.42 -56.73
N GLY E 333 -5.23 -10.90 -55.93
CA GLY E 333 -3.92 -11.17 -56.48
C GLY E 333 -3.81 -12.43 -57.31
N ARG E 334 -4.83 -13.29 -57.23
CA ARG E 334 -4.85 -14.55 -57.97
C ARG E 334 -6.13 -14.71 -58.78
N GLY E 335 -6.90 -13.64 -58.97
CA GLY E 335 -8.10 -13.69 -59.75
C GLY E 335 -7.85 -13.87 -61.23
N PRO E 336 -7.28 -12.83 -61.88
CA PRO E 336 -6.96 -12.89 -63.30
C PRO E 336 -5.89 -13.93 -63.63
N ASP E 444 -11.52 -22.12 -55.13
CA ASP E 444 -12.75 -21.37 -54.91
C ASP E 444 -12.57 -20.41 -53.74
N VAL E 445 -13.35 -19.33 -53.74
CA VAL E 445 -13.25 -18.31 -52.70
C VAL E 445 -14.23 -18.57 -51.57
N ASN E 446 -15.51 -18.78 -51.90
CA ASN E 446 -16.50 -19.05 -50.88
C ASN E 446 -16.28 -20.38 -50.19
N ALA E 447 -15.53 -21.30 -50.81
CA ALA E 447 -15.23 -22.57 -50.17
C ALA E 447 -14.42 -22.38 -48.90
N ILE E 448 -13.43 -21.47 -48.95
CA ILE E 448 -12.60 -21.23 -47.78
C ILE E 448 -13.42 -20.63 -46.65
N ASP E 449 -14.39 -19.77 -46.98
CA ASP E 449 -15.25 -19.19 -45.96
C ASP E 449 -16.08 -20.26 -45.27
N ARG E 450 -16.82 -21.07 -46.04
CA ARG E 450 -17.69 -22.07 -45.44
C ARG E 450 -16.89 -23.13 -44.70
N TRP E 451 -15.75 -23.53 -45.25
CA TRP E 451 -14.88 -24.47 -44.54
C TRP E 451 -14.41 -23.89 -43.22
N SER E 452 -14.09 -22.60 -43.20
CA SER E 452 -13.64 -21.96 -41.96
C SER E 452 -14.78 -21.71 -40.99
N ARG E 453 -16.02 -21.63 -41.47
CA ARG E 453 -17.15 -21.43 -40.57
C ARG E 453 -17.43 -22.65 -39.70
N ILE E 454 -16.88 -23.81 -40.05
CA ILE E 454 -17.05 -25.03 -39.26
C ILE E 454 -15.75 -25.43 -38.58
N VAL E 455 -14.63 -25.36 -39.28
CA VAL E 455 -13.36 -25.82 -38.73
C VAL E 455 -12.97 -24.98 -37.51
N PHE E 456 -13.05 -23.66 -37.64
CA PHE E 456 -12.65 -22.81 -36.52
C PHE E 456 -13.51 -23.00 -35.29
N PRO E 457 -14.86 -22.99 -35.36
CA PRO E 457 -15.63 -23.32 -34.16
C PRO E 457 -15.37 -24.72 -33.63
N PHE E 458 -15.13 -25.68 -34.53
CA PHE E 458 -14.86 -27.05 -34.08
C PHE E 458 -13.48 -27.17 -33.45
N THR E 459 -12.46 -26.58 -34.09
CA THR E 459 -11.10 -26.67 -33.55
C THR E 459 -11.00 -25.96 -32.21
N PHE E 460 -11.62 -24.79 -32.08
CA PHE E 460 -11.57 -24.08 -30.80
C PHE E 460 -12.31 -24.84 -29.71
N SER E 461 -13.45 -25.45 -30.05
CA SER E 461 -14.15 -26.30 -29.08
C SER E 461 -13.28 -27.49 -28.70
N LEU E 462 -12.60 -28.08 -29.67
CA LEU E 462 -11.66 -29.16 -29.37
C LEU E 462 -10.49 -28.65 -28.54
N PHE E 463 -10.02 -27.43 -28.82
CA PHE E 463 -8.91 -26.87 -28.06
C PHE E 463 -9.28 -26.72 -26.59
N ASN E 464 -10.49 -26.23 -26.30
CA ASN E 464 -10.92 -26.12 -24.91
C ASN E 464 -10.99 -27.48 -24.23
N LEU E 465 -11.52 -28.48 -24.95
CA LEU E 465 -11.67 -29.81 -24.35
C LEU E 465 -10.32 -30.40 -23.96
N VAL E 466 -9.32 -30.27 -24.84
CA VAL E 466 -7.98 -30.73 -24.52
C VAL E 466 -7.40 -29.93 -23.37
N TYR E 467 -7.58 -28.60 -23.40
CA TYR E 467 -7.02 -27.76 -22.35
C TYR E 467 -7.64 -28.06 -21.00
N TRP E 468 -8.97 -28.12 -20.93
CA TRP E 468 -9.64 -28.23 -19.64
C TRP E 468 -9.46 -29.62 -19.03
N LEU E 469 -9.51 -30.67 -19.86
CA LEU E 469 -9.30 -32.01 -19.34
C LEU E 469 -7.89 -32.17 -18.78
N TYR E 470 -6.89 -31.62 -19.47
CA TYR E 470 -5.52 -31.72 -18.98
C TYR E 470 -5.34 -30.97 -17.67
N TYR E 471 -5.89 -29.76 -17.58
CA TYR E 471 -5.67 -28.93 -16.40
C TYR E 471 -6.70 -29.14 -15.30
N VAL E 472 -7.75 -29.90 -15.56
CA VAL E 472 -8.74 -30.21 -14.52
C VAL E 472 -9.02 -31.70 -14.50
N GLN F 1 -30.65 -25.12 -3.54
CA GLN F 1 -31.51 -24.59 -2.50
C GLN F 1 -30.93 -24.86 -1.12
N VAL F 2 -30.94 -23.84 -0.27
CA VAL F 2 -30.39 -23.95 1.08
C VAL F 2 -31.43 -24.58 1.99
N GLN F 3 -31.01 -25.62 2.71
CA GLN F 3 -31.89 -26.34 3.63
C GLN F 3 -31.30 -26.32 5.03
N LEU F 4 -32.15 -26.08 6.02
CA LEU F 4 -31.77 -26.14 7.43
C LEU F 4 -32.68 -27.17 8.10
N GLN F 5 -32.27 -28.44 8.02
CA GLN F 5 -33.04 -29.52 8.59
C GLN F 5 -32.67 -29.72 10.06
N GLU F 6 -33.68 -29.79 10.91
CA GLU F 6 -33.48 -29.87 12.35
C GLU F 6 -33.89 -31.24 12.86
N SER F 7 -33.03 -31.85 13.66
CA SER F 7 -33.30 -33.13 14.30
C SER F 7 -33.27 -32.93 15.81
N GLY F 8 -33.34 -34.02 16.55
CA GLY F 8 -33.32 -33.94 18.00
C GLY F 8 -34.39 -34.79 18.66
N GLY F 9 -35.30 -34.15 19.39
CA GLY F 9 -36.35 -34.88 20.08
C GLY F 9 -37.66 -34.12 20.01
N GLY F 10 -38.73 -34.82 20.39
CA GLY F 10 -40.04 -34.22 20.43
C GLY F 10 -40.71 -34.31 21.79
N LEU F 11 -40.31 -35.31 22.58
CA LEU F 11 -40.88 -35.52 23.91
C LEU F 11 -39.76 -35.79 24.89
N VAL F 12 -39.90 -35.25 26.10
CA VAL F 12 -38.89 -35.41 27.13
C VAL F 12 -39.57 -35.32 28.50
N GLN F 13 -39.14 -36.19 29.41
CA GLN F 13 -39.63 -36.14 30.78
C GLN F 13 -39.12 -34.88 31.47
N LYS F 14 -39.94 -34.34 32.36
CA LYS F 14 -39.56 -33.13 33.10
C LYS F 14 -38.27 -33.37 33.89
N TYR F 15 -37.36 -32.40 33.82
CA TYR F 15 -36.08 -32.51 34.46
C TYR F 15 -34.99 -33.15 33.63
N GLY F 16 -35.31 -33.65 32.44
CA GLY F 16 -34.34 -34.25 31.56
C GLY F 16 -33.60 -33.23 30.71
N SER F 17 -32.76 -33.75 29.83
CA SER F 17 -31.98 -32.93 28.92
C SER F 17 -32.16 -33.42 27.50
N LEU F 18 -32.12 -32.47 26.56
CA LEU F 18 -32.29 -32.76 25.15
C LEU F 18 -31.22 -32.01 24.36
N ARG F 19 -30.89 -32.53 23.19
CA ARG F 19 -29.86 -31.93 22.34
C ARG F 19 -30.42 -31.79 20.93
N VAL F 20 -31.00 -30.63 20.63
CA VAL F 20 -31.47 -30.36 19.28
C VAL F 20 -30.27 -30.12 18.37
N SER F 21 -30.41 -30.53 17.11
CA SER F 21 -29.36 -30.36 16.12
C SER F 21 -29.96 -29.74 14.87
N CYS F 22 -29.09 -29.22 14.00
CA CYS F 22 -29.52 -28.54 12.80
C CYS F 22 -28.38 -28.60 11.78
N ALA F 23 -28.61 -29.33 10.69
CA ALA F 23 -27.60 -29.51 9.65
C ALA F 23 -27.94 -28.64 8.45
N ALA F 24 -27.01 -27.79 8.07
CA ALA F 24 -27.18 -26.94 6.90
C ALA F 24 -26.81 -27.71 5.64
N SER F 25 -27.32 -27.22 4.51
CA SER F 25 -27.05 -27.85 3.22
C SER F 25 -27.19 -26.81 2.13
N GLY F 26 -26.32 -26.89 1.13
CA GLY F 26 -26.38 -26.00 -0.01
C GLY F 26 -25.59 -24.72 0.12
N ARG F 27 -25.04 -24.44 1.30
CA ARG F 27 -24.24 -23.24 1.50
C ARG F 27 -23.46 -23.37 2.81
N THR F 28 -22.24 -22.86 2.82
CA THR F 28 -21.42 -22.85 4.02
C THR F 28 -21.71 -21.59 4.81
N PHE F 29 -22.12 -21.75 6.07
CA PHE F 29 -22.42 -20.63 6.96
C PHE F 29 -21.27 -20.34 7.91
N THR F 30 -20.03 -20.52 7.47
CA THR F 30 -18.89 -20.23 8.32
C THR F 30 -18.83 -18.74 8.66
N THR F 31 -19.10 -17.89 7.68
CA THR F 31 -19.07 -16.45 7.88
C THR F 31 -20.40 -15.87 8.34
N TYR F 32 -21.45 -16.69 8.42
CA TYR F 32 -22.75 -16.23 8.88
C TYR F 32 -22.90 -16.52 10.37
N ILE F 33 -24.07 -16.16 10.91
CA ILE F 33 -24.40 -16.38 12.31
C ILE F 33 -25.54 -17.37 12.37
N MET F 34 -25.35 -18.47 13.08
CA MET F 34 -26.36 -19.51 13.22
C MET F 34 -26.99 -19.40 14.60
N ALA F 35 -28.32 -19.34 14.64
CA ALA F 35 -29.03 -19.04 15.87
C ALA F 35 -30.16 -20.04 16.10
N TRP F 36 -30.72 -19.99 17.30
CA TRP F 36 -31.85 -20.82 17.70
C TRP F 36 -32.98 -19.93 18.17
N PHE F 37 -34.18 -20.18 17.66
CA PHE F 37 -35.37 -19.45 18.06
C PHE F 37 -36.43 -20.45 18.49
N ARG F 38 -37.32 -20.02 19.39
CA ARG F 38 -38.46 -20.81 19.77
C ARG F 38 -39.70 -19.94 19.73
N GLN F 39 -40.83 -20.56 19.38
CA GLN F 39 -42.11 -19.86 19.28
C GLN F 39 -43.15 -20.70 20.00
N ALA F 40 -43.45 -20.32 21.24
CA ALA F 40 -44.52 -20.98 21.97
C ALA F 40 -45.86 -20.66 21.29
N PRO F 41 -46.84 -21.55 21.39
CA PRO F 41 -48.13 -21.29 20.76
C PRO F 41 -48.76 -20.01 21.30
N GLY F 42 -49.35 -19.23 20.39
CA GLY F 42 -49.92 -17.95 20.76
C GLY F 42 -48.89 -16.96 21.29
N LYS F 43 -47.72 -16.91 20.66
CA LYS F 43 -46.65 -16.04 21.12
C LYS F 43 -45.70 -15.80 19.96
N GLU F 44 -44.81 -14.83 20.14
CA GLU F 44 -43.85 -14.45 19.12
C GLU F 44 -42.54 -15.24 19.28
N ARG F 45 -41.71 -15.18 18.24
CA ARG F 45 -40.43 -15.87 18.26
C ARG F 45 -39.50 -15.25 19.29
N GLU F 46 -38.89 -16.08 20.11
CA GLU F 46 -38.01 -15.64 21.18
C GLU F 46 -36.60 -16.10 20.90
N PHE F 47 -35.66 -15.15 20.86
CA PHE F 47 -34.27 -15.47 20.61
C PHE F 47 -33.71 -16.30 21.75
N LEU F 48 -32.96 -17.34 21.41
CA LEU F 48 -32.41 -18.26 22.41
C LEU F 48 -30.89 -18.22 22.45
N ALA F 49 -30.22 -18.42 21.31
CA ALA F 49 -28.77 -18.46 21.29
C ALA F 49 -28.29 -18.19 19.88
N ALA F 50 -27.00 -17.86 19.77
CA ALA F 50 -26.39 -17.61 18.47
C ALA F 50 -24.87 -17.66 18.64
N MET F 51 -24.20 -18.24 17.65
CA MET F 51 -22.74 -18.32 17.64
C MET F 51 -22.23 -17.75 16.33
N ASP F 52 -21.26 -16.85 16.43
CA ASP F 52 -20.73 -16.16 15.25
C ASP F 52 -19.52 -16.92 14.71
N GLN F 53 -18.88 -16.35 13.69
CA GLN F 53 -17.70 -16.98 13.10
C GLN F 53 -16.54 -17.04 14.10
N GLY F 54 -16.50 -16.13 15.05
CA GLY F 54 -15.45 -16.12 16.04
C GLY F 54 -15.75 -16.97 17.25
N ARG F 55 -16.75 -17.86 17.13
CA ARG F 55 -17.16 -18.76 18.20
C ARG F 55 -17.68 -18.01 19.41
N ILE F 56 -18.34 -16.87 19.20
CA ILE F 56 -18.85 -16.05 20.28
C ILE F 56 -20.33 -16.34 20.45
N GLN F 57 -20.71 -16.75 21.66
CA GLN F 57 -22.05 -17.22 21.94
C GLN F 57 -22.86 -16.11 22.61
N TYR F 58 -24.02 -15.79 22.03
CA TYR F 58 -24.96 -14.84 22.61
C TYR F 58 -26.19 -15.61 23.05
N TYR F 59 -26.58 -15.43 24.31
CA TYR F 59 -27.73 -16.14 24.86
C TYR F 59 -28.81 -15.17 25.28
N GLY F 60 -30.07 -15.62 25.19
CA GLY F 60 -31.16 -14.86 25.75
C GLY F 60 -31.14 -14.89 27.27
N ASP F 61 -31.80 -13.90 27.86
CA ASP F 61 -31.78 -13.78 29.32
C ASP F 61 -32.47 -14.96 29.99
N SER F 62 -33.59 -15.41 29.44
CA SER F 62 -34.35 -16.48 30.07
C SER F 62 -33.64 -17.83 29.99
N VAL F 63 -32.72 -17.99 29.05
CA VAL F 63 -32.07 -19.27 28.80
C VAL F 63 -30.56 -19.21 29.08
N ARG F 64 -30.07 -18.10 29.60
CA ARG F 64 -28.65 -17.99 29.91
C ARG F 64 -28.31 -18.92 31.07
N GLY F 65 -27.27 -19.72 30.90
CA GLY F 65 -26.87 -20.67 31.91
C GLY F 65 -27.56 -22.02 31.82
N ARG F 66 -28.51 -22.19 30.91
CA ARG F 66 -29.19 -23.47 30.72
C ARG F 66 -28.95 -24.04 29.32
N PHE F 67 -29.20 -23.27 28.28
CA PHE F 67 -29.03 -23.73 26.91
C PHE F 67 -27.66 -23.34 26.41
N THR F 68 -26.93 -24.31 25.86
CA THR F 68 -25.60 -24.08 25.32
C THR F 68 -25.61 -24.31 23.83
N ILE F 69 -25.13 -23.35 23.07
CA ILE F 69 -25.02 -23.46 21.62
C ILE F 69 -23.59 -23.83 21.27
N SER F 70 -23.42 -24.61 20.22
CA SER F 70 -22.10 -25.05 19.78
C SER F 70 -22.20 -25.40 18.30
N ARG F 71 -21.37 -24.77 17.48
CA ARG F 71 -21.35 -25.02 16.06
C ARG F 71 -20.22 -25.97 15.70
N ASP F 72 -20.43 -26.73 14.62
CA ASP F 72 -19.39 -27.55 14.01
C ASP F 72 -19.15 -26.98 12.62
N TYR F 73 -18.08 -26.18 12.50
CA TYR F 73 -17.83 -25.47 11.25
C TYR F 73 -17.47 -26.43 10.12
N ALA F 74 -16.75 -27.51 10.43
CA ALA F 74 -16.40 -28.47 9.39
C ALA F 74 -17.65 -29.15 8.83
N LYS F 75 -18.58 -29.54 9.70
CA LYS F 75 -19.80 -30.19 9.27
C LYS F 75 -20.91 -29.21 8.90
N ASN F 76 -20.69 -27.91 9.10
CA ASN F 76 -21.66 -26.87 8.74
C ASN F 76 -22.99 -27.09 9.45
N SER F 77 -22.93 -27.13 10.78
CA SER F 77 -24.11 -27.42 11.58
C SER F 77 -24.01 -26.70 12.91
N VAL F 78 -25.16 -26.49 13.55
CA VAL F 78 -25.25 -25.85 14.86
C VAL F 78 -26.12 -26.70 15.75
N ASP F 79 -25.67 -26.90 17.00
CA ASP F 79 -26.36 -27.77 17.94
C ASP F 79 -26.60 -27.02 19.24
N LEU F 80 -27.84 -27.09 19.74
CA LEU F 80 -28.23 -26.46 20.99
C LEU F 80 -28.45 -27.55 22.03
N GLN F 81 -27.70 -27.48 23.12
CA GLN F 81 -27.80 -28.46 24.21
C GLN F 81 -28.80 -27.94 25.23
N LEU F 82 -30.05 -28.36 25.09
CA LEU F 82 -31.09 -27.97 26.04
C LEU F 82 -30.83 -28.64 27.38
N ASP F 83 -30.96 -27.87 28.45
CA ASP F 83 -30.70 -28.39 29.79
C ASP F 83 -31.63 -27.70 30.78
N GLY F 84 -31.95 -28.42 31.85
CA GLY F 84 -32.82 -27.89 32.87
C GLY F 84 -34.17 -27.49 32.34
N LEU F 85 -34.79 -28.36 31.55
CA LEU F 85 -36.04 -28.04 30.89
C LEU F 85 -37.16 -27.89 31.91
N ARG F 86 -38.13 -27.06 31.54
CA ARG F 86 -39.31 -26.76 32.33
C ARG F 86 -40.53 -26.88 31.44
N PRO F 87 -41.72 -27.05 32.01
CA PRO F 87 -42.93 -27.12 31.17
C PRO F 87 -43.15 -25.89 30.33
N GLU F 88 -42.63 -24.73 30.75
CA GLU F 88 -42.76 -23.51 29.96
C GLU F 88 -41.92 -23.53 28.68
N ASP F 89 -41.02 -24.51 28.54
CA ASP F 89 -40.16 -24.59 27.37
C ASP F 89 -40.81 -25.30 26.19
N THR F 90 -42.04 -25.81 26.35
CA THR F 90 -42.73 -26.51 25.27
C THR F 90 -43.03 -25.53 24.15
N ALA F 91 -42.33 -25.66 23.04
CA ALA F 91 -42.49 -24.73 21.92
C ALA F 91 -41.89 -25.37 20.67
N VAL F 92 -42.02 -24.66 19.56
CA VAL F 92 -41.39 -25.05 18.30
C VAL F 92 -40.04 -24.34 18.23
N TYR F 93 -38.96 -25.11 18.12
CA TYR F 93 -37.62 -24.57 18.09
C TYR F 93 -37.15 -24.47 16.64
N TYR F 94 -36.62 -23.30 16.27
CA TYR F 94 -36.24 -23.02 14.90
C TYR F 94 -34.74 -22.78 14.79
N CYS F 95 -34.20 -23.15 13.65
CA CYS F 95 -32.79 -22.94 13.32
C CYS F 95 -32.70 -21.85 12.27
N ALA F 96 -31.86 -20.85 12.52
CA ALA F 96 -31.76 -19.71 11.64
C ALA F 96 -30.30 -19.39 11.36
N ALA F 97 -30.05 -18.83 10.18
CA ALA F 97 -28.70 -18.44 9.79
C ALA F 97 -28.79 -17.20 8.91
N GLY F 98 -28.05 -16.16 9.28
CA GLY F 98 -28.08 -14.92 8.52
C GLY F 98 -26.91 -14.04 8.87
N ALA F 99 -26.78 -12.96 8.11
CA ALA F 99 -25.65 -12.04 8.28
C ALA F 99 -25.67 -11.36 9.64
N GLY F 100 -26.85 -10.95 10.10
CA GLY F 100 -26.96 -10.30 11.38
C GLY F 100 -27.01 -8.79 11.29
N PHE F 101 -27.72 -8.27 10.29
CA PHE F 101 -27.84 -6.84 10.09
C PHE F 101 -28.98 -6.30 10.94
N TRP F 102 -28.69 -5.26 11.72
CA TRP F 102 -29.61 -4.68 12.69
C TRP F 102 -29.96 -5.66 13.80
N GLY F 103 -29.40 -6.86 13.76
CA GLY F 103 -29.93 -7.95 14.54
C GLY F 103 -28.96 -8.64 15.48
N LEU F 104 -28.79 -9.94 15.24
CA LEU F 104 -28.13 -10.90 16.14
C LEU F 104 -29.07 -11.25 17.29
N ARG F 105 -30.17 -10.51 17.41
CA ARG F 105 -31.23 -10.83 18.34
C ARG F 105 -32.60 -10.67 17.70
N THR F 106 -32.67 -10.23 16.45
CA THR F 106 -33.93 -9.95 15.78
C THR F 106 -34.19 -11.05 14.76
N ALA F 107 -35.41 -11.60 14.80
CA ALA F 107 -35.76 -12.68 13.89
C ALA F 107 -35.77 -12.23 12.44
N SER F 108 -35.84 -10.93 12.19
CA SER F 108 -35.87 -10.41 10.83
C SER F 108 -34.48 -10.23 10.22
N SER F 109 -33.43 -10.43 11.00
CA SER F 109 -32.06 -10.29 10.50
C SER F 109 -31.49 -11.59 9.97
N TYR F 110 -32.23 -12.69 10.06
CA TYR F 110 -31.78 -13.98 9.57
C TYR F 110 -32.54 -14.31 8.29
N HIS F 111 -31.80 -14.65 7.24
CA HIS F 111 -32.39 -14.89 5.93
C HIS F 111 -32.85 -16.34 5.76
N TYR F 112 -32.09 -17.29 6.29
CA TYR F 112 -32.39 -18.71 6.13
C TYR F 112 -32.93 -19.25 7.43
N TRP F 113 -34.11 -19.89 7.36
CA TRP F 113 -34.78 -20.42 8.52
C TRP F 113 -35.01 -21.92 8.36
N GLY F 114 -35.08 -22.60 9.49
CA GLY F 114 -35.32 -24.03 9.50
C GLY F 114 -36.79 -24.35 9.42
N GLN F 115 -37.11 -25.62 9.68
CA GLN F 115 -38.48 -26.10 9.59
C GLN F 115 -39.23 -25.96 10.91
N GLY F 116 -38.60 -26.35 12.01
CA GLY F 116 -39.22 -26.24 13.31
C GLY F 116 -39.46 -27.58 13.98
N THR F 117 -38.67 -27.89 14.99
CA THR F 117 -38.77 -29.15 15.72
C THR F 117 -39.58 -28.91 16.99
N GLN F 118 -40.78 -29.48 17.03
CA GLN F 118 -41.61 -29.38 18.22
C GLN F 118 -40.93 -30.08 19.40
N VAL F 119 -40.90 -29.41 20.54
CA VAL F 119 -40.38 -29.98 21.78
C VAL F 119 -41.48 -29.88 22.84
N THR F 120 -41.74 -30.97 23.53
CA THR F 120 -42.78 -31.03 24.54
C THR F 120 -42.19 -31.50 25.86
N VAL F 121 -42.52 -30.81 26.94
CA VAL F 121 -42.12 -31.18 28.29
C VAL F 121 -43.37 -31.39 29.12
N SER F 122 -43.46 -32.55 29.77
CA SER F 122 -44.64 -32.92 30.55
C SER F 122 -44.23 -33.26 31.97
N SER F 123 -45.06 -32.86 32.92
CA SER F 123 -44.81 -33.14 34.33
C SER F 123 -45.74 -34.23 34.85
C1 NAG G . 5.21 7.01 21.09
C2 NAG G . 6.50 7.83 21.25
C3 NAG G . 7.63 7.20 20.45
C4 NAG G . 7.78 5.73 20.81
C5 NAG G . 6.45 5.02 20.61
C6 NAG G . 6.49 3.56 21.03
C7 NAG G . 6.05 10.20 21.66
C8 NAG G . 5.89 11.56 21.04
N2 NAG G . 6.28 9.20 20.82
O3 NAG G . 8.84 7.90 20.71
O4 NAG G . 8.79 5.13 19.99
O5 NAG G . 5.47 5.64 21.44
O6 NAG G . 6.77 3.43 22.42
O7 NAG G . 5.98 10.04 22.88
C1 NAG G . 9.87 4.78 20.87
C2 NAG G . 10.77 3.76 20.16
C3 NAG G . 11.94 3.40 21.07
C4 NAG G . 12.68 4.68 21.50
C5 NAG G . 11.70 5.67 22.11
C6 NAG G . 12.33 7.00 22.45
C7 NAG G . 9.40 2.41 18.64
C8 NAG G . 8.67 1.12 18.46
N2 NAG G . 10.01 2.57 19.82
O3 NAG G . 12.82 2.53 20.38
O4 NAG G . 13.64 4.33 22.48
O5 NAG G . 10.63 5.94 21.20
O6 NAG G . 12.87 7.63 21.29
O7 NAG G . 9.45 3.26 17.77
C1 BMA G . 14.97 4.64 22.04
C2 BMA G . 15.91 4.02 23.06
C3 BMA G . 17.36 4.19 22.66
C4 BMA G . 17.58 3.67 21.23
C5 BMA G . 16.60 4.37 20.29
C6 BMA G . 16.69 3.90 18.85
O2 BMA G . 15.60 2.63 23.20
O3 BMA G . 18.17 3.50 23.59
O4 BMA G . 18.91 3.96 20.82
O5 BMA G . 15.26 4.12 20.74
O6 BMA G . 16.68 2.48 18.71
C1 MAN G . 19.27 4.33 24.06
C2 MAN G . 20.02 3.49 25.10
C3 MAN G . 19.15 3.30 26.34
C4 MAN G . 18.74 4.65 26.90
C5 MAN G . 18.02 5.45 25.83
C6 MAN G . 17.68 6.85 26.27
O2 MAN G . 21.21 4.16 25.47
O3 MAN G . 19.83 2.53 27.32
O4 MAN G . 17.90 4.48 28.03
O5 MAN G . 18.85 5.58 24.66
O6 MAN G . 16.94 7.56 25.28
C1 MAN G . 22.30 3.23 25.39
C2 MAN G . 23.49 3.83 26.14
C3 MAN G . 23.98 5.08 25.41
C4 MAN G . 24.24 4.79 23.95
C5 MAN G . 23.00 4.16 23.32
C6 MAN G . 23.21 3.76 21.87
O2 MAN G . 24.52 2.87 26.26
O3 MAN G . 25.16 5.56 26.04
O4 MAN G . 24.55 6.00 23.27
O5 MAN G . 22.67 2.96 24.04
O6 MAN G . 24.20 2.75 21.76
C1 MAN G . 24.88 2.78 27.65
C2 MAN G . 26.32 2.26 27.74
C3 MAN G . 26.39 0.82 27.22
C4 MAN G . 25.36 -0.06 27.91
C5 MAN G . 23.98 0.58 27.78
C6 MAN G . 22.90 -0.20 28.51
O2 MAN G . 26.75 2.30 29.10
O3 MAN G . 27.70 0.31 27.43
O4 MAN G . 25.35 -1.34 27.30
O5 MAN G . 24.00 1.89 28.34
O6 MAN G . 21.63 0.39 28.35
C1 MAN G . 15.32 2.00 18.61
C2 MAN G . 15.33 0.47 18.65
C3 MAN G . 15.96 -0.08 17.39
C4 MAN G . 15.26 0.47 16.16
C5 MAN G . 15.29 1.99 16.20
C6 MAN G . 14.52 2.63 15.07
O2 MAN G . 14.00 -0.01 18.77
O3 MAN G . 15.86 -1.51 17.40
O4 MAN G . 15.92 0.02 14.97
O5 MAN G . 14.66 2.45 17.40
O6 MAN G . 14.16 3.95 15.40
C1 MAN G . 17.19 -2.07 17.50
C2 MAN G . 17.11 -3.55 17.12
C3 MAN G . 16.29 -4.31 18.15
C4 MAN G . 16.84 -4.07 19.54
C5 MAN G . 16.89 -2.57 19.82
C6 MAN G . 17.50 -2.23 21.16
O2 MAN G . 18.43 -4.08 17.03
O3 MAN G . 16.30 -5.70 17.85
O4 MAN G . 16.01 -4.70 20.51
O5 MAN G . 17.71 -1.93 18.83
O6 MAN G . 17.55 -0.83 21.37
C1 MAN G . 13.66 4.66 14.24
C2 MAN G . 13.76 6.15 14.53
C3 MAN G . 12.88 6.47 15.73
C4 MAN G . 11.45 6.01 15.49
C5 MAN G . 11.44 4.53 15.10
C6 MAN G . 10.07 4.04 14.70
O2 MAN G . 13.32 6.88 13.40
O3 MAN G . 12.90 7.87 15.99
O4 MAN G . 10.66 6.20 16.65
O5 MAN G . 12.30 4.31 13.97
O6 MAN G . 10.09 2.67 14.32
C1 NAG H . 15.24 35.17 28.30
C2 NAG H . 16.04 36.41 27.91
C3 NAG H . 15.22 37.67 28.12
C4 NAG H . 13.87 37.55 27.41
C5 NAG H . 13.16 36.28 27.86
C6 NAG H . 11.86 36.02 27.14
C7 NAG H . 18.48 36.56 28.09
C8 NAG H . 19.66 36.59 29.03
N2 NAG H . 17.28 36.47 28.66
O3 NAG H . 15.94 38.79 27.61
O4 NAG H . 13.07 38.69 27.73
O5 NAG H . 14.00 35.14 27.58
O6 NAG H . 12.06 35.91 25.74
O7 NAG H . 18.62 36.59 26.87
C1 NAG H . 12.64 39.33 26.51
C2 NAG H . 11.47 40.26 26.87
C3 NAG H . 10.99 40.99 25.63
C4 NAG H . 12.15 41.72 24.97
C5 NAG H . 13.29 40.75 24.70
C6 NAG H . 14.53 41.44 24.16
C7 NAG H . 10.29 39.33 28.81
C8 NAG H . 9.11 38.54 29.28
N2 NAG H . 10.38 39.52 27.49
O3 NAG H . 9.97 41.93 25.99
O4 NAG H . 11.72 42.30 23.74
O5 NAG H . 13.68 40.10 25.91
O6 NAG H . 15.07 42.35 25.11
O7 NAG H . 11.11 39.80 29.59
C1 NAG I . -13.32 26.05 8.85
C2 NAG I . -13.20 27.55 9.06
C3 NAG I . -13.22 27.88 10.55
C4 NAG I . -14.40 27.21 11.26
C5 NAG I . -14.46 25.73 10.91
C6 NAG I . -15.69 25.04 11.46
C7 NAG I . -11.88 29.31 7.97
C8 NAG I . -10.52 29.70 7.47
N2 NAG I . -11.99 28.07 8.45
O3 NAG I . -13.31 29.29 10.72
O4 NAG I . -14.22 27.34 12.66
O5 NAG I . -14.49 25.57 9.49
O6 NAG I . -16.87 25.62 10.93
O7 NAG I . -12.83 30.08 7.94
C1 NAG I . -15.16 28.25 13.22
C2 NAG I . -15.29 27.92 14.71
C3 NAG I . -16.21 28.92 15.41
C4 NAG I . -15.76 30.34 15.13
C5 NAG I . -15.64 30.56 13.63
C6 NAG I . -15.11 31.93 13.26
C7 NAG I . -14.99 25.53 15.17
C8 NAG I . -15.68 24.19 15.26
N2 NAG I . -15.79 26.56 14.88
O3 NAG I . -16.20 28.67 16.81
O4 NAG I . -16.72 31.25 15.66
O5 NAG I . -14.73 29.61 13.07
O6 NAG I . -13.82 32.14 13.81
O7 NAG I . -13.79 25.65 15.34
C1 BMA I . -16.09 32.11 16.63
C2 BMA I . -17.05 33.25 16.92
C3 BMA I . -16.46 34.19 17.96
C4 BMA I . -16.05 33.41 19.21
C5 BMA I . -15.13 32.25 18.80
C6 BMA I . -14.78 31.37 19.98
O2 BMA I . -18.29 32.73 17.38
O3 BMA I . -17.41 35.19 18.31
O4 BMA I . -15.36 34.27 20.11
O5 BMA I . -15.80 31.42 17.85
O6 BMA I . -15.94 30.98 20.70
C1 MAN I . -15.55 30.68 22.06
C2 MAN I . -16.65 29.84 22.69
C3 MAN I . -17.93 30.66 22.78
C4 MAN I . -17.67 31.96 23.51
C5 MAN I . -16.51 32.71 22.85
C6 MAN I . -16.13 33.98 23.58
O2 MAN I . -16.25 29.43 23.99
O3 MAN I . -18.95 29.92 23.43
O4 MAN I . -18.83 32.77 23.49
O5 MAN I . -15.35 31.87 22.82
O6 MAN I . -17.19 34.91 23.61
C1 MAN I . -19.95 29.57 22.47
C2 MAN I . -21.11 30.53 22.63
C3 MAN I . -21.69 30.38 24.03
C4 MAN I . -22.05 28.93 24.30
C5 MAN I . -20.86 28.02 24.02
C6 MAN I . -21.18 26.55 24.14
O2 MAN I . -22.11 30.24 21.66
O3 MAN I . -22.84 31.20 24.17
O4 MAN I . -22.44 28.77 25.67
O5 MAN I . -20.40 28.23 22.67
O6 MAN I . -20.02 25.74 23.96
C1 MAN I . -17.01 36.43 17.71
C2 MAN I . -17.23 37.54 18.74
C3 MAN I . -18.71 37.59 19.08
C4 MAN I . -19.55 37.77 17.82
C5 MAN I . -19.19 36.69 16.80
C6 MAN I . -19.88 36.89 15.47
O2 MAN I . -16.81 38.78 18.20
O3 MAN I . -18.95 38.67 19.98
O4 MAN I . -20.93 37.67 18.14
O5 MAN I . -17.78 36.71 16.54
O6 MAN I . -21.29 36.85 15.61
C1 NAG J . 12.49 -6.84 20.79
C2 NAG J . 12.02 -5.46 21.19
C3 NAG J . 12.58 -5.09 22.57
C4 NAG J . 12.23 -6.17 23.58
C5 NAG J . 12.71 -7.53 23.05
C6 NAG J . 12.32 -8.68 23.96
C7 NAG J . 11.52 -3.77 19.47
C8 NAG J . 12.10 -2.79 18.50
N2 NAG J . 12.41 -4.46 20.20
O3 NAG J . 12.02 -3.84 22.98
O4 NAG J . 12.91 -5.92 24.80
O5 NAG J . 12.11 -7.79 21.77
O6 NAG J . 10.91 -8.82 24.06
O7 NAG J . 10.31 -3.93 19.60
C1 NAG J . 12.06 -5.26 25.75
C2 NAG J . 12.60 -5.57 27.14
C3 NAG J . 11.83 -4.79 28.21
C4 NAG J . 11.88 -3.31 27.89
C5 NAG J . 11.29 -3.09 26.49
C6 NAG J . 11.35 -1.65 26.04
C7 NAG J . 13.63 -7.73 27.69
C8 NAG J . 13.40 -9.18 28.00
N2 NAG J . 12.56 -7.00 27.41
O3 NAG J . 12.39 -5.04 29.48
O4 NAG J . 11.16 -2.56 28.85
O5 NAG J . 12.07 -3.84 25.54
O6 NAG J . 10.83 -1.49 24.74
O7 NAG J . 14.77 -7.25 27.69
C1 BMA J . 12.13 -1.76 29.56
C2 BMA J . 11.42 -0.54 30.17
C3 BMA J . 12.43 0.31 30.93
C4 BMA J . 13.19 -0.53 31.94
C5 BMA J . 13.80 -1.76 31.27
C6 BMA J . 14.46 -2.70 32.25
O2 BMA J . 10.40 -0.98 31.05
O3 BMA J . 11.76 1.38 31.60
O4 BMA J . 14.23 0.24 32.53
O5 BMA J . 12.78 -2.49 30.60
O6 BMA J . 13.60 -2.97 33.35
C1 MAN J . 11.56 2.46 30.66
C2 MAN J . 12.39 3.65 31.12
C3 MAN J . 11.88 4.13 32.48
C4 MAN J . 10.37 4.38 32.45
C5 MAN J . 9.66 3.15 31.90
C6 MAN J . 8.17 3.35 31.74
O2 MAN J . 12.29 4.70 30.16
O3 MAN J . 12.56 5.33 32.85
O4 MAN J . 9.91 4.66 33.75
O5 MAN J . 10.18 2.81 30.61
O6 MAN J . 7.54 2.19 31.22
C1 MAN J . 14.39 -3.53 34.43
C2 MAN J . 13.45 -4.11 35.48
C3 MAN J . 12.62 -2.99 36.10
C4 MAN J . 13.53 -1.90 36.65
C5 MAN J . 14.48 -1.42 35.56
C6 MAN J . 15.49 -0.42 36.04
O2 MAN J . 14.19 -4.78 36.48
O3 MAN J . 11.81 -3.51 37.15
O4 MAN J . 12.76 -0.80 37.11
O5 MAN J . 15.23 -2.54 35.03
O6 MAN J . 16.41 -0.06 35.02
C1 NAG K . -5.33 -24.88 36.41
C2 NAG K . -6.72 -25.40 36.79
C3 NAG K . -6.80 -26.91 36.59
C4 NAG K . -6.41 -27.26 35.16
C5 NAG K . -5.02 -26.70 34.85
C6 NAG K . -4.60 -26.89 33.42
C7 NAG K . -7.98 -24.19 38.52
C8 NAG K . -8.12 -23.93 39.99
N2 NAG K . -7.02 -25.06 38.18
O3 NAG K . -8.12 -27.36 36.86
O4 NAG K . -6.41 -28.68 35.00
O5 NAG K . -5.04 -25.28 35.07
O6 NAG K . -5.49 -26.24 32.52
O7 NAG K . -8.69 -23.65 37.69
C1 NAG K . -7.24 -29.02 33.86
C2 NAG K . -6.90 -30.44 33.44
C3 NAG K . -7.77 -30.85 32.25
C4 NAG K . -9.24 -30.66 32.59
C5 NAG K . -9.48 -29.23 33.07
C6 NAG K . -10.90 -29.00 33.54
C7 NAG K . -4.63 -31.21 33.90
C8 NAG K . -3.20 -31.25 33.42
N2 NAG K . -5.49 -30.57 33.12
O3 NAG K . -7.52 -32.21 31.92
O4 NAG K . -10.05 -30.91 31.45
O5 NAG K . -8.63 -28.93 34.19
O6 NAG K . -11.24 -29.86 34.62
O7 NAG K . -4.97 -31.74 34.95
C1 NAG L . 4.12 -28.90 1.82
C2 NAG L . 3.34 -30.09 2.37
C3 NAG L . 4.06 -30.68 3.58
C4 NAG L . 5.53 -30.98 3.25
C5 NAG L . 6.19 -29.73 2.66
C6 NAG L . 7.61 -29.98 2.20
C7 NAG L . 0.98 -30.55 2.82
C8 NAG L . -0.35 -29.97 3.21
N2 NAG L . 1.99 -29.69 2.73
O3 NAG L . 3.42 -31.89 3.97
O4 NAG L . 6.22 -31.30 4.44
O5 NAG L . 5.45 -29.30 1.50
O6 NAG L . 7.67 -30.98 1.20
O7 NAG L . 1.11 -31.76 2.59
C1 NAG L . 6.62 -32.68 4.46
C2 NAG L . 7.84 -32.79 5.38
C3 NAG L . 8.26 -34.24 5.53
C4 NAG L . 7.08 -35.08 5.98
C5 NAG L . 5.93 -34.91 4.98
C6 NAG L . 4.68 -35.66 5.37
C7 NAG L . 9.41 -30.91 5.45
C8 NAG L . 10.52 -30.19 4.74
N2 NAG L . 8.94 -31.99 4.85
O3 NAG L . 9.30 -34.34 6.50
O4 NAG L . 7.46 -36.45 6.03
O5 NAG L . 5.58 -33.51 4.94
O6 NAG L . 4.22 -35.27 6.66
O7 NAG L . 8.95 -30.50 6.52
C1 BMA L . 7.27 -36.95 7.37
C2 BMA L . 7.23 -38.48 7.29
C3 BMA L . 7.08 -39.07 8.69
C4 BMA L . 8.17 -38.53 9.61
C5 BMA L . 8.16 -37.00 9.58
C6 BMA L . 9.28 -36.40 10.40
O2 BMA L . 8.44 -38.95 6.70
O3 BMA L . 7.12 -40.48 8.62
O4 BMA L . 7.92 -38.97 10.95
O5 BMA L . 8.35 -36.55 8.23
O6 BMA L . 10.51 -37.10 10.20
C1 MAN L . 11.52 -36.50 11.05
C2 MAN L . 12.88 -37.07 10.63
C3 MAN L . 12.92 -38.56 10.93
C4 MAN L . 12.60 -38.82 12.40
C5 MAN L . 11.25 -38.19 12.73
C6 MAN L . 10.89 -38.32 14.20
O2 MAN L . 13.91 -36.40 11.33
O3 MAN L . 14.21 -39.08 10.62
O4 MAN L . 12.53 -40.22 12.64
O5 MAN L . 11.28 -36.78 12.43
O6 MAN L . 9.60 -37.77 14.46
C1 MAN L . 14.05 -40.27 9.81
C2 MAN L . 15.38 -41.01 9.78
C3 MAN L . 16.41 -40.15 9.07
C4 MAN L . 15.91 -39.76 7.69
C5 MAN L . 14.55 -39.08 7.80
C6 MAN L . 13.94 -38.75 6.46
O2 MAN L . 15.22 -42.25 9.09
O3 MAN L . 17.64 -40.86 8.95
O4 MAN L . 16.83 -38.84 7.08
O5 MAN L . 13.63 -39.95 8.48
O6 MAN L . 14.80 -37.95 5.67
C1 MAN L . 5.86 -40.93 8.04
C2 MAN L . 5.13 -41.79 9.07
C3 MAN L . 5.92 -43.06 9.36
C4 MAN L . 6.24 -43.79 8.06
C5 MAN L . 6.93 -42.84 7.09
C6 MAN L . 7.19 -43.47 5.74
O2 MAN L . 3.83 -42.12 8.57
O3 MAN L . 5.16 -43.91 10.21
O4 MAN L . 7.10 -44.89 8.33
O5 MAN L . 6.09 -41.70 6.85
O6 MAN L . 7.85 -42.56 4.86
C1 PIO M . -34.91 -10.25 -46.41
O1 PIO M . -34.08 -10.31 -45.24
P1 PIO M . -34.75 -10.06 -43.80
C2 PIO M . -35.31 -11.66 -46.82
O2 PIO M . -34.14 -12.44 -47.09
C3 PIO M . -36.19 -11.61 -48.06
O3 PIO M . -36.51 -12.93 -48.48
C4 PIO M . -35.49 -10.86 -49.17
O4 PIO M . -36.38 -10.76 -50.31
P4 PIO M . -36.73 -11.78 -51.49
C5 PIO M . -35.09 -9.47 -48.73
O5 PIO M . -34.41 -8.79 -49.81
P5 PIO M . -35.10 -7.84 -50.92
C6 PIO M . -34.16 -9.54 -47.52
O6 PIO M . -33.79 -8.23 -47.11
O11 PIO M . -33.64 -9.87 -42.78
O12 PIO M . -35.74 -8.96 -43.86
O13 PIO M . -35.45 -11.44 -43.47
C1A PIO M . -37.44 -12.92 -40.64
O1A PIO M . -38.29 -13.10 -41.46
C1B PIO M . -34.13 -15.77 -40.19
O1B PIO M . -35.01 -16.58 -40.11
C1C PIO M . -34.74 -12.47 -42.76
C2A PIO M . -37.68 -12.51 -39.22
C2B PIO M . -32.97 -15.66 -39.25
C2C PIO M . -35.74 -13.47 -42.24
O2C PIO M . -36.13 -13.06 -40.89
C3A PIO M . -36.83 -13.29 -38.22
C3B PIO M . -33.35 -15.12 -37.88
C3C PIO M . -35.13 -14.85 -42.13
O3C PIO M . -34.08 -14.84 -41.15
O41 PIO M . -36.08 -13.11 -51.10
O42 PIO M . -36.23 -11.25 -52.79
O43 PIO M . -38.24 -11.97 -51.46
C4A PIO M . -36.91 -12.73 -36.82
C4B PIO M . -32.15 -14.97 -36.96
O51 PIO M . -34.60 -8.35 -52.26
O52 PIO M . -34.54 -6.44 -50.69
O53 PIO M . -36.58 -7.90 -50.78
C5A PIO M . -36.02 -13.48 -35.82
C5B PIO M . -32.45 -14.27 -35.64
C6A PIO M . -36.02 -12.87 -34.43
C6B PIO M . -31.20 -13.97 -34.82
C7A PIO M . -35.48 -11.45 -34.38
C7B PIO M . -31.47 -13.15 -33.57
C8A PIO M . -35.52 -10.86 -32.99
C8B PIO M . -30.20 -12.83 -32.79
CL CL N . -16.13 4.51 3.31
N ABU O . -10.08 15.24 26.09
CD ABU O . -10.03 13.78 26.18
CB ABU O . -11.32 13.20 26.72
CG ABU O . -11.30 11.68 26.81
C ABU O . -12.56 11.07 27.33
O ABU O . -12.52 9.84 27.42
OXT ABU O . -13.56 11.76 27.67
C1 NAG P . 33.22 25.95 2.44
C2 NAG P . 33.58 26.95 3.53
C3 NAG P . 34.94 27.58 3.22
C4 NAG P . 35.98 26.49 3.02
C5 NAG P . 35.51 25.48 1.98
C6 NAG P . 36.44 24.30 1.85
C7 NAG P . 32.18 28.84 2.75
C8 NAG P . 31.11 29.81 3.14
N2 NAG P . 32.56 27.97 3.70
O3 NAG P . 35.32 28.42 4.30
O4 NAG P . 37.21 27.07 2.60
O5 NAG P . 34.23 24.95 2.34
O6 NAG P . 35.92 23.31 0.96
O7 NAG P . 32.69 28.85 1.62
CL CL Q . 17.01 10.23 -10.28
C1 PIO R . 2.44 1.01 -61.38
O1 PIO R . 2.79 1.33 -60.01
P1 PIO R . 3.51 0.24 -59.10
C2 PIO R . 3.31 1.86 -62.31
O2 PIO R . 3.12 3.23 -62.03
C3 PIO R . 2.95 1.56 -63.76
O3 PIO R . 3.73 2.36 -64.62
C4 PIO R . 1.46 1.84 -63.97
O4 PIO R . 1.13 1.50 -65.34
P4 PIO R . 1.41 2.25 -66.73
C5 PIO R . 0.62 0.99 -63.03
O5 PIO R . -0.78 1.29 -63.26
P5 PIO R . -1.89 0.26 -63.81
C6 PIO R . 0.97 1.30 -61.58
O6 PIO R . 0.18 0.50 -60.71
O11 PIO R . 3.01 0.43 -57.68
O12 PIO R . 3.35 -1.12 -59.64
O13 PIO R . 5.05 0.69 -59.10
C1A PIO R . 8.73 0.76 -59.36
O1A PIO R . 9.17 1.14 -60.41
C1B PIO R . 8.49 4.39 -57.29
O1B PIO R . 9.37 4.87 -57.96
C1C PIO R . 5.39 2.09 -59.15
C2A PIO R . 9.38 -0.28 -58.49
C2B PIO R . 8.41 4.48 -55.79
C2C PIO R . 6.83 2.21 -59.56
O2C PIO R . 7.59 1.21 -58.81
C3A PIO R . 9.55 0.19 -57.04
C3B PIO R . 9.52 3.73 -55.07
C3C PIO R . 7.41 3.56 -59.23
O3C PIO R . 7.46 3.70 -57.79
O41 PIO R . 2.29 3.46 -66.37
O42 PIO R . 2.07 1.31 -67.68
O43 PIO R . 0.06 2.76 -67.22
C4A PIO R . 10.24 -0.85 -56.17
C4B PIO R . 9.36 3.77 -53.56
O51 PIO R . -2.29 -0.62 -62.61
O52 PIO R . -1.17 -0.65 -64.82
O53 PIO R . -3.03 1.00 -64.39
C5A PIO R . 10.40 -0.42 -54.73
C5B PIO R . 10.37 2.92 -52.80
C6A PIO R . 10.98 -1.50 -53.82
C6B PIO R . 10.11 2.85 -51.31
C7A PIO R . 11.05 -1.10 -52.36
C7B PIO R . 11.07 1.97 -50.54
C8A PIO R . 11.62 -2.18 -51.48
C8B PIO R . 10.71 1.83 -49.08
CL CL S . 13.52 -11.63 -8.33
N ABU T . 18.25 -22.34 14.19
CD ABU T . 19.05 -21.12 14.28
CB ABU T . 20.46 -21.31 13.74
CG ABU T . 21.30 -20.06 13.83
C ABU T . 22.70 -20.21 13.29
O ABU T . 23.38 -19.17 13.38
OXT ABU T . 23.14 -21.28 12.82
#